data_4TMR
#
_entry.id   4TMR
#
_cell.length_a   100.813
_cell.length_b   58.260
_cell.length_c   234.960
_cell.angle_alpha   90.00
_cell.angle_beta   90.01
_cell.angle_gamma   90.00
#
_symmetry.space_group_name_H-M   'C 1 2 1'
#
loop_
_entity.id
_entity.type
_entity.pdbx_description
1 polymer 'Serine hydroxymethyltransferase, putative'
2 non-polymer N-GLYCINE-[3-HYDROXY-2-METHYL-5-PHOSPHONOOXYMETHYL-PYRIDIN-4-YL-METHANE]
3 non-polymer 'methyl 5-{3-[(4S)-6-amino-5-cyano-3-methyl-4-(propan-2-yl)-2,4-dihydropyrano[2,3-c]pyrazol-4-yl]-5-cyanophenyl}thiophene-2-carboxylate'
4 non-polymer 'CHLORIDE ION'
5 water water
#
_entity_poly.entity_id   1
_entity_poly.type   'polypeptide(L)'
_entity_poly.pdbx_seq_one_letter_code
;MFNNEPLEQIDKELHDILADEEKRQRETINLIASENLTNGAVRECLGNRVSNKYSEGYPKKRYYGGNDFIDKIEELCQKR
ALEAFNVSDEEWGVNVQPLSGSAANVQALYALVGVKGKIMGMHLCSGGHLTHGFFDEKKKVSITSDMFESKLYKCNSQGY
VDLDAVREMALSFKPKVIICGYTSYPRDIDYQQFRQICDEVNAYLFADISHISSFVACNILNNPFLHADVVTTTTHKILR
GPRSALIFFNKKRNPGIEQKINSAVFPSFQGGPHNNKIAAVACQLKEVHSPAFKEYTQQVLLNSKALAKALISKQIDLVT
NGTDNHLIVVDLRKFSITGSKLQETCNAINVSLNKNTIPSDVDCVSPSGVRIGTPAMTTRGAKEKDMEFIADVLARAIKI
TVDLQEQYGKKLVDFKKGLPGNAQLQQLKQEVVTWAGALPFP
;
_entity_poly.pdbx_strand_id   A,B,C
#
loop_
_chem_comp.id
_chem_comp.type
_chem_comp.name
_chem_comp.formula
99S non-polymer 'methyl 5-{3-[(4S)-6-amino-5-cyano-3-methyl-4-(propan-2-yl)-2,4-dihydropyrano[2,3-c]pyrazol-4-yl]-5-cyanophenyl}thiophene-2-carboxylate' 'C24 H21 N5 O3 S'
CL non-polymer 'CHLORIDE ION' 'Cl -1'
PLG non-polymer N-GLYCINE-[3-HYDROXY-2-METHYL-5-PHOSPHONOOXYMETHYL-PYRIDIN-4-YL-METHANE] 'C10 H15 N2 O7 P'
#
# COMPACT_ATOMS: atom_id res chain seq x y z
N MET A 1 12.76 7.73 -16.64
CA MET A 1 13.01 7.25 -18.01
C MET A 1 11.91 7.80 -18.92
N PHE A 2 11.72 9.12 -18.83
CA PHE A 2 10.58 9.76 -19.45
C PHE A 2 10.98 10.87 -20.42
N ASN A 3 10.02 11.35 -21.21
CA ASN A 3 10.20 12.59 -22.00
C ASN A 3 9.57 13.78 -21.28
N ASN A 4 10.33 14.87 -21.18
CA ASN A 4 9.90 16.03 -20.38
C ASN A 4 9.72 17.32 -21.20
N GLU A 5 9.82 17.18 -22.52
CA GLU A 5 9.51 18.25 -23.46
C GLU A 5 8.08 18.79 -23.24
N PRO A 6 7.89 20.13 -23.30
CA PRO A 6 6.54 20.71 -23.14
C PRO A 6 5.59 20.26 -24.24
N LEU A 7 4.32 20.59 -24.09
CA LEU A 7 3.28 20.06 -24.98
C LEU A 7 3.48 20.51 -26.42
N GLU A 8 3.82 21.79 -26.61
CA GLU A 8 4.13 22.34 -27.96
C GLU A 8 5.14 21.49 -28.72
N GLN A 9 6.26 21.16 -28.09
CA GLN A 9 7.26 20.31 -28.74
C GLN A 9 6.81 18.85 -28.83
N ILE A 10 6.34 18.29 -27.71
CA ILE A 10 6.01 16.84 -27.60
C ILE A 10 4.91 16.35 -28.54
N ASP A 11 3.81 17.10 -28.64
CA ASP A 11 2.71 16.70 -29.53
C ASP A 11 2.13 17.92 -30.24
N LYS A 12 2.85 18.40 -31.24
CA LYS A 12 2.48 19.62 -31.96
C LYS A 12 1.10 19.49 -32.60
N GLU A 13 0.74 18.29 -33.02
CA GLU A 13 -0.59 18.06 -33.58
C GLU A 13 -1.70 18.45 -32.57
N LEU A 14 -1.56 18.00 -31.32
CA LEU A 14 -2.53 18.29 -30.26
C LEU A 14 -2.54 19.76 -29.83
N HIS A 15 -1.36 20.31 -29.58
CA HIS A 15 -1.26 21.69 -29.08
C HIS A 15 -1.92 22.66 -30.02
N ASP A 16 -1.86 22.36 -31.33
CA ASP A 16 -2.55 23.17 -32.35
C ASP A 16 -4.06 23.27 -32.05
N ILE A 17 -4.73 22.11 -32.07
CA ILE A 17 -6.17 22.03 -31.83
C ILE A 17 -6.60 22.65 -30.48
N LEU A 18 -5.75 22.49 -29.46
CA LEU A 18 -6.02 23.09 -28.16
C LEU A 18 -5.90 24.63 -28.20
N ALA A 19 -4.97 25.15 -28.99
CA ALA A 19 -4.88 26.60 -29.19
C ALA A 19 -6.01 27.10 -30.11
N ASP A 20 -6.49 26.22 -31.00
CA ASP A 20 -7.65 26.53 -31.82
C ASP A 20 -8.90 26.62 -30.95
N GLU A 21 -9.14 25.58 -30.15
CA GLU A 21 -10.20 25.58 -29.14
C GLU A 21 -10.17 26.84 -28.30
N GLU A 22 -8.99 27.23 -27.84
CA GLU A 22 -8.85 28.42 -27.03
C GLU A 22 -9.46 29.63 -27.75
N LYS A 23 -8.98 29.85 -28.99
CA LYS A 23 -9.47 30.93 -29.87
C LYS A 23 -11.02 30.83 -30.07
N ARG A 24 -11.52 29.64 -30.39
CA ARG A 24 -12.96 29.47 -30.55
C ARG A 24 -13.70 29.89 -29.28
N GLN A 25 -13.19 29.49 -28.12
CA GLN A 25 -13.82 29.82 -26.86
C GLN A 25 -13.75 31.30 -26.57
N ARG A 26 -12.61 31.88 -26.92
CA ARG A 26 -12.32 33.30 -26.73
C ARG A 26 -13.17 34.18 -27.64
N GLU A 27 -13.57 33.63 -28.78
CA GLU A 27 -14.24 34.41 -29.79
C GLU A 27 -15.69 33.98 -29.96
N THR A 28 -16.30 33.55 -28.86
CA THR A 28 -17.67 33.05 -28.91
C THR A 28 -18.53 33.71 -27.87
N ILE A 29 -19.74 34.08 -28.27
CA ILE A 29 -20.81 34.36 -27.29
C ILE A 29 -21.40 33.01 -26.86
N ASN A 30 -20.97 32.56 -25.67
CA ASN A 30 -21.29 31.24 -25.17
C ASN A 30 -22.55 31.29 -24.31
N LEU A 31 -23.67 30.84 -24.88
CA LEU A 31 -24.94 30.82 -24.18
C LEU A 31 -25.36 29.45 -23.65
N ILE A 32 -24.47 28.46 -23.62
CA ILE A 32 -24.79 27.17 -22.98
C ILE A 32 -24.96 27.33 -21.47
N ALA A 33 -26.16 27.05 -20.98
CA ALA A 33 -26.53 27.32 -19.60
C ALA A 33 -25.69 26.51 -18.63
N SER A 34 -25.29 25.31 -19.07
CA SER A 34 -24.46 24.39 -18.30
C SER A 34 -22.97 24.67 -18.35
N GLU A 35 -22.55 25.61 -19.18
CA GLU A 35 -21.12 25.92 -19.28
C GLU A 35 -20.69 27.09 -18.42
N ASN A 36 -19.38 27.16 -18.20
CA ASN A 36 -18.73 28.28 -17.54
C ASN A 36 -17.27 28.32 -17.96
N LEU A 37 -16.47 29.14 -17.29
CA LEU A 37 -15.03 29.21 -17.52
C LEU A 37 -14.30 29.19 -16.20
N THR A 38 -13.40 28.24 -16.02
CA THR A 38 -12.60 28.15 -14.81
C THR A 38 -11.46 29.13 -14.90
N ASN A 39 -10.98 29.56 -13.74
CA ASN A 39 -9.77 30.39 -13.66
C ASN A 39 -8.52 29.54 -13.79
N GLY A 40 -7.37 30.19 -13.74
CA GLY A 40 -6.07 29.50 -13.86
C GLY A 40 -5.75 28.69 -12.62
N ALA A 41 -6.29 29.10 -11.47
CA ALA A 41 -6.03 28.44 -10.19
C ALA A 41 -6.65 27.05 -10.16
N VAL A 42 -7.86 26.93 -10.71
CA VAL A 42 -8.54 25.65 -10.77
C VAL A 42 -7.83 24.74 -11.76
N ARG A 43 -7.43 25.27 -12.91
CA ARG A 43 -6.70 24.46 -13.89
C ARG A 43 -5.29 24.04 -13.41
N GLU A 44 -4.72 24.80 -12.49
CA GLU A 44 -3.43 24.44 -11.89
C GLU A 44 -3.58 23.26 -10.96
N CYS A 45 -4.78 23.09 -10.41
CA CYS A 45 -5.12 21.94 -9.57
C CYS A 45 -5.31 20.69 -10.40
N LEU A 46 -6.20 20.79 -11.39
CA LEU A 46 -6.43 19.73 -12.37
C LEU A 46 -5.16 19.31 -13.08
N GLY A 47 -4.14 20.17 -13.06
CA GLY A 47 -2.85 19.83 -13.67
C GLY A 47 -1.83 19.36 -12.65
N ASN A 48 -2.24 19.24 -11.38
CA ASN A 48 -1.33 18.95 -10.28
C ASN A 48 -0.95 17.47 -10.17
N ARG A 49 0.24 17.17 -9.62
CA ARG A 49 0.70 15.77 -9.46
C ARG A 49 -0.08 14.99 -8.39
N VAL A 50 -1.00 15.68 -7.73
CA VAL A 50 -1.77 15.05 -6.69
C VAL A 50 -2.60 13.88 -7.25
N SER A 51 -2.62 13.77 -8.58
CA SER A 51 -3.45 12.79 -9.29
C SER A 51 -2.66 11.52 -9.61
N ASN A 52 -1.40 11.49 -9.19
CA ASN A 52 -0.58 10.28 -9.21
C ASN A 52 -1.02 9.25 -8.17
N LYS A 53 -1.94 9.64 -7.30
CA LYS A 53 -2.14 8.91 -6.05
C LYS A 53 -3.40 8.10 -6.07
N TYR A 54 -3.24 6.80 -5.90
CA TYR A 54 -4.35 5.92 -5.57
C TYR A 54 -4.66 6.05 -4.10
N SER A 55 -5.89 6.43 -3.80
CA SER A 55 -6.26 6.69 -2.42
C SER A 55 -7.66 6.21 -2.18
N GLU A 56 -7.90 4.94 -2.52
CA GLU A 56 -9.22 4.30 -2.33
C GLU A 56 -9.69 4.31 -0.88
N GLY A 57 -10.98 4.52 -0.69
CA GLY A 57 -11.55 4.60 0.65
C GLY A 57 -11.83 6.03 1.07
N TYR A 58 -11.64 6.32 2.35
CA TYR A 58 -11.95 7.63 2.88
C TYR A 58 -10.83 8.12 3.77
N PRO A 59 -10.81 9.44 4.09
CA PRO A 59 -9.70 9.95 4.92
C PRO A 59 -9.70 9.27 6.30
N LYS A 60 -8.51 8.83 6.74
CA LYS A 60 -8.34 8.06 7.99
C LYS A 60 -8.85 6.59 7.89
N LYS A 61 -9.32 6.20 6.71
CA LYS A 61 -9.91 4.87 6.48
C LYS A 61 -9.51 4.43 5.08
N ARG A 62 -8.25 4.69 4.75
CA ARG A 62 -7.69 4.42 3.44
C ARG A 62 -7.41 2.95 3.39
N TYR A 63 -7.04 2.46 2.21
CA TYR A 63 -6.57 1.09 2.10
C TYR A 63 -5.09 1.15 2.12
N TYR A 64 -4.56 2.23 1.58
CA TYR A 64 -3.15 2.50 1.66
C TYR A 64 -2.89 3.67 2.57
N GLY A 65 -1.69 3.72 3.14
CA GLY A 65 -1.15 4.95 3.70
C GLY A 65 -0.28 5.63 2.66
N GLY A 66 0.32 6.75 3.06
CA GLY A 66 1.06 7.59 2.13
C GLY A 66 0.07 8.62 1.64
N ASN A 67 -1.08 8.63 2.30
CA ASN A 67 -2.21 9.45 1.95
C ASN A 67 -2.36 10.55 2.98
N ASP A 68 -1.23 10.87 3.61
CA ASP A 68 -1.20 11.91 4.63
C ASP A 68 -1.68 13.23 4.08
N PHE A 69 -1.05 13.69 3.01
CA PHE A 69 -1.44 14.95 2.39
C PHE A 69 -2.73 14.86 1.57
N ILE A 70 -3.02 13.70 0.98
CA ILE A 70 -4.32 13.50 0.28
C ILE A 70 -5.49 13.61 1.25
N ASP A 71 -5.36 13.00 2.44
CA ASP A 71 -6.43 13.05 3.44
C ASP A 71 -6.76 14.48 3.79
N LYS A 72 -5.71 15.29 3.95
CA LYS A 72 -5.91 16.70 4.31
C LYS A 72 -6.75 17.40 3.26
N ILE A 73 -6.40 17.15 1.98
CA ILE A 73 -7.10 17.75 0.85
C ILE A 73 -8.55 17.31 0.74
N GLU A 74 -8.81 16.02 0.89
CA GLU A 74 -10.19 15.56 0.87
C GLU A 74 -10.99 16.19 2.00
N GLU A 75 -10.34 16.42 3.15
CA GLU A 75 -11.03 16.96 4.33
C GLU A 75 -11.33 18.44 4.19
N LEU A 76 -10.32 19.17 3.74
CA LEU A 76 -10.50 20.57 3.36
C LEU A 76 -11.63 20.76 2.35
N CYS A 77 -11.69 19.90 1.34
CA CYS A 77 -12.77 19.95 0.35
C CYS A 77 -14.14 19.74 0.98
N GLN A 78 -14.27 18.75 1.86
CA GLN A 78 -15.54 18.53 2.58
C GLN A 78 -15.83 19.69 3.53
N LYS A 79 -14.81 20.20 4.22
CA LYS A 79 -14.99 21.33 5.12
C LYS A 79 -15.66 22.47 4.36
N ARG A 80 -15.08 22.81 3.21
CA ARG A 80 -15.52 23.95 2.39
C ARG A 80 -16.90 23.80 1.72
N ALA A 81 -17.29 22.57 1.38
CA ALA A 81 -18.57 22.33 0.70
C ALA A 81 -19.74 22.65 1.58
N LEU A 82 -19.63 22.21 2.83
CA LEU A 82 -20.69 22.34 3.80
C LEU A 82 -20.67 23.78 4.31
N GLU A 83 -19.47 24.32 4.47
CA GLU A 83 -19.31 25.73 4.76
C GLU A 83 -20.07 26.55 3.73
N ALA A 84 -19.80 26.28 2.44
CA ALA A 84 -20.30 27.09 1.32
C ALA A 84 -21.79 26.95 1.08
N PHE A 85 -22.38 25.85 1.54
CA PHE A 85 -23.80 25.68 1.37
C PHE A 85 -24.54 25.96 2.66
N ASN A 86 -23.81 26.57 3.60
CA ASN A 86 -24.39 26.94 4.90
C ASN A 86 -25.17 25.78 5.52
N VAL A 87 -24.47 24.69 5.76
CA VAL A 87 -25.04 23.56 6.46
C VAL A 87 -24.08 23.16 7.58
N SER A 88 -24.65 22.67 8.67
CA SER A 88 -23.82 22.35 9.83
C SER A 88 -23.25 20.97 9.59
N ASP A 89 -21.93 20.87 9.74
CA ASP A 89 -21.23 19.61 9.49
C ASP A 89 -21.59 18.56 10.54
N GLU A 90 -22.50 18.94 11.44
CA GLU A 90 -23.05 17.99 12.40
C GLU A 90 -24.38 17.42 11.92
N GLU A 91 -25.08 18.16 11.04
CA GLU A 91 -26.40 17.75 10.51
C GLU A 91 -26.33 17.16 9.09
N TRP A 92 -25.25 17.52 8.39
CA TRP A 92 -25.09 17.21 6.96
C TRP A 92 -23.77 16.61 6.68
N GLY A 93 -23.76 15.53 5.91
CA GLY A 93 -22.52 15.06 5.31
C GLY A 93 -22.39 15.36 3.81
N VAL A 94 -21.15 15.32 3.33
CA VAL A 94 -20.87 15.48 1.90
C VAL A 94 -19.88 14.45 1.35
N ASN A 95 -20.24 13.84 0.22
CA ASN A 95 -19.25 13.05 -0.56
C ASN A 95 -18.62 13.84 -1.74
N VAL A 96 -17.29 13.89 -1.77
CA VAL A 96 -16.56 14.74 -2.70
C VAL A 96 -15.75 13.93 -3.72
N GLN A 97 -16.08 12.65 -3.85
CA GLN A 97 -15.38 11.75 -4.77
C GLN A 97 -16.09 11.43 -6.09
N PRO A 98 -17.42 11.70 -6.20
CA PRO A 98 -18.11 11.47 -7.48
C PRO A 98 -17.45 12.17 -8.67
N LEU A 99 -17.30 11.43 -9.77
CA LEU A 99 -16.52 11.96 -10.90
C LEU A 99 -17.23 12.98 -11.78
N SER A 100 -18.56 12.90 -11.85
CA SER A 100 -19.39 13.84 -12.59
C SER A 100 -20.85 13.74 -12.11
N GLY A 101 -21.68 14.71 -12.51
CA GLY A 101 -23.06 14.77 -12.05
C GLY A 101 -23.84 13.50 -12.29
N SER A 102 -23.58 12.85 -13.42
CA SER A 102 -24.32 11.65 -13.78
C SER A 102 -23.93 10.48 -12.86
N ALA A 103 -22.65 10.38 -12.52
CA ALA A 103 -22.20 9.35 -11.59
C ALA A 103 -22.78 9.55 -10.19
N ALA A 104 -22.71 10.80 -9.68
CA ALA A 104 -23.26 11.17 -8.38
C ALA A 104 -24.74 10.82 -8.23
N ASN A 105 -25.56 11.27 -9.19
CA ASN A 105 -26.97 10.90 -9.17
C ASN A 105 -27.18 9.38 -9.12
N VAL A 106 -26.56 8.63 -10.05
CA VAL A 106 -26.72 7.15 -10.05
C VAL A 106 -26.33 6.56 -8.70
N GLN A 107 -25.17 6.99 -8.18
CA GLN A 107 -24.66 6.55 -6.89
C GLN A 107 -25.66 6.87 -5.78
N ALA A 108 -25.96 8.16 -5.56
CA ALA A 108 -26.92 8.56 -4.55
C ALA A 108 -28.29 7.85 -4.66
N LEU A 109 -28.79 7.69 -5.88
CA LEU A 109 -30.06 7.00 -6.07
C LEU A 109 -29.95 5.56 -5.60
N TYR A 110 -28.85 4.90 -5.94
CA TYR A 110 -28.67 3.51 -5.56
C TYR A 110 -28.62 3.37 -4.04
N ALA A 111 -27.89 4.26 -3.40
CA ALA A 111 -27.83 4.28 -1.95
C ALA A 111 -29.24 4.27 -1.33
N LEU A 112 -30.07 5.21 -1.73
CA LEU A 112 -31.41 5.33 -1.16
C LEU A 112 -32.32 4.15 -1.44
N VAL A 113 -32.28 3.61 -2.66
CA VAL A 113 -33.29 2.65 -3.06
C VAL A 113 -32.73 1.26 -3.41
N GLY A 114 -31.60 1.22 -4.08
CA GLY A 114 -31.05 -0.05 -4.56
C GLY A 114 -31.72 -0.56 -5.81
N VAL A 115 -31.22 -1.68 -6.32
CA VAL A 115 -31.72 -2.26 -7.57
C VAL A 115 -33.20 -2.57 -7.49
N LYS A 116 -33.88 -2.41 -8.64
CA LYS A 116 -35.34 -2.53 -8.74
C LYS A 116 -36.01 -1.37 -8.00
N GLY A 117 -35.19 -0.54 -7.33
CA GLY A 117 -35.65 0.68 -6.65
C GLY A 117 -36.62 1.56 -7.43
N LYS A 118 -37.55 2.17 -6.71
CA LYS A 118 -38.61 2.99 -7.31
C LYS A 118 -38.30 4.46 -7.18
N ILE A 119 -38.25 5.15 -8.32
CA ILE A 119 -37.92 6.57 -8.34
C ILE A 119 -38.87 7.40 -9.22
N MET A 120 -39.02 8.66 -8.83
CA MET A 120 -39.80 9.63 -9.59
C MET A 120 -38.93 10.82 -9.92
N GLY A 121 -38.94 11.17 -11.21
CA GLY A 121 -38.20 12.34 -11.66
C GLY A 121 -38.99 13.04 -12.74
N MET A 122 -38.57 14.27 -13.06
CA MET A 122 -39.15 15.00 -14.19
C MET A 122 -38.63 14.46 -15.51
N HIS A 123 -39.54 14.35 -16.47
CA HIS A 123 -39.26 13.93 -17.83
C HIS A 123 -38.27 14.86 -18.52
N LEU A 124 -37.46 14.27 -19.41
CA LEU A 124 -36.45 15.02 -20.15
C LEU A 124 -37.04 16.20 -20.90
N CYS A 125 -38.07 15.91 -21.70
CA CYS A 125 -38.81 16.89 -22.50
C CYS A 125 -39.37 18.04 -21.69
N SER A 126 -39.49 17.86 -20.36
CA SER A 126 -40.05 18.89 -19.50
C SER A 126 -39.00 19.68 -18.73
N GLY A 127 -37.74 19.27 -18.86
CA GLY A 127 -36.64 19.97 -18.18
C GLY A 127 -35.85 19.10 -17.21
N GLY A 128 -36.25 17.84 -17.07
CA GLY A 128 -35.51 16.86 -16.26
C GLY A 128 -34.25 16.34 -16.93
N HIS A 129 -33.35 15.74 -16.14
CA HIS A 129 -32.11 15.19 -16.66
C HIS A 129 -32.29 13.76 -17.00
N LEU A 130 -31.37 13.23 -17.80
CA LEU A 130 -31.34 11.81 -18.16
C LEU A 130 -31.29 10.92 -16.93
N THR A 131 -30.41 11.27 -15.97
CA THR A 131 -30.21 10.48 -14.76
C THR A 131 -31.38 10.55 -13.78
N HIS A 132 -32.47 11.19 -14.15
CA HIS A 132 -33.63 11.25 -13.29
C HIS A 132 -34.62 10.23 -13.68
N GLY A 133 -34.19 9.20 -14.39
CA GLY A 133 -35.06 8.09 -14.69
C GLY A 133 -35.63 8.10 -16.09
N PHE A 134 -34.88 8.67 -17.03
CA PHE A 134 -35.40 8.85 -18.38
C PHE A 134 -35.50 7.56 -19.20
N PHE A 135 -36.69 7.35 -19.76
CA PHE A 135 -36.87 6.35 -20.81
C PHE A 135 -37.79 6.86 -21.92
N ASP A 136 -37.62 6.27 -23.10
CA ASP A 136 -38.53 6.34 -24.24
C ASP A 136 -39.34 5.04 -24.12
N GLU A 137 -40.38 4.84 -24.95
CA GLU A 137 -41.06 3.54 -24.95
C GLU A 137 -40.10 2.40 -25.34
N LYS A 138 -39.50 2.54 -26.52
CA LYS A 138 -38.59 1.55 -27.11
C LYS A 138 -37.35 1.19 -26.28
N LYS A 139 -36.78 2.14 -25.55
CA LYS A 139 -35.59 1.83 -24.78
C LYS A 139 -35.55 2.57 -23.46
N LYS A 140 -34.91 1.91 -22.49
CA LYS A 140 -34.60 2.52 -21.22
C LYS A 140 -33.30 3.28 -21.41
N VAL A 141 -33.36 4.42 -21.90
CA VAL A 141 -32.31 5.31 -22.30
C VAL A 141 -31.25 5.56 -21.23
N SER A 142 -31.69 5.85 -20.03
CA SER A 142 -30.77 6.02 -18.91
C SER A 142 -30.77 4.77 -18.06
N ILE A 143 -29.62 4.43 -17.48
CA ILE A 143 -29.55 3.35 -16.50
C ILE A 143 -30.59 3.59 -15.40
N THR A 144 -30.89 4.85 -15.13
CA THR A 144 -31.80 5.24 -14.07
C THR A 144 -33.22 4.74 -14.31
N SER A 145 -33.55 4.48 -15.57
CA SER A 145 -34.87 3.90 -15.88
C SER A 145 -34.77 2.38 -15.95
N ASP A 146 -33.54 1.86 -15.86
CA ASP A 146 -33.30 0.44 -16.04
C ASP A 146 -32.89 -0.32 -14.78
N MET A 147 -31.90 0.18 -14.07
CA MET A 147 -31.53 -0.46 -12.81
C MET A 147 -32.55 -0.09 -11.73
N PHE A 148 -33.38 0.90 -12.04
CA PHE A 148 -34.47 1.34 -11.19
C PHE A 148 -35.81 1.24 -11.92
N GLU A 149 -36.90 1.29 -11.18
CA GLU A 149 -38.21 1.41 -11.79
C GLU A 149 -38.61 2.88 -11.66
N SER A 150 -38.87 3.52 -12.80
CA SER A 150 -39.00 4.97 -12.82
C SER A 150 -40.29 5.43 -13.44
N LYS A 151 -40.92 6.40 -12.80
CA LYS A 151 -42.06 7.07 -13.39
C LYS A 151 -41.71 8.55 -13.58
N LEU A 152 -42.29 9.20 -14.59
CA LEU A 152 -41.87 10.57 -14.94
C LEU A 152 -43.02 11.54 -14.95
N TYR A 153 -42.87 12.65 -14.24
CA TYR A 153 -43.90 13.67 -14.25
C TYR A 153 -43.56 14.78 -15.24
N LYS A 154 -44.58 15.36 -15.86
CA LYS A 154 -44.41 16.44 -16.83
C LYS A 154 -44.76 17.77 -16.19
N CYS A 155 -44.39 18.86 -16.86
CA CYS A 155 -44.82 20.20 -16.48
C CYS A 155 -46.12 20.46 -17.23
N ASN A 156 -46.89 21.46 -16.79
CA ASN A 156 -48.15 21.85 -17.45
C ASN A 156 -47.91 22.58 -18.77
N SER A 157 -48.97 22.81 -19.55
CA SER A 157 -48.87 23.49 -20.84
C SER A 157 -48.11 24.81 -20.74
N GLN A 158 -48.18 25.48 -19.59
CA GLN A 158 -47.47 26.76 -19.40
C GLN A 158 -46.02 26.62 -18.93
N GLY A 159 -45.50 25.39 -18.94
CA GLY A 159 -44.10 25.10 -18.62
C GLY A 159 -43.73 25.03 -17.15
N TYR A 160 -44.71 24.95 -16.27
CA TYR A 160 -44.45 24.93 -14.84
C TYR A 160 -44.65 23.53 -14.25
N VAL A 161 -43.90 23.19 -13.20
CA VAL A 161 -44.08 21.94 -12.47
C VAL A 161 -45.53 21.88 -11.97
N ASP A 162 -46.23 20.79 -12.26
CA ASP A 162 -47.58 20.59 -11.72
C ASP A 162 -47.55 19.65 -10.51
N LEU A 163 -47.46 20.25 -9.34
CA LEU A 163 -47.39 19.52 -8.07
C LEU A 163 -48.58 18.58 -7.88
N ASP A 164 -49.73 18.97 -8.43
CA ASP A 164 -50.91 18.12 -8.50
C ASP A 164 -50.61 16.77 -9.18
N ALA A 165 -50.05 16.81 -10.39
CA ALA A 165 -49.74 15.60 -11.12
C ALA A 165 -48.73 14.73 -10.36
N VAL A 166 -47.76 15.38 -9.71
CA VAL A 166 -46.79 14.67 -8.85
C VAL A 166 -47.53 13.89 -7.76
N ARG A 167 -48.48 14.53 -7.07
CA ARG A 167 -49.30 13.88 -6.05
C ARG A 167 -50.03 12.67 -6.62
N GLU A 168 -50.77 12.89 -7.71
CA GLU A 168 -51.47 11.83 -8.41
C GLU A 168 -50.52 10.68 -8.67
N MET A 169 -49.30 11.03 -9.07
CA MET A 169 -48.30 10.02 -9.36
C MET A 169 -47.73 9.42 -8.09
N ALA A 170 -47.25 10.26 -7.20
CA ALA A 170 -46.58 9.77 -6.00
C ALA A 170 -47.43 8.83 -5.13
N LEU A 171 -48.69 9.21 -4.88
CA LEU A 171 -49.60 8.41 -4.07
C LEU A 171 -49.95 7.09 -4.73
N SER A 172 -50.24 7.10 -6.03
CA SER A 172 -50.58 5.85 -6.66
C SER A 172 -49.35 4.95 -6.87
N PHE A 173 -48.35 5.45 -7.62
CA PHE A 173 -47.10 4.74 -7.88
C PHE A 173 -46.23 4.49 -6.61
N LYS A 174 -46.27 5.40 -5.64
CA LYS A 174 -45.65 5.15 -4.32
C LYS A 174 -44.12 4.88 -4.32
N PRO A 175 -43.31 5.81 -4.84
CA PRO A 175 -41.86 5.62 -4.98
C PRO A 175 -41.09 5.81 -3.68
N LYS A 176 -39.83 5.36 -3.64
CA LYS A 176 -38.97 5.63 -2.47
C LYS A 176 -38.15 6.92 -2.57
N VAL A 177 -38.02 7.46 -3.78
CA VAL A 177 -37.33 8.75 -3.98
C VAL A 177 -38.16 9.59 -4.94
N ILE A 178 -38.29 10.88 -4.64
CA ILE A 178 -38.77 11.80 -5.64
C ILE A 178 -37.68 12.83 -5.91
N ILE A 179 -37.34 12.99 -7.19
CA ILE A 179 -36.27 13.91 -7.60
C ILE A 179 -36.83 15.25 -8.06
N CYS A 180 -36.25 16.32 -7.55
CA CYS A 180 -36.58 17.64 -8.04
C CYS A 180 -35.25 18.32 -8.29
N GLY A 181 -35.28 19.41 -9.05
CA GLY A 181 -34.05 20.09 -9.49
C GLY A 181 -33.73 19.63 -10.90
N TYR A 182 -33.63 20.55 -11.84
CA TYR A 182 -33.74 20.15 -13.24
C TYR A 182 -32.65 20.67 -14.13
N THR A 183 -32.62 20.19 -15.37
CA THR A 183 -31.56 20.59 -16.28
C THR A 183 -31.88 21.83 -17.12
N SER A 184 -33.12 21.96 -17.59
CA SER A 184 -33.54 23.19 -18.27
C SER A 184 -34.84 23.73 -17.71
N TYR A 185 -34.78 24.20 -16.46
CA TYR A 185 -35.95 24.77 -15.82
C TYR A 185 -35.66 26.22 -15.45
N PRO A 186 -36.44 27.16 -16.01
CA PRO A 186 -36.26 28.61 -15.88
C PRO A 186 -36.81 29.21 -14.58
N ARG A 187 -37.60 28.44 -13.84
CA ARG A 187 -38.21 28.94 -12.60
C ARG A 187 -37.68 28.26 -11.35
N ASP A 188 -37.88 28.94 -10.22
CA ASP A 188 -37.48 28.39 -8.93
C ASP A 188 -38.39 27.21 -8.55
N ILE A 189 -37.97 26.46 -7.53
CA ILE A 189 -38.65 25.24 -7.14
C ILE A 189 -39.30 25.37 -5.77
N ASP A 190 -40.54 24.90 -5.68
CA ASP A 190 -41.18 24.77 -4.38
C ASP A 190 -40.82 23.45 -3.67
N TYR A 191 -39.66 23.44 -3.01
CA TYR A 191 -39.16 22.26 -2.35
C TYR A 191 -40.08 21.82 -1.24
N GLN A 192 -40.49 22.80 -0.43
CA GLN A 192 -41.37 22.53 0.69
C GLN A 192 -42.58 21.69 0.28
N GLN A 193 -43.23 22.03 -0.84
CA GLN A 193 -44.33 21.22 -1.34
C GLN A 193 -43.88 19.84 -1.81
N PHE A 194 -42.61 19.72 -2.21
CA PHE A 194 -42.07 18.39 -2.51
C PHE A 194 -41.95 17.59 -1.21
N ARG A 195 -41.32 18.20 -0.21
CA ARG A 195 -41.26 17.64 1.12
C ARG A 195 -42.64 17.22 1.64
N GLN A 196 -43.64 18.07 1.44
CA GLN A 196 -45.04 17.74 1.74
C GLN A 196 -45.53 16.47 1.02
N ILE A 197 -45.10 16.25 -0.23
CA ILE A 197 -45.57 15.06 -0.96
C ILE A 197 -44.78 13.81 -0.57
N CYS A 198 -43.52 14.03 -0.24
CA CYS A 198 -42.65 12.92 0.10
C CYS A 198 -43.08 12.32 1.43
N ASP A 199 -43.22 13.15 2.47
CA ASP A 199 -43.81 12.76 3.77
C ASP A 199 -45.10 11.93 3.62
N GLU A 200 -46.01 12.42 2.79
CA GLU A 200 -47.32 11.81 2.60
C GLU A 200 -47.21 10.37 2.13
N VAL A 201 -46.08 10.02 1.51
CA VAL A 201 -45.91 8.71 0.86
C VAL A 201 -44.64 8.01 1.36
N ASN A 202 -44.00 8.61 2.36
CA ASN A 202 -42.73 8.11 2.96
C ASN A 202 -41.52 8.01 2.00
N ALA A 203 -41.49 8.91 1.01
CA ALA A 203 -40.38 8.94 0.04
C ALA A 203 -39.26 9.85 0.50
N TYR A 204 -38.04 9.54 0.05
CA TYR A 204 -36.92 10.45 0.21
C TYR A 204 -37.08 11.65 -0.76
N LEU A 205 -36.58 12.81 -0.35
CA LEU A 205 -36.51 13.99 -1.21
C LEU A 205 -35.11 14.18 -1.74
N PHE A 206 -35.00 14.11 -3.07
CA PHE A 206 -33.75 14.28 -3.81
C PHE A 206 -33.82 15.61 -4.56
N ALA A 207 -32.90 16.51 -4.24
CA ALA A 207 -32.78 17.78 -4.94
C ALA A 207 -31.46 17.89 -5.72
N ASP A 208 -31.55 17.85 -7.04
CA ASP A 208 -30.38 18.01 -7.89
C ASP A 208 -30.35 19.45 -8.36
N ILE A 209 -29.44 20.22 -7.77
CA ILE A 209 -29.36 21.66 -7.92
C ILE A 209 -28.18 22.10 -8.81
N SER A 210 -27.77 21.22 -9.73
CA SER A 210 -26.58 21.40 -10.57
C SER A 210 -26.60 22.70 -11.38
N HIS A 211 -27.76 23.10 -11.87
CA HIS A 211 -27.86 24.32 -12.64
C HIS A 211 -27.86 25.56 -11.80
N ILE A 212 -28.40 25.46 -10.58
CA ILE A 212 -28.71 26.61 -9.75
C ILE A 212 -27.90 26.68 -8.45
N SER A 213 -26.85 25.86 -8.36
CA SER A 213 -26.09 25.68 -7.11
C SER A 213 -25.68 26.99 -6.43
N SER A 214 -25.07 27.88 -7.20
CA SER A 214 -24.62 29.16 -6.68
C SER A 214 -25.74 30.01 -6.11
N PHE A 215 -26.91 29.95 -6.72
CA PHE A 215 -28.04 30.70 -6.21
C PHE A 215 -28.35 30.21 -4.82
N VAL A 216 -28.54 28.89 -4.70
CA VAL A 216 -28.80 28.21 -3.45
C VAL A 216 -27.71 28.54 -2.43
N ALA A 217 -26.46 28.49 -2.85
CA ALA A 217 -25.39 28.85 -1.95
C ALA A 217 -25.56 30.29 -1.47
N CYS A 218 -25.73 31.22 -2.40
CA CYS A 218 -25.65 32.65 -2.10
C CYS A 218 -26.98 33.23 -1.62
N ASN A 219 -27.89 32.33 -1.28
CA ASN A 219 -29.19 32.69 -0.71
C ASN A 219 -30.01 33.63 -1.57
N ILE A 220 -29.80 33.50 -2.88
CA ILE A 220 -30.53 34.25 -3.88
C ILE A 220 -31.80 33.51 -4.27
N LEU A 221 -31.81 32.19 -4.10
CA LEU A 221 -32.97 31.36 -4.43
C LEU A 221 -33.38 30.43 -3.26
N ASN A 222 -34.50 29.73 -3.41
CA ASN A 222 -34.97 28.77 -2.41
C ASN A 222 -33.87 27.82 -1.93
N ASN A 223 -33.96 27.42 -0.67
CA ASN A 223 -33.00 26.49 -0.11
C ASN A 223 -33.55 25.09 -0.02
N PRO A 224 -32.98 24.16 -0.79
CA PRO A 224 -33.45 22.79 -0.71
C PRO A 224 -32.96 22.07 0.57
N PHE A 225 -31.86 22.55 1.16
CA PHE A 225 -31.28 21.94 2.34
C PHE A 225 -32.25 21.91 3.51
N LEU A 226 -33.12 22.91 3.56
CA LEU A 226 -34.15 22.96 4.57
C LEU A 226 -35.15 21.81 4.47
N HIS A 227 -35.30 21.19 3.30
CA HIS A 227 -36.33 20.16 3.14
C HIS A 227 -35.90 18.83 2.56
N ALA A 228 -34.64 18.69 2.16
CA ALA A 228 -34.25 17.51 1.38
C ALA A 228 -33.33 16.56 2.10
N ASP A 229 -33.56 15.25 1.93
CA ASP A 229 -32.64 14.26 2.46
C ASP A 229 -31.34 14.18 1.69
N VAL A 230 -31.39 14.17 0.35
CA VAL A 230 -30.16 14.23 -0.44
C VAL A 230 -30.15 15.45 -1.38
N VAL A 231 -28.97 16.01 -1.57
CA VAL A 231 -28.78 17.07 -2.53
C VAL A 231 -27.51 16.79 -3.30
N THR A 232 -27.64 16.66 -4.63
CA THR A 232 -26.49 16.56 -5.53
C THR A 232 -26.28 17.83 -6.34
N THR A 233 -25.02 18.15 -6.55
CA THR A 233 -24.65 19.20 -7.50
C THR A 233 -23.39 18.83 -8.27
N THR A 234 -23.32 19.29 -9.50
CA THR A 234 -22.10 19.29 -10.28
C THR A 234 -21.32 20.53 -9.89
N THR A 235 -20.02 20.55 -10.19
CA THR A 235 -19.18 21.67 -9.77
C THR A 235 -18.75 22.58 -10.92
N HIS A 236 -19.02 22.16 -12.15
CA HIS A 236 -18.48 22.81 -13.36
C HIS A 236 -19.42 23.79 -13.98
N LYS A 237 -20.64 23.89 -13.47
CA LYS A 237 -21.58 24.81 -14.09
C LYS A 237 -21.55 26.21 -13.45
N ILE A 238 -22.68 26.64 -12.90
CA ILE A 238 -22.79 27.99 -12.34
C ILE A 238 -21.80 28.21 -11.21
N LEU A 239 -21.49 27.15 -10.48
CA LEU A 239 -20.46 27.16 -9.43
C LEU A 239 -19.06 27.43 -9.97
N ARG A 240 -18.90 27.37 -11.29
CA ARG A 240 -17.63 27.69 -11.94
C ARG A 240 -16.49 26.90 -11.34
N GLY A 241 -16.72 25.62 -11.13
CA GLY A 241 -15.67 24.73 -10.66
C GLY A 241 -15.20 23.82 -11.76
N PRO A 242 -14.46 22.78 -11.40
CA PRO A 242 -14.00 21.77 -12.31
C PRO A 242 -15.12 20.80 -12.57
N ARG A 243 -14.89 19.84 -13.46
CA ARG A 243 -15.91 18.86 -13.73
C ARG A 243 -15.86 17.78 -12.68
N SER A 244 -16.90 17.75 -11.85
CA SER A 244 -16.99 16.86 -10.71
C SER A 244 -18.35 16.98 -10.11
N ALA A 245 -18.61 16.20 -9.06
CA ALA A 245 -19.87 16.30 -8.37
C ALA A 245 -19.73 16.13 -6.87
N LEU A 246 -20.74 16.62 -6.13
CA LEU A 246 -20.81 16.55 -4.69
C LEU A 246 -22.09 15.88 -4.33
N ILE A 247 -22.05 15.00 -3.34
CA ILE A 247 -23.29 14.44 -2.79
C ILE A 247 -23.48 14.88 -1.33
N PHE A 248 -24.63 15.51 -1.07
CA PHE A 248 -24.97 15.99 0.27
C PHE A 248 -26.06 15.13 0.87
N PHE A 249 -25.93 14.79 2.16
CA PHE A 249 -26.93 13.93 2.83
C PHE A 249 -27.30 14.41 4.24
N ASN A 250 -28.60 14.43 4.50
CA ASN A 250 -29.09 14.82 5.82
C ASN A 250 -28.97 13.70 6.85
N LYS A 251 -27.90 13.77 7.64
CA LYS A 251 -27.64 12.84 8.75
C LYS A 251 -28.79 12.84 9.78
N LYS A 252 -29.29 14.04 10.11
CA LYS A 252 -30.40 14.26 11.04
C LYS A 252 -31.72 13.63 10.62
N ARG A 253 -32.06 13.78 9.35
CA ARG A 253 -33.36 13.28 8.91
C ARG A 253 -33.33 11.76 8.82
N ASN A 254 -32.16 11.20 8.52
CA ASN A 254 -32.01 9.75 8.40
C ASN A 254 -30.57 9.32 8.71
N PRO A 255 -30.26 9.07 10.01
CA PRO A 255 -28.88 8.67 10.38
C PRO A 255 -28.57 7.32 9.78
N GLY A 256 -27.28 7.06 9.55
CA GLY A 256 -26.86 5.87 8.80
C GLY A 256 -27.12 5.99 7.29
N ILE A 257 -27.35 7.22 6.83
CA ILE A 257 -27.36 7.60 5.42
C ILE A 257 -25.90 7.79 4.98
N GLU A 258 -25.06 8.19 5.94
CA GLU A 258 -23.64 8.43 5.69
C GLU A 258 -22.95 7.18 5.15
N GLN A 259 -22.98 6.09 5.92
CA GLN A 259 -22.40 4.83 5.48
C GLN A 259 -23.04 4.43 4.14
N LYS A 260 -24.37 4.39 4.10
CA LYS A 260 -25.14 4.05 2.89
C LYS A 260 -24.65 4.74 1.60
N ILE A 261 -24.36 6.03 1.70
CA ILE A 261 -24.01 6.82 0.54
C ILE A 261 -22.51 6.82 0.31
N ASN A 262 -21.74 6.81 1.39
CA ASN A 262 -20.30 6.75 1.27
C ASN A 262 -19.81 5.46 0.67
N SER A 263 -20.61 4.40 0.82
CA SER A 263 -20.27 3.09 0.26
C SER A 263 -20.76 2.91 -1.17
N ALA A 264 -21.92 3.49 -1.50
CA ALA A 264 -22.42 3.60 -2.88
C ALA A 264 -21.39 4.20 -3.82
N VAL A 265 -20.76 5.30 -3.39
CA VAL A 265 -19.65 5.88 -4.14
C VAL A 265 -18.46 4.94 -4.22
N PHE A 266 -17.99 4.47 -3.06
CA PHE A 266 -17.00 3.41 -3.01
C PHE A 266 -17.23 2.52 -1.81
N PRO A 267 -17.18 1.19 -2.02
CA PRO A 267 -16.75 0.48 -3.22
C PRO A 267 -17.83 0.11 -4.24
N SER A 268 -19.07 0.56 -4.05
CA SER A 268 -20.14 0.13 -4.96
C SER A 268 -19.82 0.40 -6.44
N PHE A 269 -19.53 1.68 -6.75
CA PHE A 269 -19.43 2.17 -8.10
C PHE A 269 -18.02 2.55 -8.53
N GLN A 270 -17.32 3.30 -7.70
CA GLN A 270 -16.06 3.89 -8.14
C GLN A 270 -14.82 3.15 -7.61
N GLY A 271 -13.64 3.53 -8.11
CA GLY A 271 -12.37 3.04 -7.62
C GLY A 271 -11.61 4.16 -6.93
N GLY A 272 -10.38 4.39 -7.34
CA GLY A 272 -9.56 5.47 -6.79
C GLY A 272 -10.16 6.83 -7.07
N PRO A 273 -10.10 7.75 -6.08
CA PRO A 273 -10.64 9.07 -6.40
C PRO A 273 -9.69 9.85 -7.30
N HIS A 274 -10.24 10.84 -7.99
CA HIS A 274 -9.43 11.75 -8.78
C HIS A 274 -9.10 12.94 -7.92
N ASN A 275 -7.88 12.93 -7.37
CA ASN A 275 -7.51 13.90 -6.35
C ASN A 275 -7.36 15.30 -6.88
N ASN A 276 -6.98 15.40 -8.16
CA ASN A 276 -6.88 16.68 -8.83
C ASN A 276 -8.24 17.34 -8.94
N LYS A 277 -9.27 16.53 -9.22
CA LYS A 277 -10.64 17.01 -9.15
C LYS A 277 -10.90 17.56 -7.76
N ILE A 278 -10.70 16.73 -6.75
CA ILE A 278 -10.94 17.07 -5.37
C ILE A 278 -10.21 18.36 -4.99
N ALA A 279 -8.91 18.41 -5.29
CA ALA A 279 -8.08 19.60 -5.09
C ALA A 279 -8.62 20.84 -5.78
N ALA A 280 -9.31 20.65 -6.91
CA ALA A 280 -9.84 21.80 -7.65
C ALA A 280 -11.18 22.22 -7.11
N VAL A 281 -12.00 21.27 -6.70
CA VAL A 281 -13.27 21.60 -6.09
C VAL A 281 -12.96 22.42 -4.86
N ALA A 282 -11.95 21.98 -4.12
CA ALA A 282 -11.46 22.70 -2.94
C ALA A 282 -11.15 24.14 -3.28
N CYS A 283 -10.40 24.32 -4.36
CA CYS A 283 -10.04 25.65 -4.82
C CYS A 283 -11.23 26.56 -5.17
N GLN A 284 -12.22 26.00 -5.84
CA GLN A 284 -13.35 26.80 -6.26
C GLN A 284 -14.25 27.10 -5.09
N LEU A 285 -14.37 26.14 -4.19
CA LEU A 285 -15.21 26.27 -3.02
C LEU A 285 -14.77 27.39 -2.07
N LYS A 286 -13.47 27.66 -2.02
CA LYS A 286 -12.99 28.83 -1.30
C LYS A 286 -13.61 30.07 -1.90
N GLU A 287 -13.56 30.19 -3.23
CA GLU A 287 -14.13 31.34 -3.90
C GLU A 287 -15.64 31.42 -3.68
N VAL A 288 -16.32 30.28 -3.70
CA VAL A 288 -17.79 30.30 -3.60
C VAL A 288 -18.28 31.08 -2.38
N HIS A 289 -17.63 30.89 -1.23
CA HIS A 289 -18.08 31.49 0.05
C HIS A 289 -17.90 33.00 0.17
N SER A 290 -16.89 33.52 -0.53
CA SER A 290 -16.56 34.93 -0.52
C SER A 290 -17.71 35.79 -1.07
N PRO A 291 -17.87 37.03 -0.56
CA PRO A 291 -18.98 37.88 -1.00
C PRO A 291 -18.76 38.44 -2.41
N ALA A 292 -17.53 38.31 -2.92
CA ALA A 292 -17.22 38.65 -4.32
C ALA A 292 -17.91 37.69 -5.30
N PHE A 293 -17.98 36.40 -4.95
CA PHE A 293 -18.64 35.41 -5.80
C PHE A 293 -20.14 35.68 -5.77
N LYS A 294 -20.63 36.14 -4.61
CA LYS A 294 -22.04 36.50 -4.47
C LYS A 294 -22.40 37.62 -5.42
N GLU A 295 -21.45 38.52 -5.66
CA GLU A 295 -21.66 39.58 -6.64
C GLU A 295 -21.86 38.97 -8.04
N TYR A 296 -20.95 38.07 -8.42
CA TYR A 296 -21.01 37.36 -9.69
C TYR A 296 -22.35 36.66 -9.91
N THR A 297 -22.83 35.91 -8.89
CA THR A 297 -24.11 35.21 -8.97
C THR A 297 -25.28 36.17 -9.21
N GLN A 298 -25.35 37.25 -8.43
CA GLN A 298 -26.37 38.30 -8.61
C GLN A 298 -26.33 38.82 -10.04
N GLN A 299 -25.10 39.01 -10.53
CA GLN A 299 -24.85 39.54 -11.86
C GLN A 299 -25.43 38.62 -12.94
N VAL A 300 -25.18 37.32 -12.79
CA VAL A 300 -25.84 36.27 -13.58
C VAL A 300 -27.36 36.43 -13.67
N LEU A 301 -28.03 36.63 -12.53
CA LEU A 301 -29.48 36.79 -12.54
C LEU A 301 -29.91 38.12 -13.17
N LEU A 302 -29.13 39.17 -12.90
CA LEU A 302 -29.41 40.50 -13.44
C LEU A 302 -29.43 40.38 -14.93
N ASN A 303 -28.38 39.74 -15.47
CA ASN A 303 -28.18 39.55 -16.92
C ASN A 303 -29.26 38.70 -17.57
N SER A 304 -29.63 37.62 -16.89
CA SER A 304 -30.70 36.73 -17.31
C SER A 304 -32.08 37.42 -17.35
N LYS A 305 -32.35 38.28 -16.37
CA LYS A 305 -33.61 39.02 -16.28
C LYS A 305 -33.64 40.03 -17.39
N ALA A 306 -32.50 40.69 -17.60
CA ALA A 306 -32.36 41.69 -18.65
C ALA A 306 -32.48 41.07 -20.03
N LEU A 307 -31.87 39.88 -20.19
CA LEU A 307 -31.90 39.21 -21.46
C LEU A 307 -33.31 38.76 -21.80
N ALA A 308 -33.97 38.15 -20.81
CA ALA A 308 -35.35 37.74 -20.97
C ALA A 308 -36.16 38.94 -21.42
N LYS A 309 -36.01 40.04 -20.67
CA LYS A 309 -36.70 41.30 -20.92
C LYS A 309 -36.49 41.76 -22.36
N ALA A 310 -35.24 41.75 -22.81
CA ALA A 310 -34.88 42.26 -24.12
C ALA A 310 -35.43 41.36 -25.23
N LEU A 311 -35.44 40.06 -24.97
CA LEU A 311 -36.02 39.11 -25.91
C LEU A 311 -37.53 39.31 -26.07
N ILE A 312 -38.22 39.61 -24.97
CA ILE A 312 -39.64 39.90 -25.01
C ILE A 312 -39.89 41.23 -25.71
N SER A 313 -39.02 42.20 -25.49
CA SER A 313 -39.14 43.49 -26.18
C SER A 313 -39.08 43.33 -27.71
N LYS A 314 -38.54 42.21 -28.19
CA LYS A 314 -38.45 41.91 -29.61
C LYS A 314 -39.48 40.90 -30.09
N GLN A 315 -40.57 40.76 -29.34
CA GLN A 315 -41.66 39.83 -29.73
C GLN A 315 -41.22 38.36 -29.77
N ILE A 316 -40.27 38.00 -28.91
CA ILE A 316 -39.86 36.62 -28.80
C ILE A 316 -40.47 35.99 -27.55
N ASP A 317 -41.16 34.87 -27.73
CA ASP A 317 -41.81 34.14 -26.67
C ASP A 317 -40.86 33.28 -25.86
N LEU A 318 -40.90 33.43 -24.54
CA LEU A 318 -40.17 32.58 -23.61
C LEU A 318 -41.13 31.59 -22.93
N VAL A 319 -40.62 30.44 -22.53
CA VAL A 319 -41.43 29.51 -21.73
C VAL A 319 -41.47 30.01 -20.30
N THR A 320 -42.65 29.92 -19.70
CA THR A 320 -42.97 30.53 -18.41
C THR A 320 -42.94 32.06 -18.53
N ASN A 321 -42.92 32.54 -19.78
CA ASN A 321 -42.73 33.97 -20.12
C ASN A 321 -41.67 34.71 -19.29
N GLY A 322 -40.58 34.03 -18.92
CA GLY A 322 -39.56 34.67 -18.11
C GLY A 322 -38.66 33.69 -17.39
N THR A 323 -37.89 34.20 -16.43
CA THR A 323 -36.88 33.41 -15.77
C THR A 323 -36.80 33.74 -14.27
N ASP A 324 -36.53 32.74 -13.43
CA ASP A 324 -36.18 33.03 -12.04
C ASP A 324 -34.69 32.85 -11.84
N ASN A 325 -34.01 32.30 -12.82
CA ASN A 325 -32.61 31.91 -12.63
C ASN A 325 -31.68 32.40 -13.73
N HIS A 326 -30.70 31.57 -14.03
CA HIS A 326 -29.67 31.84 -15.02
C HIS A 326 -30.14 31.49 -16.42
N LEU A 327 -31.31 30.88 -16.56
CA LEU A 327 -31.69 30.32 -17.87
C LEU A 327 -33.06 30.69 -18.43
N ILE A 328 -33.09 30.78 -19.75
CA ILE A 328 -34.26 31.08 -20.53
C ILE A 328 -34.38 30.02 -21.61
N VAL A 329 -35.59 29.52 -21.82
CA VAL A 329 -35.88 28.65 -22.95
C VAL A 329 -36.77 29.44 -23.88
N VAL A 330 -36.26 29.69 -25.07
CA VAL A 330 -37.02 30.38 -26.09
C VAL A 330 -37.95 29.39 -26.79
N ASP A 331 -39.20 29.81 -26.96
CA ASP A 331 -40.21 29.09 -27.73
C ASP A 331 -40.21 29.66 -29.16
N LEU A 332 -40.07 28.79 -30.15
CA LEU A 332 -39.88 29.26 -31.52
C LEU A 332 -41.12 29.08 -32.40
N ARG A 333 -42.16 28.45 -31.87
CA ARG A 333 -43.33 28.12 -32.68
C ARG A 333 -43.81 29.23 -33.64
N LYS A 334 -43.95 30.47 -33.15
CA LYS A 334 -44.48 31.58 -33.96
C LYS A 334 -43.63 31.83 -35.22
N PHE A 335 -42.41 31.32 -35.20
CA PHE A 335 -41.45 31.53 -36.27
C PHE A 335 -41.34 30.34 -37.22
N SER A 336 -42.03 29.24 -36.89
CA SER A 336 -42.04 28.02 -37.69
C SER A 336 -40.65 27.48 -38.00
N ILE A 337 -39.73 27.59 -37.05
CA ILE A 337 -38.40 27.00 -37.20
C ILE A 337 -38.12 26.11 -35.99
N THR A 338 -37.23 25.13 -36.17
CA THR A 338 -36.86 24.22 -35.09
C THR A 338 -35.70 24.81 -34.29
N GLY A 339 -35.45 24.23 -33.11
CA GLY A 339 -34.24 24.58 -32.36
C GLY A 339 -33.01 24.05 -33.09
N SER A 340 -33.17 22.89 -33.74
CA SER A 340 -32.10 22.25 -34.52
C SER A 340 -31.56 23.23 -35.57
N LYS A 341 -32.47 23.82 -36.33
CA LYS A 341 -32.11 24.81 -37.33
C LYS A 341 -31.39 26.03 -36.72
N LEU A 342 -31.95 26.61 -35.65
CA LEU A 342 -31.35 27.78 -35.01
C LEU A 342 -29.98 27.50 -34.36
N GLN A 343 -29.81 26.31 -33.82
CA GLN A 343 -28.52 25.93 -33.22
C GLN A 343 -27.42 26.02 -34.28
N GLU A 344 -27.68 25.43 -35.45
CA GLU A 344 -26.75 25.49 -36.56
C GLU A 344 -26.49 26.94 -36.94
N THR A 345 -27.57 27.72 -37.09
CA THR A 345 -27.45 29.12 -37.49
C THR A 345 -26.57 29.88 -36.52
N CYS A 346 -26.70 29.58 -35.24
CA CYS A 346 -25.88 30.24 -34.23
C CYS A 346 -24.44 29.76 -34.26
N ASN A 347 -24.25 28.46 -34.47
CA ASN A 347 -22.90 27.93 -34.56
C ASN A 347 -22.09 28.67 -35.62
N ALA A 348 -22.72 28.92 -36.77
CA ALA A 348 -22.12 29.67 -37.88
C ALA A 348 -21.70 31.09 -37.51
N ILE A 349 -22.43 31.72 -36.60
CA ILE A 349 -22.05 33.05 -36.17
C ILE A 349 -21.31 33.09 -34.83
N ASN A 350 -20.78 31.94 -34.41
CA ASN A 350 -20.08 31.79 -33.12
C ASN A 350 -20.98 32.11 -31.92
N VAL A 351 -22.17 31.50 -31.92
CA VAL A 351 -23.09 31.59 -30.78
C VAL A 351 -23.43 30.20 -30.32
N SER A 352 -22.77 29.76 -29.26
CA SER A 352 -23.04 28.47 -28.63
C SER A 352 -24.36 28.55 -27.88
N LEU A 353 -25.30 27.73 -28.30
CA LEU A 353 -26.53 27.48 -27.59
C LEU A 353 -26.98 26.08 -28.01
N ASN A 354 -27.98 25.54 -27.34
CA ASN A 354 -28.44 24.19 -27.64
C ASN A 354 -29.91 24.19 -27.88
N LYS A 355 -30.36 23.28 -28.72
CA LYS A 355 -31.77 23.07 -28.91
C LYS A 355 -32.38 22.53 -27.60
N ASN A 356 -33.69 22.69 -27.47
CA ASN A 356 -34.38 22.31 -26.26
C ASN A 356 -35.83 22.05 -26.58
N THR A 357 -36.44 21.13 -25.85
CA THR A 357 -37.85 20.84 -25.98
C THR A 357 -38.68 21.90 -25.27
N ILE A 358 -39.95 21.99 -25.65
CA ILE A 358 -40.94 22.81 -24.95
C ILE A 358 -42.12 21.92 -24.59
N PRO A 359 -43.17 22.47 -23.92
CA PRO A 359 -44.22 21.59 -23.44
C PRO A 359 -45.10 21.01 -24.54
N SER A 360 -45.30 21.74 -25.63
CA SER A 360 -46.13 21.22 -26.73
C SER A 360 -45.36 20.16 -27.53
N ASP A 361 -44.06 20.05 -27.26
CA ASP A 361 -43.20 19.15 -28.04
C ASP A 361 -43.54 17.68 -27.83
N VAL A 362 -43.28 16.87 -28.84
CA VAL A 362 -43.69 15.46 -28.84
C VAL A 362 -42.50 14.52 -29.15
N ASP A 363 -41.39 15.10 -29.57
CA ASP A 363 -40.20 14.35 -29.95
C ASP A 363 -38.95 15.14 -29.53
N CYS A 364 -37.88 14.44 -29.14
CA CYS A 364 -36.58 15.10 -28.90
C CYS A 364 -35.95 15.45 -30.23
N VAL A 365 -36.68 15.13 -31.31
CA VAL A 365 -36.26 15.44 -32.66
C VAL A 365 -37.34 16.33 -33.26
N SER A 366 -36.89 17.46 -33.79
CA SER A 366 -37.76 18.56 -34.23
C SER A 366 -38.23 19.46 -33.08
N PRO A 367 -37.49 19.48 -31.94
CA PRO A 367 -37.86 20.37 -30.81
C PRO A 367 -38.04 21.84 -31.21
N SER A 368 -38.93 22.53 -30.51
CA SER A 368 -39.34 23.86 -30.92
C SER A 368 -38.73 24.99 -30.09
N GLY A 369 -37.54 24.76 -29.53
CA GLY A 369 -36.90 25.77 -28.71
C GLY A 369 -35.38 25.72 -28.63
N VAL A 370 -34.82 26.78 -28.09
CA VAL A 370 -33.41 26.74 -27.72
C VAL A 370 -33.30 27.10 -26.24
N ARG A 371 -32.18 26.75 -25.63
CA ARG A 371 -31.97 27.10 -24.26
C ARG A 371 -30.71 27.93 -24.16
N ILE A 372 -30.84 29.14 -23.65
CA ILE A 372 -29.72 29.99 -23.39
C ILE A 372 -29.57 30.17 -21.88
N GLY A 373 -28.37 30.55 -21.44
CA GLY A 373 -28.11 30.89 -20.05
C GLY A 373 -27.00 31.92 -19.94
N THR A 374 -26.92 32.62 -18.82
CA THR A 374 -25.99 33.74 -18.68
C THR A 374 -24.67 33.53 -17.90
N PRO A 375 -24.41 32.32 -17.33
CA PRO A 375 -23.22 32.26 -16.48
C PRO A 375 -21.90 32.55 -17.17
N ALA A 376 -21.69 32.01 -18.37
CA ALA A 376 -20.41 32.19 -19.08
C ALA A 376 -20.09 33.66 -19.42
N MET A 377 -21.07 34.33 -20.03
CA MET A 377 -20.89 35.71 -20.45
C MET A 377 -20.70 36.65 -19.28
N THR A 378 -21.49 36.43 -18.23
CA THR A 378 -21.33 37.16 -16.98
C THR A 378 -19.90 37.03 -16.47
N THR A 379 -19.32 35.85 -16.62
CA THR A 379 -17.96 35.58 -16.20
C THR A 379 -16.98 36.38 -17.05
N ARG A 380 -17.37 36.66 -18.30
CA ARG A 380 -16.51 37.42 -19.20
C ARG A 380 -16.67 38.95 -19.08
N GLY A 381 -17.39 39.39 -18.06
CA GLY A 381 -17.51 40.80 -17.73
C GLY A 381 -18.72 41.50 -18.32
N ALA A 382 -19.61 40.74 -18.95
CA ALA A 382 -20.80 41.30 -19.55
C ALA A 382 -21.79 41.76 -18.49
N LYS A 383 -22.45 42.88 -18.75
CA LYS A 383 -23.46 43.45 -17.86
C LYS A 383 -24.77 43.59 -18.61
N GLU A 384 -25.76 44.17 -17.94
CA GLU A 384 -27.14 44.21 -18.46
C GLU A 384 -27.31 44.95 -19.76
N LYS A 385 -26.49 45.98 -19.95
CA LYS A 385 -26.50 46.78 -21.18
C LYS A 385 -26.11 45.90 -22.32
N ASP A 386 -25.18 44.98 -22.06
CA ASP A 386 -24.70 44.06 -23.08
C ASP A 386 -25.75 43.05 -23.55
N MET A 387 -26.80 42.90 -22.75
CA MET A 387 -27.85 41.93 -23.03
C MET A 387 -28.70 42.31 -24.24
N GLU A 388 -28.88 43.61 -24.48
CA GLU A 388 -29.62 44.05 -25.66
C GLU A 388 -28.92 43.55 -26.94
N PHE A 389 -27.59 43.64 -26.95
CA PHE A 389 -26.79 43.15 -28.05
C PHE A 389 -26.95 41.65 -28.32
N ILE A 390 -26.87 40.84 -27.27
CA ILE A 390 -27.09 39.40 -27.41
C ILE A 390 -28.51 39.13 -27.90
N ALA A 391 -29.47 39.83 -27.32
CA ALA A 391 -30.85 39.75 -27.79
C ALA A 391 -30.91 40.11 -29.26
N ASP A 392 -30.26 41.23 -29.63
CA ASP A 392 -30.18 41.70 -31.02
C ASP A 392 -29.63 40.62 -31.94
N VAL A 393 -28.53 40.02 -31.52
CA VAL A 393 -27.93 38.93 -32.28
C VAL A 393 -28.86 37.73 -32.40
N LEU A 394 -29.54 37.35 -31.32
CA LEU A 394 -30.40 36.18 -31.38
C LEU A 394 -31.60 36.41 -32.31
N ALA A 395 -32.16 37.62 -32.25
CA ALA A 395 -33.22 38.03 -33.17
C ALA A 395 -32.76 37.96 -34.65
N ARG A 396 -31.54 38.43 -34.91
CA ARG A 396 -31.02 38.44 -36.27
C ARG A 396 -30.84 37.01 -36.76
N ALA A 397 -30.20 36.19 -35.93
CA ALA A 397 -30.14 34.75 -36.13
C ALA A 397 -31.51 34.17 -36.46
N ILE A 398 -32.51 34.48 -35.65
CA ILE A 398 -33.85 33.93 -35.86
C ILE A 398 -34.38 34.36 -37.23
N LYS A 399 -34.29 35.65 -37.52
CA LYS A 399 -34.71 36.14 -38.84
C LYS A 399 -33.97 35.43 -40.00
N ILE A 400 -32.65 35.34 -39.90
CA ILE A 400 -31.86 34.69 -40.95
C ILE A 400 -32.25 33.23 -41.12
N THR A 401 -32.59 32.56 -40.02
CA THR A 401 -33.03 31.17 -40.04
C THR A 401 -34.34 31.05 -40.81
N VAL A 402 -35.26 31.97 -40.55
CA VAL A 402 -36.56 31.97 -41.21
C VAL A 402 -36.38 32.18 -42.72
N ASP A 403 -35.45 33.07 -43.09
CA ASP A 403 -35.10 33.33 -44.50
C ASP A 403 -34.50 32.11 -45.19
N LEU A 404 -33.48 31.52 -44.55
CA LEU A 404 -32.81 30.33 -45.07
C LEU A 404 -33.74 29.12 -45.22
N GLN A 405 -34.75 29.01 -44.36
CA GLN A 405 -35.71 27.90 -44.47
C GLN A 405 -36.63 28.10 -45.66
N GLU A 406 -36.95 29.37 -45.93
CA GLU A 406 -37.79 29.74 -47.06
C GLU A 406 -37.05 29.44 -48.38
N GLN A 407 -35.74 29.64 -48.39
CA GLN A 407 -34.92 29.48 -49.59
C GLN A 407 -34.50 28.04 -49.90
N TYR A 408 -34.32 27.21 -48.86
CA TYR A 408 -33.74 25.87 -49.04
C TYR A 408 -34.62 24.72 -48.54
N GLY A 409 -35.57 25.02 -47.67
CA GLY A 409 -36.52 24.00 -47.21
C GLY A 409 -36.45 23.64 -45.75
N LYS A 410 -37.58 23.16 -45.24
CA LYS A 410 -37.73 22.73 -43.84
C LYS A 410 -36.89 21.50 -43.47
N LYS A 411 -36.20 20.93 -44.45
CA LYS A 411 -35.44 19.72 -44.25
C LYS A 411 -34.05 20.15 -43.82
N LEU A 412 -33.55 19.56 -42.73
CA LEU A 412 -32.29 20.00 -42.12
C LEU A 412 -31.09 19.85 -43.06
N VAL A 413 -31.04 18.73 -43.78
CA VAL A 413 -30.00 18.48 -44.80
C VAL A 413 -29.93 19.68 -45.74
N ASP A 414 -31.07 19.96 -46.37
CA ASP A 414 -31.24 21.10 -47.25
C ASP A 414 -30.83 22.39 -46.56
N PHE A 415 -31.40 22.64 -45.37
CA PHE A 415 -31.22 23.91 -44.65
C PHE A 415 -29.75 24.28 -44.47
N LYS A 416 -28.96 23.33 -43.94
CA LYS A 416 -27.54 23.60 -43.71
C LYS A 416 -26.78 23.93 -44.99
N LYS A 417 -27.32 23.50 -46.14
CA LYS A 417 -26.67 23.76 -47.45
C LYS A 417 -26.70 25.25 -47.75
N GLY A 418 -27.73 25.93 -47.21
CA GLY A 418 -27.85 27.39 -47.29
C GLY A 418 -26.90 28.18 -46.38
N LEU A 419 -26.28 27.50 -45.42
CA LEU A 419 -25.56 28.18 -44.32
C LEU A 419 -24.21 28.79 -44.69
N PRO A 420 -23.33 28.02 -45.35
CA PRO A 420 -21.98 28.57 -45.56
C PRO A 420 -21.95 29.53 -46.74
N GLY A 421 -21.06 30.51 -46.68
CA GLY A 421 -20.99 31.55 -47.73
C GLY A 421 -22.00 32.68 -47.62
N ASN A 422 -23.02 32.52 -46.76
CA ASN A 422 -24.08 33.50 -46.62
C ASN A 422 -23.58 34.85 -46.11
N ALA A 423 -23.78 35.88 -46.94
CA ALA A 423 -23.33 37.26 -46.68
C ALA A 423 -23.60 37.77 -45.26
N GLN A 424 -24.85 37.65 -44.79
CA GLN A 424 -25.24 38.22 -43.50
C GLN A 424 -24.68 37.45 -42.31
N LEU A 425 -24.54 36.13 -42.46
CA LEU A 425 -23.95 35.30 -41.41
C LEU A 425 -22.47 35.66 -41.21
N GLN A 426 -21.76 35.86 -42.32
CA GLN A 426 -20.36 36.27 -42.28
C GLN A 426 -20.26 37.64 -41.61
N GLN A 427 -21.20 38.51 -41.94
CA GLN A 427 -21.29 39.84 -41.32
C GLN A 427 -21.51 39.73 -39.81
N LEU A 428 -22.39 38.82 -39.40
CA LEU A 428 -22.78 38.71 -38.01
C LEU A 428 -21.73 38.01 -37.16
N LYS A 429 -21.22 36.87 -37.63
CA LYS A 429 -20.04 36.24 -36.99
C LYS A 429 -18.98 37.30 -36.73
N GLN A 430 -18.72 38.14 -37.73
CA GLN A 430 -17.69 39.16 -37.62
C GLN A 430 -17.94 40.03 -36.38
N GLU A 431 -19.13 40.64 -36.30
CA GLU A 431 -19.52 41.47 -35.15
C GLU A 431 -19.40 40.70 -33.84
N VAL A 432 -19.86 39.45 -33.87
CA VAL A 432 -19.76 38.56 -32.72
C VAL A 432 -18.31 38.38 -32.27
N VAL A 433 -17.45 37.95 -33.20
CA VAL A 433 -16.01 37.75 -32.97
C VAL A 433 -15.34 39.04 -32.49
N THR A 434 -15.81 40.19 -32.97
CA THR A 434 -15.19 41.46 -32.60
C THR A 434 -15.43 41.72 -31.14
N TRP A 435 -16.70 41.62 -30.74
CA TRP A 435 -17.10 41.90 -29.36
C TRP A 435 -16.59 40.86 -28.40
N ALA A 436 -16.72 39.59 -28.80
CA ALA A 436 -16.33 38.44 -27.97
C ALA A 436 -14.83 38.38 -27.72
N GLY A 437 -14.07 38.55 -28.80
CA GLY A 437 -12.62 38.46 -28.77
C GLY A 437 -11.97 39.41 -27.78
N ALA A 438 -12.69 40.46 -27.39
CA ALA A 438 -12.10 41.51 -26.56
C ALA A 438 -12.63 41.60 -25.12
N LEU A 439 -13.34 40.58 -24.66
CA LEU A 439 -13.83 40.56 -23.28
C LEU A 439 -12.81 39.85 -22.39
N PRO A 440 -12.87 40.10 -21.06
CA PRO A 440 -12.00 39.36 -20.15
C PRO A 440 -12.09 37.83 -20.34
N PHE A 441 -10.94 37.16 -20.23
CA PHE A 441 -10.88 35.73 -20.48
C PHE A 441 -9.94 35.03 -19.50
N PRO A 442 -10.52 34.26 -18.55
CA PRO A 442 -9.67 33.36 -17.79
C PRO A 442 -9.15 32.25 -18.72
N MET B 1 -15.11 39.01 -14.57
CA MET B 1 -15.64 39.07 -13.18
C MET B 1 -15.14 37.83 -12.49
N PHE B 2 -13.84 37.59 -12.64
CA PHE B 2 -13.19 36.43 -12.07
C PHE B 2 -11.88 36.85 -11.43
N ASN B 3 -11.29 35.95 -10.65
CA ASN B 3 -9.98 36.20 -10.08
C ASN B 3 -8.92 35.39 -10.82
N ASN B 4 -7.86 36.07 -11.27
CA ASN B 4 -6.80 35.41 -12.02
C ASN B 4 -5.54 35.26 -11.17
N GLU B 5 -5.64 35.65 -9.89
CA GLU B 5 -4.61 35.40 -8.87
C GLU B 5 -4.15 33.94 -8.93
N PRO B 6 -2.83 33.71 -9.14
CA PRO B 6 -2.23 32.37 -9.21
C PRO B 6 -2.38 31.56 -7.94
N LEU B 7 -2.18 30.26 -8.08
CA LEU B 7 -2.51 29.27 -7.04
C LEU B 7 -1.88 29.59 -5.69
N GLU B 8 -0.59 29.99 -5.73
CA GLU B 8 0.18 30.39 -4.54
C GLU B 8 -0.44 31.58 -3.80
N GLN B 9 -1.08 32.49 -4.54
CA GLN B 9 -1.70 33.65 -3.88
C GLN B 9 -3.20 33.51 -3.67
N ILE B 10 -3.87 32.73 -4.52
CA ILE B 10 -5.34 32.56 -4.39
C ILE B 10 -5.66 31.74 -3.16
N ASP B 11 -5.20 30.50 -3.13
CA ASP B 11 -5.43 29.63 -1.97
C ASP B 11 -4.10 29.15 -1.39
N LYS B 12 -3.56 29.90 -0.43
CA LYS B 12 -2.27 29.53 0.17
C LYS B 12 -2.40 28.23 0.95
N GLU B 13 -3.53 28.05 1.63
CA GLU B 13 -3.73 26.84 2.44
C GLU B 13 -3.48 25.58 1.59
N LEU B 14 -4.20 25.50 0.48
CA LEU B 14 -4.18 24.38 -0.43
C LEU B 14 -2.83 24.20 -1.13
N HIS B 15 -2.23 25.30 -1.58
CA HIS B 15 -0.97 25.23 -2.33
C HIS B 15 0.06 24.52 -1.51
N ASP B 16 0.04 24.77 -0.21
CA ASP B 16 1.02 24.18 0.68
C ASP B 16 0.95 22.65 0.75
N ILE B 17 -0.25 22.13 1.00
CA ILE B 17 -0.44 20.68 0.97
C ILE B 17 0.02 20.06 -0.37
N LEU B 18 -0.33 20.71 -1.48
CA LEU B 18 0.13 20.27 -2.81
C LEU B 18 1.63 20.30 -2.92
N ALA B 19 2.26 21.28 -2.29
CA ALA B 19 3.71 21.38 -2.27
C ALA B 19 4.28 20.30 -1.37
N ASP B 20 3.57 20.02 -0.27
CA ASP B 20 3.94 18.93 0.63
C ASP B 20 3.79 17.58 -0.06
N GLU B 21 2.65 17.37 -0.72
CA GLU B 21 2.39 16.16 -1.49
C GLU B 21 3.49 15.94 -2.50
N GLU B 22 3.75 16.95 -3.31
CA GLU B 22 4.86 16.95 -4.26
C GLU B 22 6.16 16.44 -3.64
N LYS B 23 6.49 16.95 -2.46
CA LYS B 23 7.70 16.57 -1.73
C LYS B 23 7.67 15.07 -1.28
N ARG B 24 6.61 14.65 -0.59
CA ARG B 24 6.45 13.25 -0.24
C ARG B 24 6.71 12.34 -1.46
N GLN B 25 6.10 12.66 -2.60
CA GLN B 25 6.22 11.84 -3.81
C GLN B 25 7.65 11.72 -4.28
N ARG B 26 8.35 12.85 -4.17
CA ARG B 26 9.72 13.01 -4.65
C ARG B 26 10.66 12.21 -3.77
N GLU B 27 10.20 11.92 -2.56
CA GLU B 27 11.06 11.34 -1.55
C GLU B 27 10.61 9.98 -1.13
N THR B 28 9.81 9.32 -1.97
CA THR B 28 9.27 8.02 -1.61
C THR B 28 9.75 6.98 -2.58
N ILE B 29 10.10 5.80 -2.07
CA ILE B 29 10.20 4.61 -2.93
C ILE B 29 8.79 4.04 -3.09
N ASN B 30 8.22 4.30 -4.25
CA ASN B 30 6.83 3.97 -4.56
C ASN B 30 6.71 2.61 -5.25
N LEU B 31 6.14 1.64 -4.55
CA LEU B 31 6.01 0.30 -5.08
C LEU B 31 4.55 -0.10 -5.27
N ILE B 32 3.65 0.88 -5.20
CA ILE B 32 2.25 0.64 -5.58
C ILE B 32 2.21 0.29 -7.05
N ALA B 33 1.79 -0.95 -7.33
CA ALA B 33 1.88 -1.54 -8.66
C ALA B 33 1.04 -0.78 -9.67
N SER B 34 -0.04 -0.18 -9.18
CA SER B 34 -0.98 0.54 -9.99
C SER B 34 -0.66 2.02 -10.12
N GLU B 35 0.42 2.47 -9.50
CA GLU B 35 0.78 3.87 -9.61
C GLU B 35 1.84 4.15 -10.67
N ASN B 36 2.01 5.42 -10.98
CA ASN B 36 3.00 5.88 -11.91
C ASN B 36 3.08 7.39 -11.77
N LEU B 37 3.94 8.02 -12.55
CA LEU B 37 4.08 9.47 -12.55
C LEU B 37 3.92 9.94 -13.98
N THR B 38 3.06 10.92 -14.18
CA THR B 38 2.84 11.48 -15.51
C THR B 38 3.79 12.62 -15.77
N ASN B 39 4.22 12.74 -17.03
CA ASN B 39 5.04 13.87 -17.45
C ASN B 39 4.27 15.20 -17.42
N GLY B 40 5.01 16.30 -17.56
CA GLY B 40 4.44 17.63 -17.52
C GLY B 40 3.55 17.97 -18.70
N ALA B 41 3.66 17.21 -19.79
CA ALA B 41 2.87 17.44 -21.00
C ALA B 41 1.44 16.90 -20.88
N VAL B 42 1.30 15.76 -20.19
CA VAL B 42 0.00 15.16 -19.88
C VAL B 42 -0.70 16.02 -18.83
N ARG B 43 0.06 16.60 -17.91
CA ARG B 43 -0.53 17.48 -16.91
C ARG B 43 -0.96 18.83 -17.49
N GLU B 44 -0.46 19.12 -18.69
CA GLU B 44 -0.73 20.37 -19.38
C GLU B 44 -2.06 20.26 -20.07
N CYS B 45 -2.48 19.04 -20.38
CA CYS B 45 -3.80 18.80 -20.98
C CYS B 45 -4.86 18.79 -19.91
N LEU B 46 -4.63 18.01 -18.86
CA LEU B 46 -5.53 17.95 -17.72
C LEU B 46 -5.83 19.35 -17.24
N GLY B 47 -4.90 20.29 -17.45
CA GLY B 47 -5.08 21.66 -17.03
C GLY B 47 -5.66 22.56 -18.11
N ASN B 48 -5.80 22.02 -19.31
CA ASN B 48 -6.24 22.80 -20.47
C ASN B 48 -7.69 23.31 -20.40
N ARG B 49 -8.00 24.38 -21.12
CA ARG B 49 -9.35 24.98 -21.09
C ARG B 49 -10.40 24.14 -21.87
N VAL B 50 -9.93 23.08 -22.51
CA VAL B 50 -10.80 22.19 -23.28
C VAL B 50 -11.91 21.57 -22.42
N SER B 51 -11.73 21.59 -21.10
CA SER B 51 -12.71 21.02 -20.16
C SER B 51 -13.90 21.94 -19.92
N ASN B 52 -13.84 23.15 -20.47
CA ASN B 52 -14.98 24.06 -20.47
C ASN B 52 -16.17 23.54 -21.30
N LYS B 53 -15.89 22.72 -22.30
CA LYS B 53 -16.90 22.27 -23.26
C LYS B 53 -17.77 21.19 -22.74
N TYR B 54 -19.05 21.29 -23.11
CA TYR B 54 -20.03 20.25 -22.94
C TYR B 54 -20.27 19.64 -24.31
N SER B 55 -19.94 18.38 -24.47
CA SER B 55 -20.05 17.76 -25.75
C SER B 55 -20.65 16.37 -25.60
N GLU B 56 -21.83 16.30 -25.01
CA GLU B 56 -22.54 15.03 -24.91
C GLU B 56 -22.79 14.48 -26.29
N GLY B 57 -22.42 13.22 -26.48
CA GLY B 57 -22.60 12.54 -27.75
C GLY B 57 -21.33 11.87 -28.22
N TYR B 58 -21.15 11.85 -29.54
CA TYR B 58 -19.97 11.29 -30.17
C TYR B 58 -19.55 12.22 -31.30
N PRO B 59 -18.31 12.07 -31.80
CA PRO B 59 -17.84 13.05 -32.79
C PRO B 59 -18.68 12.96 -34.07
N LYS B 60 -19.02 14.11 -34.64
CA LYS B 60 -19.93 14.18 -35.79
C LYS B 60 -21.40 13.91 -35.41
N LYS B 61 -21.67 13.68 -34.12
CA LYS B 61 -23.03 13.34 -33.67
C LYS B 61 -23.29 13.91 -32.28
N ARG B 62 -22.92 15.16 -32.09
CA ARG B 62 -23.10 15.85 -30.82
C ARG B 62 -24.53 16.30 -30.73
N TYR B 63 -24.90 16.79 -29.55
CA TYR B 63 -26.19 17.42 -29.35
C TYR B 63 -25.98 18.91 -29.53
N TYR B 64 -24.73 19.35 -29.41
CA TYR B 64 -24.41 20.75 -29.67
C TYR B 64 -23.55 20.97 -30.92
N GLY B 65 -23.09 22.19 -31.08
CA GLY B 65 -22.07 22.51 -32.08
C GLY B 65 -21.01 23.36 -31.39
N GLY B 66 -20.03 23.80 -32.16
CA GLY B 66 -18.88 24.46 -31.55
C GLY B 66 -18.04 23.37 -30.93
N ASN B 67 -18.21 22.16 -31.44
CA ASN B 67 -17.44 20.98 -31.07
C ASN B 67 -16.49 20.58 -32.21
N ASP B 68 -16.22 21.55 -33.07
CA ASP B 68 -15.30 21.39 -34.20
C ASP B 68 -13.96 20.90 -33.70
N PHE B 69 -13.36 21.66 -32.80
CA PHE B 69 -12.04 21.30 -32.31
C PHE B 69 -12.06 20.11 -31.34
N ILE B 70 -13.13 19.96 -30.56
CA ILE B 70 -13.29 18.76 -29.70
C ILE B 70 -13.46 17.46 -30.48
N ASP B 71 -14.27 17.48 -31.55
CA ASP B 71 -14.45 16.30 -32.41
C ASP B 71 -13.13 15.80 -32.95
N LYS B 72 -12.24 16.74 -33.28
CA LYS B 72 -10.91 16.37 -33.75
C LYS B 72 -10.12 15.73 -32.61
N ILE B 73 -10.18 16.37 -31.44
CA ILE B 73 -9.48 15.88 -30.25
C ILE B 73 -9.96 14.51 -29.85
N GLU B 74 -11.27 14.27 -29.85
CA GLU B 74 -11.78 12.94 -29.57
C GLU B 74 -11.37 11.93 -30.63
N GLU B 75 -11.28 12.37 -31.89
CA GLU B 75 -11.03 11.48 -33.04
C GLU B 75 -9.59 10.97 -33.07
N LEU B 76 -8.67 11.91 -32.85
CA LEU B 76 -7.26 11.62 -32.73
C LEU B 76 -6.98 10.67 -31.56
N CYS B 77 -7.81 10.71 -30.53
CA CYS B 77 -7.65 9.84 -29.37
C CYS B 77 -7.99 8.40 -29.73
N GLN B 78 -9.11 8.19 -30.41
CA GLN B 78 -9.51 6.84 -30.83
C GLN B 78 -8.55 6.33 -31.91
N LYS B 79 -8.02 7.23 -32.74
CA LYS B 79 -7.03 6.83 -33.72
C LYS B 79 -5.80 6.21 -33.03
N ARG B 80 -5.22 6.98 -32.10
CA ARG B 80 -3.99 6.61 -31.43
C ARG B 80 -4.11 5.40 -30.51
N ALA B 81 -5.34 5.13 -30.03
CA ALA B 81 -5.59 4.02 -29.11
C ALA B 81 -5.49 2.70 -29.81
N LEU B 82 -6.06 2.68 -31.01
CA LEU B 82 -6.22 1.49 -31.83
C LEU B 82 -4.90 1.24 -32.52
N GLU B 83 -4.23 2.33 -32.84
CA GLU B 83 -2.87 2.26 -33.29
C GLU B 83 -2.03 1.53 -32.23
N ALA B 84 -2.02 2.07 -31.01
CA ALA B 84 -1.15 1.63 -29.95
C ALA B 84 -1.41 0.21 -29.58
N PHE B 85 -2.67 -0.20 -29.59
CA PHE B 85 -2.94 -1.59 -29.28
C PHE B 85 -2.88 -2.45 -30.52
N ASN B 86 -2.32 -1.86 -31.57
CA ASN B 86 -2.14 -2.55 -32.82
C ASN B 86 -3.35 -3.41 -33.22
N VAL B 87 -4.44 -2.72 -33.52
CA VAL B 87 -5.65 -3.33 -34.00
C VAL B 87 -6.14 -2.44 -35.12
N SER B 88 -6.87 -3.05 -36.05
CA SER B 88 -7.35 -2.32 -37.22
C SER B 88 -8.70 -1.68 -36.90
N ASP B 89 -8.83 -0.41 -37.30
CA ASP B 89 -10.03 0.38 -36.97
C ASP B 89 -11.22 -0.14 -37.75
N GLU B 90 -10.92 -1.07 -38.63
CA GLU B 90 -11.91 -1.79 -39.41
C GLU B 90 -12.46 -2.93 -38.59
N GLU B 91 -11.62 -3.53 -37.74
CA GLU B 91 -12.00 -4.67 -36.90
C GLU B 91 -12.42 -4.32 -35.46
N TRP B 92 -11.83 -3.26 -34.93
CA TRP B 92 -11.99 -2.87 -33.53
C TRP B 92 -12.46 -1.46 -33.40
N GLY B 93 -13.40 -1.24 -32.50
CA GLY B 93 -13.67 0.12 -32.04
C GLY B 93 -13.20 0.35 -30.61
N VAL B 94 -13.07 1.62 -30.26
CA VAL B 94 -12.75 2.03 -28.91
C VAL B 94 -13.61 3.22 -28.46
N ASN B 95 -14.13 3.13 -27.22
CA ASN B 95 -14.74 4.28 -26.54
C ASN B 95 -13.75 4.98 -25.59
N VAL B 96 -13.56 6.29 -25.79
CA VAL B 96 -12.56 7.05 -25.04
C VAL B 96 -13.14 7.99 -23.97
N GLN B 97 -14.40 7.76 -23.59
CA GLN B 97 -15.08 8.65 -22.66
C GLN B 97 -15.23 8.13 -21.22
N PRO B 98 -15.11 6.80 -20.99
CA PRO B 98 -15.16 6.31 -19.60
C PRO B 98 -14.27 7.14 -18.67
N LEU B 99 -14.81 7.52 -17.51
CA LEU B 99 -14.08 8.45 -16.63
C LEU B 99 -12.99 7.79 -15.78
N SER B 100 -13.10 6.48 -15.58
CA SER B 100 -12.11 5.67 -14.86
C SER B 100 -12.42 4.18 -15.04
N GLY B 101 -11.43 3.32 -14.79
CA GLY B 101 -11.58 1.89 -15.07
C GLY B 101 -12.87 1.25 -14.54
N SER B 102 -13.29 1.69 -13.37
CA SER B 102 -14.46 1.11 -12.73
C SER B 102 -15.73 1.49 -13.47
N ALA B 103 -15.79 2.72 -13.98
CA ALA B 103 -16.92 3.14 -14.78
C ALA B 103 -16.98 2.35 -16.09
N ALA B 104 -15.82 2.25 -16.76
CA ALA B 104 -15.64 1.49 -18.01
C ALA B 104 -16.13 0.05 -17.87
N ASN B 105 -15.55 -0.69 -16.92
CA ASN B 105 -16.01 -2.03 -16.63
C ASN B 105 -17.51 -2.11 -16.37
N VAL B 106 -18.06 -1.22 -15.54
CA VAL B 106 -19.50 -1.25 -15.25
C VAL B 106 -20.32 -1.02 -16.52
N GLN B 107 -19.91 -0.01 -17.28
CA GLN B 107 -20.49 0.32 -18.57
C GLN B 107 -20.38 -0.86 -19.55
N ALA B 108 -19.15 -1.35 -19.78
CA ALA B 108 -18.93 -2.43 -20.74
C ALA B 108 -19.70 -3.68 -20.34
N LEU B 109 -19.65 -4.02 -19.05
CA LEU B 109 -20.41 -5.17 -18.59
C LEU B 109 -21.87 -5.00 -18.94
N TYR B 110 -22.41 -3.81 -18.68
CA TYR B 110 -23.84 -3.57 -18.90
C TYR B 110 -24.23 -3.73 -20.37
N ALA B 111 -23.42 -3.14 -21.24
CA ALA B 111 -23.60 -3.23 -22.69
C ALA B 111 -23.75 -4.67 -23.14
N LEU B 112 -22.88 -5.54 -22.64
CA LEU B 112 -22.88 -6.93 -23.05
C LEU B 112 -24.09 -7.70 -22.54
N VAL B 113 -24.42 -7.51 -21.27
CA VAL B 113 -25.44 -8.33 -20.65
C VAL B 113 -26.65 -7.57 -20.17
N GLY B 114 -26.44 -6.45 -19.49
CA GLY B 114 -27.56 -5.69 -18.96
C GLY B 114 -28.01 -6.14 -17.59
N VAL B 115 -29.06 -5.51 -17.08
CA VAL B 115 -29.51 -5.75 -15.72
C VAL B 115 -29.84 -7.21 -15.53
N LYS B 116 -29.56 -7.70 -14.32
CA LYS B 116 -29.73 -9.09 -13.88
C LYS B 116 -28.97 -10.12 -14.73
N GLY B 117 -28.18 -9.61 -15.68
CA GLY B 117 -27.26 -10.42 -16.47
C GLY B 117 -26.24 -11.19 -15.64
N LYS B 118 -25.72 -12.26 -16.24
CA LYS B 118 -24.81 -13.19 -15.56
C LYS B 118 -23.38 -12.95 -16.01
N ILE B 119 -22.50 -12.76 -15.03
CA ILE B 119 -21.08 -12.55 -15.30
C ILE B 119 -20.21 -13.42 -14.40
N MET B 120 -19.01 -13.70 -14.87
CA MET B 120 -18.00 -14.43 -14.09
C MET B 120 -16.71 -13.65 -14.05
N GLY B 121 -16.11 -13.62 -12.87
CA GLY B 121 -14.83 -12.96 -12.72
C GLY B 121 -14.02 -13.62 -11.62
N MET B 122 -12.74 -13.28 -11.56
CA MET B 122 -11.91 -13.73 -10.46
C MET B 122 -12.23 -13.01 -9.17
N HIS B 123 -12.22 -13.78 -8.08
CA HIS B 123 -12.41 -13.29 -6.74
C HIS B 123 -11.36 -12.30 -6.35
N LEU B 124 -11.76 -11.32 -5.54
CA LEU B 124 -10.86 -10.26 -5.07
C LEU B 124 -9.61 -10.82 -4.40
N CYS B 125 -9.83 -11.69 -3.40
CA CYS B 125 -8.79 -12.38 -2.63
C CYS B 125 -7.85 -13.22 -3.52
N SER B 126 -8.28 -13.49 -4.74
CA SER B 126 -7.46 -14.29 -5.64
C SER B 126 -6.74 -13.43 -6.68
N GLY B 127 -7.04 -12.14 -6.69
CA GLY B 127 -6.37 -11.21 -7.61
C GLY B 127 -7.30 -10.41 -8.47
N GLY B 128 -8.60 -10.72 -8.41
CA GLY B 128 -9.61 -9.98 -9.16
C GLY B 128 -9.89 -8.57 -8.64
N HIS B 129 -10.47 -7.74 -9.51
CA HIS B 129 -10.85 -6.39 -9.14
C HIS B 129 -12.21 -6.39 -8.56
N LEU B 130 -12.55 -5.32 -7.86
CA LEU B 130 -13.90 -5.15 -7.33
C LEU B 130 -14.94 -5.19 -8.45
N THR B 131 -14.65 -4.55 -9.59
CA THR B 131 -15.62 -4.43 -10.69
C THR B 131 -15.92 -5.72 -11.41
N HIS B 132 -15.21 -6.79 -11.05
CA HIS B 132 -15.44 -8.10 -11.65
C HIS B 132 -16.39 -8.91 -10.82
N GLY B 133 -17.45 -8.27 -10.34
CA GLY B 133 -18.52 -8.96 -9.65
C GLY B 133 -18.29 -9.35 -8.20
N PHE B 134 -17.50 -8.56 -7.47
CA PHE B 134 -17.19 -8.89 -6.09
C PHE B 134 -18.33 -8.72 -5.09
N PHE B 135 -18.61 -9.82 -4.38
CA PHE B 135 -19.47 -9.79 -3.20
C PHE B 135 -18.84 -10.61 -2.07
N ASP B 136 -19.25 -10.30 -0.83
CA ASP B 136 -18.92 -11.10 0.35
C ASP B 136 -20.22 -11.81 0.76
N GLU B 137 -20.15 -12.72 1.73
CA GLU B 137 -21.37 -13.34 2.26
C GLU B 137 -22.36 -12.23 2.67
N LYS B 138 -21.91 -11.35 3.57
CA LYS B 138 -22.76 -10.28 4.15
C LYS B 138 -23.34 -9.20 3.23
N LYS B 139 -22.67 -8.89 2.12
CA LYS B 139 -23.14 -7.83 1.22
C LYS B 139 -22.54 -7.97 -0.16
N LYS B 140 -23.32 -7.51 -1.14
CA LYS B 140 -22.87 -7.35 -2.52
C LYS B 140 -22.08 -6.05 -2.58
N VAL B 141 -20.85 -6.10 -2.35
CA VAL B 141 -19.92 -5.00 -2.24
C VAL B 141 -19.74 -4.12 -3.47
N SER B 142 -19.72 -4.75 -4.62
CA SER B 142 -19.68 -4.00 -5.84
C SER B 142 -21.04 -4.02 -6.50
N ILE B 143 -21.38 -2.95 -7.22
CA ILE B 143 -22.59 -2.93 -8.02
C ILE B 143 -22.57 -4.08 -9.04
N THR B 144 -21.37 -4.48 -9.45
CA THR B 144 -21.23 -5.53 -10.46
C THR B 144 -21.73 -6.86 -9.92
N SER B 145 -21.88 -6.94 -8.61
CA SER B 145 -22.40 -8.14 -8.00
C SER B 145 -23.88 -7.98 -7.70
N ASP B 146 -24.36 -6.74 -7.77
CA ASP B 146 -25.75 -6.45 -7.44
C ASP B 146 -26.65 -6.19 -8.65
N MET B 147 -26.16 -5.41 -9.60
CA MET B 147 -26.93 -5.12 -10.80
C MET B 147 -26.73 -6.22 -11.84
N PHE B 148 -25.83 -7.14 -11.50
CA PHE B 148 -25.58 -8.36 -12.26
C PHE B 148 -25.66 -9.54 -11.31
N GLU B 149 -25.81 -10.76 -11.86
CA GLU B 149 -25.68 -11.96 -11.04
C GLU B 149 -24.28 -12.49 -11.29
N SER B 150 -23.45 -12.44 -10.26
CA SER B 150 -22.04 -12.77 -10.41
C SER B 150 -21.65 -14.06 -9.72
N LYS B 151 -20.67 -14.75 -10.31
CA LYS B 151 -20.06 -15.93 -9.71
C LYS B 151 -18.55 -15.76 -9.79
N LEU B 152 -17.82 -16.19 -8.75
CA LEU B 152 -16.39 -15.86 -8.65
C LEU B 152 -15.43 -17.06 -8.60
N TYR B 153 -14.49 -17.11 -9.54
CA TYR B 153 -13.56 -18.22 -9.56
C TYR B 153 -12.25 -17.89 -8.83
N LYS B 154 -11.73 -18.85 -8.07
CA LYS B 154 -10.50 -18.68 -7.28
C LYS B 154 -9.36 -19.40 -7.93
N CYS B 155 -8.14 -18.90 -7.71
CA CYS B 155 -6.90 -19.59 -8.10
C CYS B 155 -6.60 -20.72 -7.14
N ASN B 156 -5.78 -21.68 -7.58
CA ASN B 156 -5.36 -22.80 -6.75
C ASN B 156 -4.40 -22.37 -5.65
N SER B 157 -4.17 -23.25 -4.68
CA SER B 157 -3.30 -22.94 -3.54
C SER B 157 -1.99 -22.35 -4.02
N GLN B 158 -1.54 -22.79 -5.19
CA GLN B 158 -0.29 -22.31 -5.79
C GLN B 158 -0.31 -20.84 -6.20
N GLY B 159 -1.51 -20.27 -6.34
CA GLY B 159 -1.68 -18.87 -6.72
C GLY B 159 -1.83 -18.65 -8.22
N TYR B 160 -2.24 -19.68 -8.95
CA TYR B 160 -2.42 -19.60 -10.40
C TYR B 160 -3.90 -19.80 -10.70
N VAL B 161 -4.35 -19.24 -11.83
CA VAL B 161 -5.71 -19.43 -12.29
C VAL B 161 -5.94 -20.91 -12.57
N ASP B 162 -6.91 -21.52 -11.89
CA ASP B 162 -7.28 -22.92 -12.11
C ASP B 162 -8.35 -22.97 -13.22
N LEU B 163 -7.89 -23.12 -14.46
CA LEU B 163 -8.80 -23.15 -15.61
C LEU B 163 -9.86 -24.27 -15.54
N ASP B 164 -9.50 -25.42 -14.98
CA ASP B 164 -10.49 -26.47 -14.69
C ASP B 164 -11.69 -25.90 -13.93
N ALA B 165 -11.42 -25.20 -12.83
CA ALA B 165 -12.48 -24.62 -12.01
C ALA B 165 -13.41 -23.70 -12.83
N VAL B 166 -12.80 -22.93 -13.72
CA VAL B 166 -13.49 -21.97 -14.56
C VAL B 166 -14.50 -22.66 -15.50
N ARG B 167 -14.15 -23.84 -16.01
CA ARG B 167 -15.09 -24.66 -16.79
C ARG B 167 -16.13 -25.33 -15.89
N GLU B 168 -15.69 -26.04 -14.85
CA GLU B 168 -16.59 -26.56 -13.83
C GLU B 168 -17.66 -25.52 -13.51
N MET B 169 -17.23 -24.28 -13.42
CA MET B 169 -18.12 -23.18 -13.06
C MET B 169 -18.93 -22.66 -14.26
N ALA B 170 -18.23 -22.26 -15.32
CA ALA B 170 -18.89 -21.74 -16.52
C ALA B 170 -20.00 -22.65 -17.10
N LEU B 171 -19.78 -23.97 -17.12
CA LEU B 171 -20.77 -24.88 -17.63
C LEU B 171 -21.97 -25.01 -16.70
N SER B 172 -21.75 -25.05 -15.40
CA SER B 172 -22.91 -25.14 -14.52
C SER B 172 -23.60 -23.78 -14.40
N PHE B 173 -22.89 -22.77 -13.91
CA PHE B 173 -23.42 -21.41 -13.81
C PHE B 173 -23.79 -20.79 -15.18
N LYS B 174 -22.99 -21.05 -16.20
CA LYS B 174 -23.33 -20.67 -17.57
C LYS B 174 -23.54 -19.16 -17.78
N PRO B 175 -22.53 -18.33 -17.49
CA PRO B 175 -22.67 -16.88 -17.55
C PRO B 175 -22.57 -16.37 -18.97
N LYS B 176 -23.01 -15.14 -19.21
CA LYS B 176 -22.94 -14.54 -20.54
C LYS B 176 -21.61 -13.79 -20.77
N VAL B 177 -20.94 -13.39 -19.68
CA VAL B 177 -19.60 -12.81 -19.77
C VAL B 177 -18.65 -13.61 -18.87
N ILE B 178 -17.40 -13.77 -19.32
CA ILE B 178 -16.33 -14.18 -18.43
C ILE B 178 -15.24 -13.11 -18.45
N ILE B 179 -14.85 -12.64 -17.27
CA ILE B 179 -13.79 -11.63 -17.16
C ILE B 179 -12.44 -12.25 -16.76
N CYS B 180 -11.39 -11.87 -17.49
CA CYS B 180 -10.05 -12.22 -17.09
C CYS B 180 -9.25 -10.94 -17.21
N GLY B 181 -8.12 -10.89 -16.53
CA GLY B 181 -7.37 -9.63 -16.39
C GLY B 181 -7.61 -9.14 -14.97
N TYR B 182 -6.52 -8.94 -14.24
CA TYR B 182 -6.64 -8.86 -12.78
C TYR B 182 -5.88 -7.70 -12.17
N THR B 183 -6.07 -7.50 -10.86
CA THR B 183 -5.50 -6.36 -10.17
C THR B 183 -4.18 -6.71 -9.49
N SER B 184 -4.12 -7.87 -8.84
CA SER B 184 -2.87 -8.37 -8.26
C SER B 184 -2.60 -9.79 -8.73
N TYR B 185 -2.21 -9.92 -9.98
CA TYR B 185 -1.86 -11.20 -10.56
C TYR B 185 -0.51 -11.09 -11.23
N PRO B 186 0.47 -11.88 -10.76
CA PRO B 186 1.90 -11.83 -11.13
C PRO B 186 2.30 -12.60 -12.37
N ARG B 187 1.38 -13.37 -12.92
CA ARG B 187 1.68 -14.19 -14.09
C ARG B 187 0.86 -13.76 -15.30
N ASP B 188 1.29 -14.23 -16.48
CA ASP B 188 0.61 -13.94 -17.72
C ASP B 188 -0.67 -14.80 -17.81
N ILE B 189 -1.56 -14.41 -18.73
CA ILE B 189 -2.86 -15.07 -18.89
C ILE B 189 -2.91 -15.91 -20.17
N ASP B 190 -3.50 -17.10 -20.07
CA ASP B 190 -3.82 -17.87 -21.26
C ASP B 190 -5.20 -17.49 -21.79
N TYR B 191 -5.22 -16.47 -22.65
CA TYR B 191 -6.48 -15.93 -23.17
C TYR B 191 -7.17 -16.92 -24.06
N GLN B 192 -6.39 -17.65 -24.85
CA GLN B 192 -6.92 -18.66 -25.78
C GLN B 192 -7.79 -19.63 -25.02
N GLN B 193 -7.28 -20.15 -23.91
CA GLN B 193 -8.06 -21.03 -23.04
C GLN B 193 -9.36 -20.35 -22.62
N PHE B 194 -9.31 -19.04 -22.37
CA PHE B 194 -10.52 -18.31 -21.98
C PHE B 194 -11.50 -18.26 -23.16
N ARG B 195 -10.97 -17.96 -24.35
CA ARG B 195 -11.72 -17.99 -25.60
C ARG B 195 -12.39 -19.35 -25.82
N GLN B 196 -11.66 -20.43 -25.48
CA GLN B 196 -12.12 -21.81 -25.62
C GLN B 196 -13.33 -22.12 -24.73
N ILE B 197 -13.34 -21.59 -23.50
CA ILE B 197 -14.45 -21.86 -22.57
C ILE B 197 -15.67 -20.99 -22.90
N CYS B 198 -15.38 -19.79 -23.37
CA CYS B 198 -16.45 -18.86 -23.69
C CYS B 198 -17.28 -19.40 -24.87
N ASP B 199 -16.59 -19.90 -25.90
CA ASP B 199 -17.24 -20.57 -27.06
C ASP B 199 -18.14 -21.74 -26.66
N GLU B 200 -17.69 -22.57 -25.72
CA GLU B 200 -18.48 -23.71 -25.32
C GLU B 200 -19.81 -23.30 -24.75
N VAL B 201 -19.84 -22.11 -24.16
CA VAL B 201 -21.04 -21.66 -23.45
C VAL B 201 -21.70 -20.43 -24.11
N ASN B 202 -21.20 -20.07 -25.29
CA ASN B 202 -21.67 -18.87 -26.02
C ASN B 202 -21.57 -17.57 -25.17
N ALA B 203 -20.48 -17.46 -24.41
CA ALA B 203 -20.25 -16.30 -23.54
C ALA B 203 -19.30 -15.33 -24.20
N TYR B 204 -19.38 -14.05 -23.81
CA TYR B 204 -18.39 -13.06 -24.24
C TYR B 204 -17.08 -13.21 -23.43
N LEU B 205 -15.96 -12.87 -24.07
CA LEU B 205 -14.65 -12.81 -23.42
C LEU B 205 -14.26 -11.38 -23.06
N PHE B 206 -14.29 -11.09 -21.77
CA PHE B 206 -13.94 -9.78 -21.25
C PHE B 206 -12.53 -9.87 -20.70
N ALA B 207 -11.63 -9.11 -21.33
CA ALA B 207 -10.24 -8.98 -20.88
C ALA B 207 -9.93 -7.58 -20.36
N ASP B 208 -9.64 -7.49 -19.07
CA ASP B 208 -9.27 -6.24 -18.41
C ASP B 208 -7.76 -6.21 -18.24
N ILE B 209 -7.09 -5.44 -19.10
CA ILE B 209 -5.62 -5.35 -19.12
C ILE B 209 -5.05 -4.11 -18.42
N SER B 210 -5.83 -3.50 -17.53
CA SER B 210 -5.47 -2.25 -16.86
C SER B 210 -4.06 -2.29 -16.27
N HIS B 211 -3.72 -3.37 -15.55
CA HIS B 211 -2.39 -3.51 -14.95
C HIS B 211 -1.27 -3.78 -15.91
N ILE B 212 -1.59 -4.42 -17.04
CA ILE B 212 -0.59 -4.95 -17.97
C ILE B 212 -0.72 -4.34 -19.35
N SER B 213 -1.53 -3.30 -19.47
CA SER B 213 -1.78 -2.67 -20.77
C SER B 213 -0.55 -2.45 -21.64
N SER B 214 0.48 -1.81 -21.10
CA SER B 214 1.69 -1.53 -21.86
C SER B 214 2.35 -2.78 -22.39
N PHE B 215 2.41 -3.82 -21.58
CA PHE B 215 3.04 -5.05 -22.03
C PHE B 215 2.37 -5.47 -23.32
N VAL B 216 1.05 -5.58 -23.26
CA VAL B 216 0.24 -6.09 -24.35
C VAL B 216 0.42 -5.24 -25.60
N ALA B 217 0.38 -3.93 -25.44
CA ALA B 217 0.63 -3.07 -26.58
C ALA B 217 1.97 -3.43 -27.22
N CYS B 218 3.03 -3.47 -26.40
CA CYS B 218 4.41 -3.54 -26.87
C CYS B 218 4.85 -4.94 -27.25
N ASN B 219 3.91 -5.88 -27.16
CA ASN B 219 4.13 -7.28 -27.49
C ASN B 219 5.14 -8.06 -26.63
N ILE B 220 5.19 -7.72 -25.34
CA ILE B 220 5.99 -8.45 -24.38
C ILE B 220 5.18 -9.60 -23.77
N LEU B 221 3.87 -9.43 -23.68
CA LEU B 221 3.02 -10.49 -23.12
C LEU B 221 1.94 -10.94 -24.07
N ASN B 222 1.17 -11.94 -23.67
CA ASN B 222 0.08 -12.44 -24.50
C ASN B 222 -0.84 -11.31 -24.95
N ASN B 223 -1.42 -11.48 -26.14
CA ASN B 223 -2.34 -10.48 -26.69
C ASN B 223 -3.78 -10.94 -26.59
N PRO B 224 -4.56 -10.24 -25.76
CA PRO B 224 -5.98 -10.51 -25.59
C PRO B 224 -6.82 -10.15 -26.82
N PHE B 225 -6.32 -9.26 -27.67
CA PHE B 225 -7.07 -8.87 -28.85
C PHE B 225 -7.31 -10.03 -29.82
N LEU B 226 -6.42 -11.01 -29.80
CA LEU B 226 -6.56 -12.17 -30.63
C LEU B 226 -7.81 -12.96 -30.28
N HIS B 227 -8.21 -12.94 -29.02
CA HIS B 227 -9.34 -13.78 -28.61
C HIS B 227 -10.53 -13.08 -28.02
N ALA B 228 -10.39 -11.81 -27.65
CA ALA B 228 -11.43 -11.18 -26.83
C ALA B 228 -12.44 -10.27 -27.54
N ASP B 229 -13.69 -10.36 -27.10
CA ASP B 229 -14.74 -9.47 -27.55
C ASP B 229 -14.60 -8.05 -27.00
N VAL B 230 -14.52 -7.91 -25.67
CA VAL B 230 -14.23 -6.59 -25.10
C VAL B 230 -12.87 -6.51 -24.41
N VAL B 231 -12.18 -5.40 -24.58
CA VAL B 231 -10.98 -5.14 -23.79
C VAL B 231 -11.11 -3.77 -23.13
N THR B 232 -11.06 -3.76 -21.80
CA THR B 232 -11.00 -2.51 -21.02
C THR B 232 -9.61 -2.33 -20.45
N THR B 233 -9.20 -1.08 -20.39
CA THR B 233 -7.98 -0.72 -19.73
C THR B 233 -8.15 0.66 -19.12
N THR B 234 -7.56 0.85 -17.95
CA THR B 234 -7.37 2.19 -17.40
C THR B 234 -6.18 2.75 -18.13
N THR B 235 -5.90 4.03 -17.94
CA THR B 235 -4.81 4.66 -18.68
C THR B 235 -3.74 5.30 -17.80
N HIS B 236 -3.86 5.15 -16.49
CA HIS B 236 -2.99 5.84 -15.52
C HIS B 236 -1.99 4.94 -14.84
N LYS B 237 -1.99 3.65 -15.19
CA LYS B 237 -1.10 2.73 -14.52
C LYS B 237 0.19 2.56 -15.32
N ILE B 238 0.46 1.32 -15.73
CA ILE B 238 1.64 1.02 -16.52
C ILE B 238 1.67 1.88 -17.78
N LEU B 239 0.49 2.22 -18.30
CA LEU B 239 0.37 3.10 -19.47
C LEU B 239 0.83 4.51 -19.18
N ARG B 240 0.81 4.89 -17.91
CA ARG B 240 1.39 6.17 -17.50
C ARG B 240 0.69 7.39 -18.08
N GLY B 241 -0.62 7.27 -18.31
CA GLY B 241 -1.40 8.39 -18.80
C GLY B 241 -2.15 9.05 -17.67
N PRO B 242 -3.21 9.78 -18.01
CA PRO B 242 -4.06 10.44 -17.04
C PRO B 242 -5.02 9.44 -16.44
N ARG B 243 -5.82 9.85 -15.46
CA ARG B 243 -6.79 8.93 -14.90
C ARG B 243 -8.02 8.89 -15.79
N SER B 244 -8.21 7.75 -16.44
CA SER B 244 -9.24 7.57 -17.45
C SER B 244 -9.31 6.13 -17.87
N ALA B 245 -10.26 5.81 -18.73
CA ALA B 245 -10.36 4.47 -19.23
C ALA B 245 -10.67 4.38 -20.74
N LEU B 246 -10.31 3.26 -21.34
CA LEU B 246 -10.65 2.91 -22.72
C LEU B 246 -11.43 1.62 -22.75
N ILE B 247 -12.51 1.57 -23.54
CA ILE B 247 -13.22 0.33 -23.81
C ILE B 247 -13.01 -0.06 -25.27
N PHE B 248 -12.47 -1.27 -25.47
CA PHE B 248 -12.22 -1.83 -26.80
C PHE B 248 -13.20 -2.92 -27.15
N PHE B 249 -13.78 -2.86 -28.35
CA PHE B 249 -14.73 -3.88 -28.78
C PHE B 249 -14.43 -4.45 -30.17
N ASN B 250 -14.57 -5.76 -30.30
CA ASN B 250 -14.41 -6.43 -31.59
C ASN B 250 -15.68 -6.42 -32.43
N LYS B 251 -15.67 -5.54 -33.42
CA LYS B 251 -16.75 -5.38 -34.39
C LYS B 251 -16.94 -6.62 -35.29
N LYS B 252 -15.85 -7.29 -35.67
CA LYS B 252 -15.93 -8.43 -36.59
C LYS B 252 -16.48 -9.68 -35.92
N ARG B 253 -16.12 -9.86 -34.66
CA ARG B 253 -16.65 -10.98 -33.93
C ARG B 253 -18.06 -10.62 -33.46
N ASN B 254 -18.31 -9.32 -33.26
CA ASN B 254 -19.59 -8.88 -32.71
C ASN B 254 -20.11 -7.60 -33.34
N PRO B 255 -20.70 -7.71 -34.53
CA PRO B 255 -21.27 -6.53 -35.18
C PRO B 255 -22.39 -5.94 -34.31
N GLY B 256 -22.60 -4.63 -34.42
CA GLY B 256 -23.61 -3.92 -33.60
C GLY B 256 -23.33 -3.94 -32.09
N ILE B 257 -22.06 -4.14 -31.73
CA ILE B 257 -21.62 -4.05 -30.34
C ILE B 257 -21.15 -2.62 -30.18
N GLU B 258 -20.90 -1.96 -31.32
CA GLU B 258 -20.50 -0.57 -31.32
C GLU B 258 -21.54 0.33 -30.66
N GLN B 259 -22.76 0.34 -31.20
CA GLN B 259 -23.82 1.16 -30.65
C GLN B 259 -24.10 0.72 -29.20
N LYS B 260 -24.14 -0.59 -28.96
CA LYS B 260 -24.32 -1.16 -27.62
C LYS B 260 -23.35 -0.61 -26.55
N ILE B 261 -22.07 -0.55 -26.89
CA ILE B 261 -21.04 -0.06 -25.99
C ILE B 261 -21.06 1.47 -25.97
N ASN B 262 -21.23 2.08 -27.13
CA ASN B 262 -21.21 3.55 -27.23
C ASN B 262 -22.37 4.19 -26.50
N SER B 263 -23.51 3.49 -26.47
CA SER B 263 -24.69 3.99 -25.78
C SER B 263 -24.71 3.64 -24.31
N ALA B 264 -24.03 2.57 -23.92
CA ALA B 264 -23.79 2.24 -22.52
C ALA B 264 -23.02 3.36 -21.84
N VAL B 265 -21.99 3.85 -22.50
CA VAL B 265 -21.19 4.94 -21.97
C VAL B 265 -22.03 6.22 -21.84
N PHE B 266 -22.53 6.72 -22.96
CA PHE B 266 -23.57 7.75 -22.94
C PHE B 266 -24.62 7.32 -23.92
N PRO B 267 -25.90 7.53 -23.61
CA PRO B 267 -26.43 8.16 -22.41
C PRO B 267 -26.87 7.23 -21.29
N SER B 268 -26.54 5.94 -21.37
CA SER B 268 -26.91 5.07 -20.28
C SER B 268 -26.33 5.53 -18.94
N PHE B 269 -25.00 5.74 -18.89
CA PHE B 269 -24.31 6.00 -17.65
C PHE B 269 -23.78 7.40 -17.45
N GLN B 270 -23.14 7.95 -18.47
CA GLN B 270 -22.46 9.22 -18.29
C GLN B 270 -23.22 10.40 -18.86
N GLY B 271 -22.72 11.60 -18.58
CA GLY B 271 -23.19 12.85 -19.19
C GLY B 271 -22.11 13.37 -20.12
N GLY B 272 -21.71 14.63 -19.95
CA GLY B 272 -20.64 15.23 -20.74
C GLY B 272 -19.34 14.45 -20.60
N PRO B 273 -18.54 14.34 -21.68
CA PRO B 273 -17.24 13.72 -21.47
C PRO B 273 -16.28 14.73 -20.86
N HIS B 274 -15.21 14.24 -20.27
CA HIS B 274 -14.18 15.14 -19.72
C HIS B 274 -13.09 15.27 -20.74
N ASN B 275 -13.13 16.37 -21.49
CA ASN B 275 -12.31 16.51 -22.69
C ASN B 275 -10.82 16.69 -22.37
N ASN B 276 -10.52 17.17 -21.18
CA ASN B 276 -9.14 17.25 -20.71
C ASN B 276 -8.59 15.86 -20.47
N LYS B 277 -9.43 14.98 -19.95
CA LYS B 277 -9.07 13.57 -19.86
C LYS B 277 -8.72 13.11 -21.26
N ILE B 278 -9.67 13.20 -22.17
CA ILE B 278 -9.48 12.79 -23.56
C ILE B 278 -8.20 13.41 -24.18
N ALA B 279 -8.07 14.73 -24.05
CA ALA B 279 -6.87 15.45 -24.50
C ALA B 279 -5.59 14.89 -23.90
N ALA B 280 -5.61 14.60 -22.60
CA ALA B 280 -4.43 14.03 -21.94
C ALA B 280 -4.14 12.60 -22.38
N VAL B 281 -5.19 11.84 -22.63
CA VAL B 281 -5.01 10.46 -23.01
C VAL B 281 -4.34 10.44 -24.37
N ALA B 282 -4.85 11.29 -25.27
CA ALA B 282 -4.33 11.39 -26.62
C ALA B 282 -2.84 11.58 -26.57
N CYS B 283 -2.43 12.59 -25.83
CA CYS B 283 -1.04 12.93 -25.65
C CYS B 283 -0.16 11.73 -25.27
N GLN B 284 -0.63 10.91 -24.34
CA GLN B 284 0.15 9.80 -23.83
C GLN B 284 0.18 8.67 -24.82
N LEU B 285 -0.96 8.44 -25.47
CA LEU B 285 -1.06 7.42 -26.48
C LEU B 285 -0.07 7.61 -27.65
N LYS B 286 0.23 8.87 -27.99
CA LYS B 286 1.31 9.12 -28.97
C LYS B 286 2.59 8.50 -28.44
N GLU B 287 2.99 8.92 -27.24
CA GLU B 287 4.16 8.36 -26.57
C GLU B 287 4.11 6.83 -26.49
N VAL B 288 2.95 6.25 -26.21
CA VAL B 288 2.91 4.79 -26.07
C VAL B 288 3.50 4.09 -27.30
N HIS B 289 3.16 4.58 -28.50
CA HIS B 289 3.55 3.92 -29.76
C HIS B 289 5.02 4.02 -30.20
N SER B 290 5.78 4.93 -29.59
CA SER B 290 7.18 5.16 -29.95
C SER B 290 8.02 3.96 -29.52
N PRO B 291 9.15 3.70 -30.23
CA PRO B 291 10.06 2.60 -29.86
C PRO B 291 10.68 2.81 -28.48
N ALA B 292 10.84 4.09 -28.11
CA ALA B 292 11.34 4.53 -26.81
C ALA B 292 10.51 4.08 -25.59
N PHE B 293 9.20 3.94 -25.74
CA PHE B 293 8.35 3.59 -24.61
C PHE B 293 8.44 2.09 -24.41
N LYS B 294 8.65 1.36 -25.52
CA LYS B 294 8.85 -0.09 -25.47
C LYS B 294 10.06 -0.35 -24.60
N GLU B 295 11.00 0.59 -24.65
CA GLU B 295 12.18 0.49 -23.83
C GLU B 295 11.77 0.53 -22.36
N TYR B 296 10.98 1.55 -21.99
CA TYR B 296 10.51 1.73 -20.64
C TYR B 296 9.80 0.48 -20.13
N THR B 297 8.91 -0.06 -20.95
CA THR B 297 8.15 -1.26 -20.58
C THR B 297 9.07 -2.45 -20.35
N GLN B 298 10.06 -2.62 -21.23
CA GLN B 298 11.00 -3.72 -21.05
C GLN B 298 11.76 -3.54 -19.76
N GLN B 299 12.09 -2.28 -19.46
CA GLN B 299 12.78 -1.90 -18.24
C GLN B 299 11.99 -2.25 -17.00
N VAL B 300 10.70 -1.91 -17.01
CA VAL B 300 9.74 -2.34 -15.99
C VAL B 300 9.89 -3.84 -15.65
N LEU B 301 9.79 -4.70 -16.66
CA LEU B 301 9.86 -6.15 -16.43
C LEU B 301 11.26 -6.55 -15.99
N LEU B 302 12.28 -5.95 -16.61
CA LEU B 302 13.67 -6.22 -16.26
C LEU B 302 13.82 -6.03 -14.77
N ASN B 303 13.32 -4.89 -14.28
CA ASN B 303 13.32 -4.51 -12.86
C ASN B 303 12.54 -5.44 -11.95
N SER B 304 11.36 -5.81 -12.41
CA SER B 304 10.49 -6.73 -11.69
C SER B 304 11.09 -8.14 -11.62
N LYS B 305 11.75 -8.55 -12.69
CA LYS B 305 12.49 -9.81 -12.73
C LYS B 305 13.64 -9.77 -11.73
N ALA B 306 14.32 -8.62 -11.68
CA ALA B 306 15.47 -8.47 -10.81
C ALA B 306 15.07 -8.37 -9.35
N LEU B 307 13.96 -7.69 -9.08
CA LEU B 307 13.45 -7.51 -7.74
C LEU B 307 13.00 -8.83 -7.14
N ALA B 308 12.27 -9.61 -7.93
CA ALA B 308 11.84 -10.95 -7.56
C ALA B 308 13.04 -11.81 -7.16
N LYS B 309 14.02 -11.87 -8.06
CA LYS B 309 15.25 -12.63 -7.85
C LYS B 309 15.92 -12.21 -6.56
N ALA B 310 16.07 -10.89 -6.38
CA ALA B 310 16.75 -10.33 -5.22
C ALA B 310 16.01 -10.69 -3.93
N LEU B 311 14.68 -10.62 -3.99
CA LEU B 311 13.85 -10.96 -2.84
C LEU B 311 13.96 -12.45 -2.45
N ILE B 312 14.04 -13.32 -3.44
CA ILE B 312 14.17 -14.76 -3.21
C ILE B 312 15.53 -15.08 -2.63
N SER B 313 16.56 -14.38 -3.11
CA SER B 313 17.92 -14.54 -2.59
C SER B 313 17.99 -14.18 -1.10
N LYS B 314 16.97 -13.48 -0.62
CA LYS B 314 16.89 -13.09 0.78
C LYS B 314 15.88 -13.94 1.51
N GLN B 315 15.58 -15.12 1.00
CA GLN B 315 14.66 -16.06 1.67
C GLN B 315 13.25 -15.50 1.86
N ILE B 316 12.76 -14.78 0.87
CA ILE B 316 11.41 -14.20 0.90
C ILE B 316 10.53 -14.90 -0.12
N ASP B 317 9.40 -15.43 0.36
CA ASP B 317 8.46 -16.15 -0.48
C ASP B 317 7.55 -15.24 -1.29
N LEU B 318 7.53 -15.49 -2.60
CA LEU B 318 6.65 -14.81 -3.55
C LEU B 318 5.55 -15.74 -3.96
N VAL B 319 4.36 -15.22 -4.26
CA VAL B 319 3.27 -16.06 -4.74
C VAL B 319 3.53 -16.35 -6.21
N THR B 320 3.45 -17.63 -6.58
CA THR B 320 3.90 -18.16 -7.88
C THR B 320 5.41 -18.07 -7.99
N ASN B 321 6.09 -17.98 -6.82
CA ASN B 321 7.55 -17.90 -6.74
C ASN B 321 8.23 -17.05 -7.82
N GLY B 322 7.59 -15.96 -8.22
CA GLY B 322 8.15 -15.06 -9.23
C GLY B 322 7.09 -14.28 -9.98
N THR B 323 7.50 -13.64 -11.06
CA THR B 323 6.64 -12.72 -11.80
C THR B 323 6.82 -12.86 -13.32
N ASP B 324 5.72 -12.69 -14.07
CA ASP B 324 5.79 -12.53 -15.52
C ASP B 324 5.65 -11.08 -15.92
N ASN B 325 5.28 -10.23 -14.97
CA ASN B 325 4.99 -8.83 -15.29
C ASN B 325 5.70 -7.83 -14.37
N HIS B 326 4.96 -6.79 -14.01
CA HIS B 326 5.48 -5.67 -13.26
C HIS B 326 5.26 -5.85 -11.79
N LEU B 327 4.54 -6.92 -11.40
CA LEU B 327 4.17 -7.06 -10.00
C LEU B 327 4.50 -8.36 -9.29
N ILE B 328 4.87 -8.21 -8.03
CA ILE B 328 5.19 -9.30 -7.15
C ILE B 328 4.19 -9.21 -6.01
N VAL B 329 3.79 -10.35 -5.48
CA VAL B 329 3.05 -10.39 -4.23
C VAL B 329 3.87 -11.21 -3.27
N VAL B 330 4.42 -10.57 -2.26
CA VAL B 330 5.17 -11.24 -1.21
C VAL B 330 4.19 -11.93 -0.25
N ASP B 331 4.47 -13.20 0.04
CA ASP B 331 3.81 -14.03 1.05
C ASP B 331 4.56 -13.88 2.38
N LEU B 332 3.84 -13.50 3.43
CA LEU B 332 4.54 -13.13 4.68
C LEU B 332 4.48 -14.17 5.82
N ARG B 333 3.92 -15.34 5.55
CA ARG B 333 3.68 -16.35 6.59
C ARG B 333 4.89 -16.82 7.38
N LYS B 334 5.99 -17.16 6.70
CA LYS B 334 7.22 -17.58 7.38
C LYS B 334 7.70 -16.56 8.43
N PHE B 335 7.22 -15.33 8.32
CA PHE B 335 7.60 -14.27 9.24
C PHE B 335 6.53 -13.99 10.30
N SER B 336 5.37 -14.59 10.14
CA SER B 336 4.24 -14.44 11.07
C SER B 336 3.80 -12.99 11.31
N ILE B 337 3.95 -12.14 10.30
CA ILE B 337 3.43 -10.76 10.34
C ILE B 337 2.44 -10.54 9.19
N THR B 338 1.41 -9.72 9.42
CA THR B 338 0.41 -9.45 8.38
C THR B 338 0.93 -8.42 7.38
N GLY B 339 0.21 -8.27 6.27
CA GLY B 339 0.48 -7.20 5.32
C GLY B 339 0.23 -5.85 5.95
N SER B 340 -0.91 -5.71 6.63
CA SER B 340 -1.29 -4.45 7.26
C SER B 340 -0.13 -3.83 8.07
N LYS B 341 0.47 -4.62 8.95
CA LYS B 341 1.63 -4.18 9.71
C LYS B 341 2.78 -3.68 8.84
N LEU B 342 3.19 -4.49 7.86
CA LEU B 342 4.34 -4.17 7.03
C LEU B 342 4.10 -2.91 6.20
N GLN B 343 2.85 -2.68 5.83
CA GLN B 343 2.49 -1.47 5.10
C GLN B 343 2.82 -0.26 5.97
N GLU B 344 2.39 -0.36 7.23
CA GLU B 344 2.59 0.68 8.21
C GLU B 344 4.07 0.91 8.42
N THR B 345 4.82 -0.19 8.56
CA THR B 345 6.27 -0.11 8.74
C THR B 345 6.94 0.61 7.57
N CYS B 346 6.32 0.47 6.41
CA CYS B 346 6.88 0.96 5.19
C CYS B 346 6.52 2.43 4.98
N ASN B 347 5.31 2.79 5.38
CA ASN B 347 4.87 4.18 5.24
C ASN B 347 5.80 5.03 6.11
N ALA B 348 6.10 4.53 7.33
CA ALA B 348 7.09 5.16 8.20
C ALA B 348 8.45 5.43 7.51
N ILE B 349 8.87 4.57 6.57
CA ILE B 349 10.14 4.81 5.87
C ILE B 349 10.03 5.34 4.43
N ASN B 350 8.89 5.94 4.08
CA ASN B 350 8.62 6.38 2.70
C ASN B 350 8.74 5.26 1.64
N VAL B 351 8.21 4.09 2.00
CA VAL B 351 8.06 2.96 1.10
C VAL B 351 6.56 2.75 0.96
N SER B 352 6.04 3.06 -0.20
CA SER B 352 4.62 2.87 -0.50
C SER B 352 4.37 1.50 -1.11
N LEU B 353 3.49 0.75 -0.47
CA LEU B 353 3.07 -0.56 -0.92
C LEU B 353 1.71 -0.85 -0.29
N ASN B 354 1.13 -2.00 -0.59
CA ASN B 354 -0.21 -2.27 -0.11
C ASN B 354 -0.41 -3.70 0.31
N LYS B 355 -1.16 -3.88 1.38
CA LYS B 355 -1.53 -5.19 1.83
C LYS B 355 -2.31 -5.89 0.73
N ASN B 356 -2.16 -7.20 0.66
CA ASN B 356 -2.74 -8.01 -0.40
C ASN B 356 -3.01 -9.40 0.15
N THR B 357 -4.06 -10.03 -0.32
CA THR B 357 -4.39 -11.38 0.09
C THR B 357 -3.53 -12.43 -0.60
N ILE B 358 -3.56 -13.64 -0.05
CA ILE B 358 -2.91 -14.81 -0.64
C ILE B 358 -3.91 -15.95 -0.69
N PRO B 359 -3.56 -17.07 -1.34
CA PRO B 359 -4.45 -18.22 -1.45
C PRO B 359 -4.92 -18.80 -0.11
N SER B 360 -4.02 -18.84 0.88
CA SER B 360 -4.39 -19.35 2.18
C SER B 360 -5.36 -18.40 2.88
N ASP B 361 -5.34 -17.12 2.49
CA ASP B 361 -6.15 -16.11 3.20
C ASP B 361 -7.64 -16.36 3.11
N VAL B 362 -8.35 -15.98 4.17
CA VAL B 362 -9.80 -16.17 4.29
C VAL B 362 -10.52 -14.89 4.76
N ASP B 363 -9.82 -13.76 4.68
CA ASP B 363 -10.35 -12.48 5.11
C ASP B 363 -9.64 -11.37 4.36
N CYS B 364 -10.36 -10.28 4.06
CA CYS B 364 -9.77 -9.10 3.40
C CYS B 364 -9.22 -8.15 4.44
N VAL B 365 -9.29 -8.59 5.70
CA VAL B 365 -8.72 -7.88 6.81
C VAL B 365 -7.73 -8.84 7.47
N SER B 366 -6.53 -8.32 7.76
CA SER B 366 -5.38 -9.15 8.16
C SER B 366 -4.95 -10.11 7.04
N PRO B 367 -4.78 -9.60 5.81
CA PRO B 367 -4.26 -10.42 4.68
C PRO B 367 -2.78 -10.80 4.89
N SER B 368 -2.30 -11.81 4.18
CA SER B 368 -0.96 -12.35 4.49
C SER B 368 0.14 -11.92 3.53
N GLY B 369 -0.10 -10.83 2.80
CA GLY B 369 0.87 -10.39 1.83
C GLY B 369 0.93 -8.90 1.57
N VAL B 370 1.94 -8.51 0.82
CA VAL B 370 2.02 -7.18 0.27
C VAL B 370 2.23 -7.30 -1.23
N ARG B 371 1.55 -6.44 -2.00
CA ARG B 371 1.75 -6.38 -3.43
C ARG B 371 2.61 -5.20 -3.81
N ILE B 372 3.74 -5.47 -4.44
CA ILE B 372 4.63 -4.46 -4.94
C ILE B 372 4.70 -4.56 -6.47
N GLY B 373 5.08 -3.48 -7.13
CA GLY B 373 5.32 -3.47 -8.57
C GLY B 373 6.35 -2.44 -8.98
N THR B 374 6.84 -2.51 -10.22
CA THR B 374 7.97 -1.65 -10.62
C THR B 374 7.71 -0.43 -11.53
N PRO B 375 6.49 -0.25 -12.05
CA PRO B 375 6.32 0.82 -13.04
C PRO B 375 6.73 2.24 -12.60
N ALA B 376 6.43 2.62 -11.36
CA ALA B 376 6.78 3.98 -10.89
C ALA B 376 8.30 4.23 -10.81
N MET B 377 9.00 3.34 -10.10
CA MET B 377 10.44 3.47 -9.88
C MET B 377 11.26 3.41 -11.17
N THR B 378 10.84 2.53 -12.09
CA THR B 378 11.43 2.49 -13.42
C THR B 378 11.28 3.88 -14.05
N THR B 379 10.11 4.49 -13.88
CA THR B 379 9.89 5.85 -14.35
C THR B 379 10.94 6.79 -13.76
N ARG B 380 11.24 6.65 -12.47
CA ARG B 380 12.28 7.46 -11.85
C ARG B 380 13.68 7.19 -12.42
N GLY B 381 13.80 6.17 -13.27
CA GLY B 381 15.09 5.83 -13.87
C GLY B 381 15.89 4.74 -13.16
N ALA B 382 15.23 3.99 -12.29
CA ALA B 382 15.89 2.90 -11.60
C ALA B 382 16.21 1.77 -12.58
N LYS B 383 17.36 1.13 -12.38
CA LYS B 383 17.78 0.03 -13.23
C LYS B 383 17.91 -1.23 -12.37
N GLU B 384 18.21 -2.36 -13.01
CA GLU B 384 18.22 -3.65 -12.34
C GLU B 384 19.07 -3.68 -11.10
N LYS B 385 20.24 -3.05 -11.17
CA LYS B 385 21.15 -2.96 -10.03
C LYS B 385 20.51 -2.30 -8.80
N ASP B 386 19.58 -1.37 -9.05
CA ASP B 386 18.92 -0.64 -7.98
C ASP B 386 17.86 -1.48 -7.29
N MET B 387 17.60 -2.66 -7.84
CA MET B 387 16.60 -3.56 -7.29
C MET B 387 17.09 -4.30 -6.05
N GLU B 388 18.39 -4.50 -5.91
CA GLU B 388 18.94 -5.13 -4.70
C GLU B 388 18.63 -4.26 -3.48
N PHE B 389 18.96 -2.97 -3.61
CA PHE B 389 18.68 -1.97 -2.59
C PHE B 389 17.22 -1.92 -2.10
N ILE B 390 16.28 -1.96 -3.04
CA ILE B 390 14.86 -2.00 -2.66
C ILE B 390 14.55 -3.33 -1.94
N ALA B 391 15.08 -4.42 -2.47
CA ALA B 391 14.96 -5.72 -1.82
C ALA B 391 15.53 -5.64 -0.42
N ASP B 392 16.71 -5.01 -0.30
CA ASP B 392 17.38 -4.76 0.97
C ASP B 392 16.48 -3.95 1.93
N VAL B 393 15.87 -2.89 1.43
CA VAL B 393 14.97 -2.08 2.25
C VAL B 393 13.79 -2.91 2.73
N LEU B 394 13.16 -3.65 1.83
CA LEU B 394 12.00 -4.49 2.20
C LEU B 394 12.34 -5.57 3.23
N ALA B 395 13.47 -6.25 3.03
CA ALA B 395 13.97 -7.20 4.01
C ALA B 395 14.08 -6.56 5.40
N ARG B 396 14.72 -5.39 5.47
CA ARG B 396 14.93 -4.67 6.72
C ARG B 396 13.59 -4.24 7.34
N ALA B 397 12.69 -3.72 6.51
CA ALA B 397 11.32 -3.45 6.91
C ALA B 397 10.67 -4.67 7.53
N ILE B 398 10.76 -5.81 6.85
CA ILE B 398 10.18 -7.04 7.36
C ILE B 398 10.79 -7.43 8.71
N LYS B 399 12.12 -7.36 8.79
CA LYS B 399 12.79 -7.61 10.07
C LYS B 399 12.28 -6.70 11.20
N ILE B 400 12.35 -5.40 10.99
CA ILE B 400 11.93 -4.42 11.99
C ILE B 400 10.50 -4.67 12.45
N THR B 401 9.67 -5.17 11.52
CA THR B 401 8.28 -5.47 11.80
C THR B 401 8.13 -6.63 12.77
N VAL B 402 9.02 -7.62 12.64
CA VAL B 402 8.95 -8.82 13.47
C VAL B 402 9.38 -8.45 14.89
N ASP B 403 10.38 -7.56 14.97
CA ASP B 403 10.85 -7.00 16.24
C ASP B 403 9.74 -6.24 16.96
N LEU B 404 9.08 -5.33 16.24
CA LEU B 404 8.00 -4.50 16.81
C LEU B 404 6.78 -5.34 17.21
N GLN B 405 6.53 -6.41 16.48
CA GLN B 405 5.41 -7.28 16.78
C GLN B 405 5.69 -8.10 18.02
N GLU B 406 6.98 -8.43 18.19
CA GLU B 406 7.46 -9.13 19.37
C GLU B 406 7.33 -8.26 20.62
N GLN B 407 7.77 -7.00 20.50
CA GLN B 407 7.79 -6.05 21.61
C GLN B 407 6.38 -5.55 22.03
N TYR B 408 5.62 -5.02 21.08
CA TYR B 408 4.33 -4.40 21.40
C TYR B 408 3.11 -5.28 21.23
N GLY B 409 3.26 -6.48 20.65
CA GLY B 409 2.14 -7.41 20.49
C GLY B 409 1.65 -7.60 19.06
N LYS B 410 0.75 -8.55 18.88
CA LYS B 410 0.19 -8.84 17.57
C LYS B 410 -0.95 -7.90 17.15
N LYS B 411 -1.33 -6.96 18.01
CA LYS B 411 -2.49 -6.11 17.77
C LYS B 411 -2.07 -4.80 17.10
N LEU B 412 -2.90 -4.31 16.18
CA LEU B 412 -2.51 -3.22 15.29
C LEU B 412 -2.11 -1.90 15.92
N VAL B 413 -3.03 -1.28 16.68
CA VAL B 413 -2.71 0.01 17.32
C VAL B 413 -1.45 -0.10 18.21
N ASP B 414 -1.37 -1.21 18.93
CA ASP B 414 -0.22 -1.54 19.75
C ASP B 414 1.02 -1.57 18.88
N PHE B 415 0.95 -2.27 17.75
CA PHE B 415 2.06 -2.34 16.82
C PHE B 415 2.43 -0.94 16.34
N LYS B 416 1.43 -0.12 16.03
CA LYS B 416 1.69 1.25 15.57
C LYS B 416 2.41 2.07 16.63
N LYS B 417 2.15 1.76 17.91
CA LYS B 417 2.66 2.57 19.02
C LYS B 417 4.18 2.55 19.04
N GLY B 418 4.74 1.42 18.60
CA GLY B 418 6.18 1.27 18.47
C GLY B 418 6.78 2.02 17.30
N LEU B 419 5.93 2.41 16.34
CA LEU B 419 6.40 2.86 15.02
C LEU B 419 7.09 4.23 15.03
N PRO B 420 6.49 5.22 15.73
CA PRO B 420 7.07 6.56 15.68
C PRO B 420 8.23 6.67 16.66
N GLY B 421 9.25 7.44 16.28
CA GLY B 421 10.46 7.58 17.09
C GLY B 421 11.48 6.46 17.06
N ASN B 422 11.17 5.34 16.40
CA ASN B 422 12.08 4.18 16.35
C ASN B 422 13.41 4.51 15.67
N ALA B 423 14.49 4.36 16.44
CA ALA B 423 15.84 4.65 15.95
C ALA B 423 16.12 4.09 14.55
N GLN B 424 15.71 2.85 14.30
CA GLN B 424 16.09 2.14 13.07
C GLN B 424 15.29 2.57 11.85
N LEU B 425 14.00 2.82 12.05
CA LEU B 425 13.14 3.35 11.02
C LEU B 425 13.57 4.76 10.59
N GLN B 426 14.06 5.55 11.52
CA GLN B 426 14.53 6.90 11.18
C GLN B 426 15.78 6.82 10.32
N GLN B 427 16.66 5.86 10.60
CA GLN B 427 17.88 5.65 9.81
C GLN B 427 17.53 5.11 8.43
N LEU B 428 16.48 4.30 8.38
CA LEU B 428 16.09 3.68 7.14
C LEU B 428 15.32 4.67 6.27
N LYS B 429 14.46 5.48 6.89
CA LYS B 429 13.77 6.57 6.19
C LYS B 429 14.77 7.52 5.53
N GLN B 430 15.71 8.01 6.34
CA GLN B 430 16.74 8.91 5.87
C GLN B 430 17.33 8.29 4.63
N GLU B 431 17.74 7.03 4.80
CA GLU B 431 18.36 6.21 3.76
C GLU B 431 17.49 6.15 2.50
N VAL B 432 16.19 5.92 2.68
CA VAL B 432 15.23 5.91 1.58
C VAL B 432 15.16 7.26 0.88
N VAL B 433 14.81 8.31 1.67
CA VAL B 433 14.67 9.68 1.20
C VAL B 433 15.92 10.15 0.46
N THR B 434 17.10 9.77 0.94
CA THR B 434 18.33 10.21 0.33
C THR B 434 18.40 9.71 -1.09
N TRP B 435 18.16 8.41 -1.26
CA TRP B 435 18.32 7.80 -2.57
C TRP B 435 17.22 8.21 -3.50
N ALA B 436 16.01 8.36 -2.96
CA ALA B 436 14.81 8.68 -3.74
C ALA B 436 14.77 10.13 -4.19
N GLY B 437 15.05 11.03 -3.25
CA GLY B 437 15.01 12.47 -3.48
C GLY B 437 15.88 12.91 -4.64
N ALA B 438 16.91 12.12 -4.94
CA ALA B 438 17.86 12.46 -5.99
C ALA B 438 17.57 11.82 -7.36
N LEU B 439 16.46 11.10 -7.46
CA LEU B 439 16.11 10.46 -8.72
C LEU B 439 15.37 11.42 -9.62
N PRO B 440 15.48 11.23 -10.96
CA PRO B 440 14.70 12.02 -11.91
C PRO B 440 13.20 12.06 -11.56
N PHE B 441 12.63 13.27 -11.57
CA PHE B 441 11.24 13.49 -11.20
C PHE B 441 10.56 14.35 -12.26
N PRO B 442 9.61 13.76 -13.00
CA PRO B 442 8.79 14.54 -13.90
C PRO B 442 7.91 15.50 -13.10
N MET C 1 50.50 -41.37 57.27
CA MET C 1 51.53 -40.32 57.56
C MET C 1 51.06 -39.02 56.92
N PHE C 2 49.76 -38.75 57.12
CA PHE C 2 49.11 -37.57 56.55
C PHE C 2 48.50 -36.66 57.63
N ASN C 3 48.16 -35.43 57.25
CA ASN C 3 47.35 -34.54 58.10
C ASN C 3 45.87 -34.53 57.71
N ASN C 4 45.00 -34.84 58.67
CA ASN C 4 43.57 -34.99 58.40
C ASN C 4 42.70 -33.87 58.99
N GLU C 5 43.35 -32.82 59.48
CA GLU C 5 42.65 -31.62 59.95
C GLU C 5 41.82 -31.02 58.80
N PRO C 6 40.53 -30.70 59.06
CA PRO C 6 39.61 -30.04 58.10
C PRO C 6 40.15 -28.73 57.54
N LEU C 7 39.63 -28.32 56.38
CA LEU C 7 40.14 -27.15 55.65
C LEU C 7 40.28 -25.89 56.51
N GLU C 8 39.27 -25.62 57.35
CA GLU C 8 39.25 -24.47 58.26
C GLU C 8 40.40 -24.43 59.28
N GLN C 9 40.65 -25.56 59.94
CA GLN C 9 41.82 -25.65 60.83
C GLN C 9 43.15 -25.82 60.07
N ILE C 10 43.17 -26.64 59.01
CA ILE C 10 44.43 -26.92 58.26
C ILE C 10 45.00 -25.68 57.59
N ASP C 11 44.14 -24.92 56.93
CA ASP C 11 44.61 -23.72 56.25
C ASP C 11 43.59 -22.61 56.41
N LYS C 12 43.68 -21.88 57.53
CA LYS C 12 42.74 -20.81 57.84
C LYS C 12 42.77 -19.68 56.83
N GLU C 13 43.97 -19.29 56.37
CA GLU C 13 44.10 -18.22 55.38
C GLU C 13 43.21 -18.42 54.14
N LEU C 14 43.27 -19.63 53.56
CA LEU C 14 42.52 -19.99 52.36
C LEU C 14 41.01 -20.09 52.59
N HIS C 15 40.61 -20.70 53.71
CA HIS C 15 39.21 -20.90 54.02
C HIS C 15 38.55 -19.57 54.20
N ASP C 16 39.35 -18.58 54.59
CA ASP C 16 38.86 -17.20 54.70
C ASP C 16 38.34 -16.76 53.35
N ILE C 17 39.25 -16.67 52.38
CA ILE C 17 38.94 -16.24 51.02
C ILE C 17 37.83 -17.08 50.36
N LEU C 18 37.83 -18.38 50.62
CA LEU C 18 36.82 -19.28 50.06
C LEU C 18 35.41 -18.99 50.58
N ALA C 19 35.29 -18.65 51.86
CA ALA C 19 34.02 -18.22 52.44
C ALA C 19 33.69 -16.79 52.00
N ASP C 20 34.73 -15.99 51.75
CA ASP C 20 34.55 -14.67 51.15
C ASP C 20 33.98 -14.80 49.74
N GLU C 21 34.58 -15.69 48.94
CA GLU C 21 34.11 -15.95 47.59
C GLU C 21 32.66 -16.35 47.68
N GLU C 22 32.37 -17.27 48.58
CA GLU C 22 31.01 -17.76 48.78
C GLU C 22 30.05 -16.60 49.03
N LYS C 23 30.41 -15.75 49.99
CA LYS C 23 29.65 -14.54 50.32
C LYS C 23 29.49 -13.63 49.06
N ARG C 24 30.59 -13.22 48.42
CA ARG C 24 30.48 -12.48 47.16
C ARG C 24 29.49 -13.15 46.20
N GLN C 25 29.50 -14.48 46.15
CA GLN C 25 28.67 -15.23 45.20
C GLN C 25 27.22 -15.18 45.57
N ARG C 26 26.96 -15.39 46.85
CA ARG C 26 25.61 -15.38 47.43
C ARG C 26 24.98 -14.00 47.27
N GLU C 27 25.82 -12.98 47.12
CA GLU C 27 25.37 -11.59 47.18
C GLU C 27 25.47 -10.84 45.87
N THR C 28 25.89 -11.51 44.80
CA THR C 28 25.97 -10.87 43.46
C THR C 28 24.73 -11.16 42.62
N ILE C 29 24.30 -10.18 41.82
CA ILE C 29 23.42 -10.51 40.66
C ILE C 29 24.34 -10.91 39.49
N ASN C 30 24.38 -12.23 39.23
CA ASN C 30 25.31 -12.84 38.29
C ASN C 30 24.68 -12.99 36.92
N LEU C 31 25.07 -12.10 36.00
CA LEU C 31 24.56 -12.11 34.64
C LEU C 31 25.60 -12.57 33.61
N ILE C 32 26.68 -13.19 34.05
CA ILE C 32 27.65 -13.83 33.14
C ILE C 32 26.97 -15.00 32.44
N ALA C 33 26.87 -14.92 31.12
CA ALA C 33 26.04 -15.85 30.37
C ALA C 33 26.62 -17.25 30.40
N SER C 34 27.91 -17.34 30.72
CA SER C 34 28.65 -18.60 30.76
C SER C 34 28.77 -19.17 32.16
N GLU C 35 28.10 -18.54 33.12
CA GLU C 35 28.21 -19.00 34.49
C GLU C 35 26.96 -19.71 34.98
N ASN C 36 27.12 -20.41 36.09
CA ASN C 36 26.02 -21.11 36.73
C ASN C 36 26.39 -21.50 38.16
N LEU C 37 25.54 -22.31 38.79
CA LEU C 37 25.80 -22.75 40.15
C LEU C 37 25.53 -24.22 40.28
N THR C 38 26.60 -25.00 40.42
CA THR C 38 26.53 -26.44 40.63
C THR C 38 25.93 -26.74 41.99
N ASN C 39 25.11 -27.79 42.07
CA ASN C 39 24.59 -28.24 43.38
C ASN C 39 25.64 -28.98 44.20
N GLY C 40 25.27 -29.38 45.41
CA GLY C 40 26.17 -30.11 46.28
C GLY C 40 26.51 -31.49 45.75
N ALA C 41 25.55 -32.13 45.11
CA ALA C 41 25.75 -33.44 44.50
C ALA C 41 26.94 -33.43 43.56
N VAL C 42 26.95 -32.46 42.66
CA VAL C 42 28.03 -32.28 41.69
C VAL C 42 29.32 -31.88 42.39
N ARG C 43 29.21 -31.14 43.48
CA ARG C 43 30.39 -30.81 44.27
C ARG C 43 30.90 -31.94 45.14
N GLU C 44 30.11 -33.01 45.28
CA GLU C 44 30.49 -34.12 46.11
C GLU C 44 31.29 -35.09 45.28
N CYS C 45 31.06 -35.07 43.97
CA CYS C 45 31.81 -35.87 43.01
C CYS C 45 33.19 -35.28 42.74
N LEU C 46 33.23 -33.98 42.53
CA LEU C 46 34.46 -33.25 42.34
C LEU C 46 35.36 -33.42 43.55
N GLY C 47 34.76 -33.65 44.71
CA GLY C 47 35.51 -33.80 45.94
C GLY C 47 35.80 -35.24 46.28
N ASN C 48 35.42 -36.15 45.39
CA ASN C 48 35.56 -37.59 45.64
C ASN C 48 37.00 -38.11 45.59
N ARG C 49 37.24 -39.29 46.14
CA ARG C 49 38.55 -39.95 46.06
C ARG C 49 38.74 -40.60 44.70
N VAL C 50 37.68 -40.64 43.91
CA VAL C 50 37.76 -41.26 42.61
C VAL C 50 38.88 -40.63 41.75
N SER C 51 39.45 -39.52 42.21
CA SER C 51 40.47 -38.78 41.45
C SER C 51 41.89 -39.18 41.82
N ASN C 52 41.98 -40.12 42.74
CA ASN C 52 43.24 -40.78 43.06
C ASN C 52 43.73 -41.73 41.95
N LYS C 53 42.83 -42.11 41.04
CA LYS C 53 43.10 -43.14 40.04
C LYS C 53 43.60 -42.58 38.74
N TYR C 54 44.68 -43.18 38.25
CA TYR C 54 45.16 -43.03 36.87
C TYR C 54 44.47 -44.07 35.99
N SER C 55 43.96 -43.65 34.86
CA SER C 55 43.20 -44.54 34.01
C SER C 55 43.44 -44.16 32.58
N GLU C 56 44.70 -43.97 32.21
CA GLU C 56 44.99 -43.63 30.84
C GLU C 56 44.44 -44.72 29.93
N GLY C 57 43.75 -44.33 28.90
CA GLY C 57 43.17 -45.27 27.98
C GLY C 57 41.67 -45.10 27.88
N TYR C 58 40.97 -46.23 27.81
CA TYR C 58 39.52 -46.24 27.75
C TYR C 58 38.96 -47.38 28.57
N PRO C 59 37.63 -47.39 28.79
CA PRO C 59 37.08 -48.48 29.59
C PRO C 59 37.27 -49.80 28.85
N LYS C 60 37.61 -50.86 29.59
CA LYS C 60 37.89 -52.18 29.02
C LYS C 60 39.23 -52.22 28.28
N LYS C 61 39.91 -51.07 28.21
CA LYS C 61 41.11 -50.89 27.38
C LYS C 61 42.13 -49.96 28.06
N ARG C 62 42.28 -50.14 29.36
CA ARG C 62 43.15 -49.28 30.14
C ARG C 62 44.58 -49.69 29.94
N TYR C 63 45.51 -48.93 30.51
CA TYR C 63 46.89 -49.36 30.51
C TYR C 63 47.15 -50.15 31.78
N TYR C 64 46.52 -49.73 32.85
CA TYR C 64 46.49 -50.50 34.08
C TYR C 64 45.13 -51.14 34.29
N GLY C 65 45.06 -52.09 35.21
CA GLY C 65 43.79 -52.54 35.76
C GLY C 65 43.60 -51.93 37.14
N GLY C 66 42.52 -52.30 37.81
CA GLY C 66 42.14 -51.65 39.05
C GLY C 66 41.14 -50.59 38.63
N ASN C 67 40.83 -50.58 37.34
CA ASN C 67 39.91 -49.64 36.73
C ASN C 67 38.52 -50.21 36.49
N ASP C 68 38.11 -51.06 37.44
CA ASP C 68 36.82 -51.77 37.43
C ASP C 68 35.71 -50.80 37.71
N PHE C 69 35.79 -50.19 38.88
CA PHE C 69 34.82 -49.22 39.27
C PHE C 69 34.98 -47.93 38.46
N ILE C 70 36.21 -47.57 38.08
CA ILE C 70 36.38 -46.44 37.13
C ILE C 70 35.78 -46.70 35.74
N ASP C 71 35.97 -47.91 35.19
CA ASP C 71 35.34 -48.26 33.90
C ASP C 71 33.82 -48.10 33.95
N LYS C 72 33.22 -48.53 35.05
CA LYS C 72 31.76 -48.40 35.20
C LYS C 72 31.33 -46.93 35.25
N ILE C 73 32.10 -46.12 36.00
CA ILE C 73 31.84 -44.69 36.08
C ILE C 73 32.01 -44.03 34.73
N GLU C 74 33.10 -44.29 34.01
CA GLU C 74 33.24 -43.67 32.69
C GLU C 74 32.05 -44.01 31.80
N GLU C 75 31.68 -45.30 31.79
CA GLU C 75 30.68 -45.85 30.85
C GLU C 75 29.28 -45.28 31.09
N LEU C 76 28.94 -45.15 32.36
CA LEU C 76 27.71 -44.46 32.76
C LEU C 76 27.67 -42.99 32.34
N CYS C 77 28.85 -42.37 32.20
CA CYS C 77 28.86 -40.98 31.80
C CYS C 77 28.54 -40.86 30.33
N GLN C 78 29.10 -41.76 29.52
CA GLN C 78 28.86 -41.69 28.08
C GLN C 78 27.50 -42.25 27.71
N LYS C 79 26.95 -43.11 28.58
CA LYS C 79 25.59 -43.57 28.36
C LYS C 79 24.64 -42.37 28.53
N ARG C 80 24.68 -41.77 29.73
CA ARG C 80 23.83 -40.65 30.13
C ARG C 80 23.96 -39.45 29.20
N ALA C 81 25.15 -39.27 28.64
CA ALA C 81 25.45 -38.21 27.65
C ALA C 81 24.69 -38.36 26.35
N LEU C 82 24.45 -39.61 25.99
CA LEU C 82 23.82 -39.95 24.74
C LEU C 82 22.31 -39.99 24.94
N GLU C 83 21.89 -40.54 26.07
CA GLU C 83 20.50 -40.42 26.52
C GLU C 83 20.06 -38.96 26.53
N ALA C 84 20.93 -38.07 27.05
CA ALA C 84 20.57 -36.68 27.33
C ALA C 84 20.56 -35.80 26.11
N PHE C 85 21.45 -36.04 25.16
CA PHE C 85 21.35 -35.28 23.92
C PHE C 85 20.53 -35.97 22.85
N ASN C 86 19.72 -36.95 23.30
CA ASN C 86 18.77 -37.67 22.45
C ASN C 86 19.31 -38.16 21.10
N VAL C 87 20.27 -39.09 21.19
CA VAL C 87 20.90 -39.70 20.04
C VAL C 87 21.26 -41.15 20.37
N SER C 88 21.29 -41.99 19.34
CA SER C 88 21.49 -43.42 19.54
C SER C 88 22.97 -43.77 19.63
N ASP C 89 23.31 -44.56 20.64
CA ASP C 89 24.69 -44.99 20.87
C ASP C 89 25.23 -45.80 19.67
N GLU C 90 24.31 -46.12 18.76
CA GLU C 90 24.65 -46.82 17.54
C GLU C 90 25.05 -45.85 16.45
N GLU C 91 24.45 -44.66 16.47
CA GLU C 91 24.71 -43.61 15.47
C GLU C 91 25.83 -42.65 15.89
N TRP C 92 25.88 -42.42 17.20
CA TRP C 92 26.73 -41.39 17.80
C TRP C 92 27.58 -41.95 18.88
N GLY C 93 28.86 -41.57 18.86
CA GLY C 93 29.69 -41.73 20.05
C GLY C 93 30.05 -40.43 20.76
N VAL C 94 30.52 -40.56 21.99
CA VAL C 94 30.95 -39.41 22.77
C VAL C 94 32.25 -39.66 23.55
N ASN C 95 33.18 -38.70 23.45
CA ASN C 95 34.34 -38.64 24.37
C ASN C 95 34.10 -37.74 25.63
N VAL C 96 34.18 -38.37 26.80
CA VAL C 96 33.87 -37.73 28.07
C VAL C 96 35.14 -37.45 28.85
N GLN C 97 36.29 -37.44 28.19
CA GLN C 97 37.57 -37.21 28.90
C GLN C 97 38.20 -35.82 28.75
N PRO C 98 37.77 -35.00 27.76
CA PRO C 98 38.32 -33.64 27.62
C PRO C 98 38.15 -32.76 28.87
N LEU C 99 39.20 -32.02 29.20
CA LEU C 99 39.27 -31.35 30.51
C LEU C 99 38.55 -30.01 30.60
N SER C 100 38.29 -29.37 29.47
CA SER C 100 37.54 -28.12 29.37
C SER C 100 37.23 -27.82 27.87
N GLY C 101 36.25 -26.96 27.61
CA GLY C 101 35.81 -26.73 26.25
C GLY C 101 36.92 -26.45 25.27
N SER C 102 37.95 -25.76 25.73
CA SER C 102 39.07 -25.37 24.87
C SER C 102 39.97 -26.54 24.50
N ALA C 103 40.19 -27.48 25.40
CA ALA C 103 40.89 -28.72 25.03
C ALA C 103 40.04 -29.58 24.08
N ALA C 104 38.74 -29.72 24.38
CA ALA C 104 37.80 -30.43 23.52
C ALA C 104 37.86 -29.94 22.08
N ASN C 105 37.62 -28.65 21.87
CA ASN C 105 37.73 -28.05 20.54
C ASN C 105 39.09 -28.21 19.85
N VAL C 106 40.20 -28.09 20.59
CA VAL C 106 41.51 -28.26 19.96
C VAL C 106 41.71 -29.71 19.57
N GLN C 107 41.27 -30.61 20.46
CA GLN C 107 41.33 -32.04 20.23
C GLN C 107 40.48 -32.47 19.03
N ALA C 108 39.18 -32.15 19.06
CA ALA C 108 38.27 -32.51 17.97
C ALA C 108 38.74 -31.96 16.62
N LEU C 109 39.06 -30.67 16.58
CA LEU C 109 39.57 -30.06 15.38
C LEU C 109 40.77 -30.85 14.86
N TYR C 110 41.60 -31.34 15.76
CA TYR C 110 42.83 -32.03 15.36
C TYR C 110 42.53 -33.37 14.70
N ALA C 111 41.69 -34.15 15.38
CA ALA C 111 41.14 -35.37 14.82
C ALA C 111 40.76 -35.19 13.36
N LEU C 112 40.01 -34.12 13.05
CA LEU C 112 39.44 -33.92 11.73
C LEU C 112 40.43 -33.51 10.68
N VAL C 113 41.32 -32.59 11.03
CA VAL C 113 42.16 -31.97 10.01
C VAL C 113 43.66 -32.26 10.19
N GLY C 114 44.12 -32.30 11.42
CA GLY C 114 45.55 -32.44 11.69
C GLY C 114 46.33 -31.14 11.47
N VAL C 115 47.56 -31.10 11.99
CA VAL C 115 48.46 -29.96 11.80
C VAL C 115 48.41 -29.45 10.38
N LYS C 116 48.44 -28.12 10.23
CA LYS C 116 48.30 -27.40 8.97
C LYS C 116 46.86 -27.37 8.41
N GLY C 117 46.02 -28.33 8.84
CA GLY C 117 44.61 -28.41 8.45
C GLY C 117 43.85 -27.08 8.37
N LYS C 118 43.02 -26.93 7.33
CA LYS C 118 42.27 -25.67 7.07
C LYS C 118 40.90 -25.63 7.79
N ILE C 119 40.70 -24.62 8.64
CA ILE C 119 39.44 -24.49 9.38
C ILE C 119 38.78 -23.13 9.21
N MET C 120 37.46 -23.11 9.36
CA MET C 120 36.70 -21.88 9.34
C MET C 120 35.86 -21.70 10.59
N GLY C 121 35.97 -20.53 11.20
CA GLY C 121 35.16 -20.21 12.37
C GLY C 121 34.66 -18.79 12.33
N MET C 122 33.69 -18.48 13.19
CA MET C 122 33.26 -17.10 13.39
C MET C 122 34.31 -16.31 14.15
N HIS C 123 34.52 -15.07 13.71
CA HIS C 123 35.49 -14.14 14.28
C HIS C 123 35.10 -13.81 15.70
N LEU C 124 36.08 -13.54 16.54
CA LEU C 124 35.85 -13.24 17.96
C LEU C 124 34.93 -12.05 18.20
N CYS C 125 35.27 -10.91 17.58
CA CYS C 125 34.47 -9.67 17.63
C CYS C 125 33.02 -9.90 17.18
N SER C 126 32.79 -10.93 16.38
CA SER C 126 31.45 -11.24 15.90
C SER C 126 30.72 -12.29 16.72
N GLY C 127 31.41 -12.85 17.73
CA GLY C 127 30.75 -13.74 18.70
C GLY C 127 31.26 -15.17 18.78
N GLY C 128 32.33 -15.46 18.06
CA GLY C 128 32.98 -16.77 18.10
C GLY C 128 33.93 -16.91 19.26
N HIS C 129 34.42 -18.13 19.48
CA HIS C 129 35.35 -18.39 20.57
C HIS C 129 36.74 -18.27 20.11
N LEU C 130 37.65 -18.11 21.06
CA LEU C 130 39.07 -18.11 20.80
C LEU C 130 39.48 -19.38 20.04
N THR C 131 39.03 -20.54 20.49
CA THR C 131 39.41 -21.82 19.90
C THR C 131 38.80 -22.10 18.53
N HIS C 132 38.24 -21.07 17.91
CA HIS C 132 37.62 -21.20 16.58
C HIS C 132 38.52 -20.59 15.52
N GLY C 133 39.79 -20.49 15.83
CA GLY C 133 40.74 -20.09 14.83
C GLY C 133 41.13 -18.65 14.97
N PHE C 134 40.94 -18.09 16.16
CA PHE C 134 41.15 -16.66 16.34
C PHE C 134 42.60 -16.22 16.20
N PHE C 135 42.83 -15.25 15.32
CA PHE C 135 44.09 -14.53 15.30
C PHE C 135 43.79 -13.04 15.14
N ASP C 136 44.80 -12.21 15.46
CA ASP C 136 44.84 -10.78 15.14
C ASP C 136 45.97 -10.61 14.13
N GLU C 137 45.96 -9.58 13.28
CA GLU C 137 47.09 -9.34 12.37
C GLU C 137 48.44 -9.62 13.06
N LYS C 138 48.62 -8.95 14.20
CA LYS C 138 49.86 -8.90 14.99
C LYS C 138 50.30 -10.19 15.69
N LYS C 139 49.45 -11.22 15.67
CA LYS C 139 49.77 -12.50 16.33
C LYS C 139 48.68 -13.55 16.12
N LYS C 140 49.10 -14.79 16.00
CA LYS C 140 48.21 -15.92 15.94
C LYS C 140 47.84 -16.28 17.39
N VAL C 141 46.74 -15.71 17.85
CA VAL C 141 46.41 -15.65 19.28
C VAL C 141 46.04 -17.00 19.89
N SER C 142 45.07 -17.68 19.28
CA SER C 142 44.71 -19.03 19.67
C SER C 142 45.63 -20.03 18.97
N ILE C 143 45.91 -21.15 19.61
CA ILE C 143 46.69 -22.22 18.97
C ILE C 143 45.99 -22.65 17.69
N THR C 144 44.65 -22.54 17.69
CA THR C 144 43.80 -22.96 16.60
C THR C 144 44.01 -22.11 15.34
N SER C 145 44.71 -20.99 15.48
CA SER C 145 45.02 -20.14 14.34
C SER C 145 46.46 -20.38 13.89
N ASP C 146 47.17 -21.19 14.67
CA ASP C 146 48.59 -21.42 14.50
C ASP C 146 48.91 -22.87 14.15
N MET C 147 48.34 -23.82 14.88
CA MET C 147 48.52 -25.23 14.53
C MET C 147 47.63 -25.60 13.32
N PHE C 148 46.71 -24.69 12.99
CA PHE C 148 45.84 -24.84 11.84
C PHE C 148 45.94 -23.61 10.95
N GLU C 149 45.45 -23.72 9.72
CA GLU C 149 45.22 -22.54 8.89
C GLU C 149 43.75 -22.18 9.10
N SER C 150 43.50 -20.96 9.59
CA SER C 150 42.13 -20.56 9.93
C SER C 150 41.70 -19.34 9.12
N LYS C 151 40.44 -19.33 8.71
CA LYS C 151 39.87 -18.13 8.13
C LYS C 151 38.61 -17.76 8.94
N LEU C 152 38.31 -16.46 9.04
CA LEU C 152 37.26 -16.01 9.98
C LEU C 152 36.09 -15.31 9.31
N TYR C 153 34.87 -15.77 9.59
CA TYR C 153 33.71 -15.13 8.99
C TYR C 153 32.98 -14.22 9.94
N LYS C 154 32.65 -13.01 9.48
CA LYS C 154 31.95 -12.01 10.28
C LYS C 154 30.44 -12.14 10.17
N CYS C 155 29.74 -11.61 11.17
CA CYS C 155 28.30 -11.46 11.10
C CYS C 155 28.05 -10.17 10.34
N ASN C 156 26.88 -10.08 9.72
CA ASN C 156 26.46 -8.90 8.97
C ASN C 156 26.31 -7.65 9.85
N SER C 157 26.12 -6.50 9.20
CA SER C 157 25.96 -5.23 9.89
C SER C 157 24.94 -5.28 11.04
N GLN C 158 23.84 -6.02 10.86
CA GLN C 158 22.74 -6.06 11.81
C GLN C 158 22.88 -7.16 12.87
N GLY C 159 24.12 -7.60 13.11
CA GLY C 159 24.46 -8.57 14.17
C GLY C 159 24.24 -10.06 13.90
N TYR C 160 23.85 -10.42 12.69
CA TYR C 160 23.51 -11.80 12.33
C TYR C 160 24.62 -12.51 11.51
N VAL C 161 24.65 -13.85 11.56
CA VAL C 161 25.52 -14.66 10.71
C VAL C 161 25.12 -14.47 9.25
N ASP C 162 26.04 -13.99 8.43
CA ASP C 162 25.78 -13.85 7.01
C ASP C 162 26.21 -15.11 6.25
N LEU C 163 25.23 -15.96 5.96
CA LEU C 163 25.48 -17.22 5.27
C LEU C 163 26.07 -17.02 3.87
N ASP C 164 25.59 -16.01 3.14
CA ASP C 164 26.24 -15.59 1.89
C ASP C 164 27.78 -15.48 2.04
N ALA C 165 28.23 -14.72 3.04
CA ALA C 165 29.65 -14.55 3.32
C ALA C 165 30.37 -15.89 3.43
N VAL C 166 29.73 -16.82 4.13
CA VAL C 166 30.31 -18.14 4.45
C VAL C 166 30.59 -18.96 3.19
N ARG C 167 29.59 -19.08 2.32
CA ARG C 167 29.80 -19.69 0.99
C ARG C 167 30.88 -18.98 0.17
N GLU C 168 30.80 -17.66 0.05
CA GLU C 168 31.87 -16.87 -0.55
C GLU C 168 33.21 -17.36 0.02
N MET C 169 33.25 -17.62 1.32
CA MET C 169 34.50 -18.00 1.99
C MET C 169 34.85 -19.46 1.80
N ALA C 170 33.93 -20.34 2.18
CA ALA C 170 34.14 -21.76 2.02
C ALA C 170 34.58 -22.22 0.61
N LEU C 171 34.05 -21.58 -0.45
CA LEU C 171 34.40 -21.96 -1.82
C LEU C 171 35.78 -21.48 -2.26
N SER C 172 36.24 -20.35 -1.73
CA SER C 172 37.59 -19.92 -2.05
C SER C 172 38.67 -20.37 -1.04
N PHE C 173 38.27 -20.97 0.07
CA PHE C 173 39.24 -21.42 1.08
C PHE C 173 39.20 -22.94 1.23
N LYS C 174 38.05 -23.52 0.91
CA LYS C 174 37.86 -24.98 0.82
C LYS C 174 38.21 -25.79 2.08
N PRO C 175 38.08 -25.19 3.27
CA PRO C 175 38.56 -25.81 4.50
C PRO C 175 37.97 -27.20 4.73
N LYS C 176 38.58 -28.00 5.60
CA LYS C 176 38.04 -29.32 5.96
C LYS C 176 36.96 -29.25 7.04
N VAL C 177 37.03 -28.25 7.91
CA VAL C 177 36.00 -28.03 8.94
C VAL C 177 35.42 -26.62 8.83
N ILE C 178 34.11 -26.50 9.02
CA ILE C 178 33.47 -25.22 9.31
C ILE C 178 32.86 -25.33 10.70
N ILE C 179 33.21 -24.37 11.57
CA ILE C 179 32.71 -24.32 12.95
C ILE C 179 31.54 -23.33 13.09
N CYS C 180 30.42 -23.79 13.66
CA CYS C 180 29.34 -22.89 14.01
C CYS C 180 28.97 -23.19 15.43
N GLY C 181 28.18 -22.32 16.06
CA GLY C 181 27.94 -22.42 17.50
C GLY C 181 28.92 -21.52 18.22
N TYR C 182 28.43 -20.63 19.08
CA TYR C 182 29.23 -19.44 19.38
C TYR C 182 29.30 -19.07 20.84
N THR C 183 30.04 -18.01 21.17
CA THR C 183 30.17 -17.63 22.58
C THR C 183 29.25 -16.46 23.00
N SER C 184 29.16 -15.43 22.17
CA SER C 184 28.15 -14.39 22.39
C SER C 184 27.30 -14.16 21.17
N TYR C 185 26.45 -15.14 20.89
CA TYR C 185 25.50 -15.04 19.82
C TYR C 185 24.11 -15.30 20.40
N PRO C 186 23.24 -14.26 20.36
CA PRO C 186 21.91 -14.19 20.95
C PRO C 186 20.80 -14.86 20.14
N ARG C 187 21.13 -15.40 18.97
CA ARG C 187 20.11 -16.04 18.14
C ARG C 187 20.37 -17.53 17.85
N ASP C 188 19.32 -18.27 17.49
CA ASP C 188 19.42 -19.67 17.07
C ASP C 188 20.16 -19.81 15.72
N ILE C 189 20.67 -21.01 15.45
CA ILE C 189 21.52 -21.25 14.28
C ILE C 189 20.80 -22.04 13.17
N ASP C 190 21.11 -21.70 11.91
CA ASP C 190 20.64 -22.52 10.79
C ASP C 190 21.69 -23.58 10.41
N TYR C 191 21.65 -24.69 11.14
CA TYR C 191 22.65 -25.76 10.96
C TYR C 191 22.51 -26.35 9.56
N GLN C 192 21.26 -26.65 9.19
CA GLN C 192 20.91 -27.16 7.86
C GLN C 192 21.70 -26.44 6.78
N GLN C 193 21.80 -25.13 6.88
CA GLN C 193 22.46 -24.34 5.85
C GLN C 193 23.97 -24.42 5.95
N PHE C 194 24.46 -24.62 7.17
CA PHE C 194 25.87 -24.89 7.35
C PHE C 194 26.17 -26.23 6.70
N ARG C 195 25.39 -27.25 7.08
CA ARG C 195 25.46 -28.60 6.53
C ARG C 195 25.53 -28.61 5.02
N GLN C 196 24.73 -27.75 4.40
CA GLN C 196 24.73 -27.61 2.96
C GLN C 196 26.06 -27.07 2.41
N ILE C 197 26.59 -26.01 3.01
CA ILE C 197 27.86 -25.46 2.55
C ILE C 197 29.01 -26.45 2.79
N CYS C 198 28.92 -27.20 3.87
CA CYS C 198 29.94 -28.19 4.17
C CYS C 198 29.97 -29.28 3.09
N ASP C 199 28.78 -29.83 2.76
CA ASP C 199 28.57 -30.79 1.64
C ASP C 199 29.11 -30.29 0.31
N GLU C 200 28.92 -29.00 0.07
CA GLU C 200 29.24 -28.38 -1.20
C GLU C 200 30.74 -28.24 -1.36
N VAL C 201 31.50 -28.52 -0.30
CA VAL C 201 32.95 -28.33 -0.35
C VAL C 201 33.70 -29.52 0.26
N ASN C 202 32.94 -30.54 0.63
CA ASN C 202 33.45 -31.76 1.32
C ASN C 202 34.03 -31.45 2.71
N ALA C 203 33.35 -30.58 3.46
CA ALA C 203 33.82 -30.17 4.77
C ALA C 203 33.08 -30.89 5.87
N TYR C 204 33.71 -30.99 7.03
CA TYR C 204 33.00 -31.38 8.24
C TYR C 204 32.23 -30.18 8.82
N LEU C 205 31.04 -30.47 9.36
CA LEU C 205 30.25 -29.50 10.12
C LEU C 205 30.55 -29.67 11.59
N PHE C 206 31.12 -28.60 12.18
CA PHE C 206 31.49 -28.58 13.60
C PHE C 206 30.52 -27.63 14.30
N ALA C 207 29.79 -28.15 15.28
CA ALA C 207 28.79 -27.37 16.03
C ALA C 207 29.12 -27.31 17.52
N ASP C 208 29.65 -26.16 17.95
CA ASP C 208 29.99 -25.91 19.37
C ASP C 208 28.79 -25.29 20.06
N ILE C 209 28.18 -26.04 20.97
CA ILE C 209 26.93 -25.66 21.62
C ILE C 209 27.07 -25.46 23.14
N SER C 210 28.29 -25.16 23.58
CA SER C 210 28.57 -24.95 25.00
C SER C 210 27.63 -23.93 25.64
N HIS C 211 27.34 -22.85 24.93
CA HIS C 211 26.40 -21.85 25.45
C HIS C 211 24.93 -22.23 25.45
N ILE C 212 24.54 -23.12 24.54
CA ILE C 212 23.13 -23.39 24.29
C ILE C 212 22.79 -24.89 24.40
N SER C 213 23.71 -25.64 25.00
CA SER C 213 23.61 -27.09 25.17
C SER C 213 22.26 -27.54 25.71
N SER C 214 21.83 -27.01 26.85
CA SER C 214 20.52 -27.35 27.39
C SER C 214 19.39 -27.11 26.40
N PHE C 215 19.50 -26.09 25.58
CA PHE C 215 18.43 -25.78 24.65
C PHE C 215 18.35 -26.85 23.58
N VAL C 216 19.50 -27.45 23.30
CA VAL C 216 19.60 -28.47 22.29
C VAL C 216 19.10 -29.76 22.92
N ALA C 217 19.53 -30.05 24.14
CA ALA C 217 19.01 -31.21 24.84
C ALA C 217 17.49 -31.21 24.83
N CYS C 218 16.90 -30.11 25.27
CA CYS C 218 15.47 -30.08 25.60
C CYS C 218 14.52 -29.81 24.41
N ASN C 219 15.06 -29.83 23.20
CA ASN C 219 14.29 -29.58 21.97
C ASN C 219 13.59 -28.21 21.94
N ILE C 220 14.21 -27.23 22.59
CA ILE C 220 13.78 -25.83 22.54
C ILE C 220 14.34 -25.12 21.30
N LEU C 221 15.65 -25.23 21.06
CA LEU C 221 16.25 -24.66 19.85
C LEU C 221 16.60 -25.72 18.81
N ASN C 222 16.88 -25.29 17.59
CA ASN C 222 17.44 -26.16 16.54
C ASN C 222 18.40 -27.23 17.07
N ASN C 223 18.42 -28.39 16.40
CA ASN C 223 19.25 -29.52 16.83
C ASN C 223 20.34 -29.81 15.82
N PRO C 224 21.60 -29.61 16.23
CA PRO C 224 22.72 -29.81 15.30
C PRO C 224 23.03 -31.30 15.01
N PHE C 225 22.68 -32.19 15.91
CA PHE C 225 22.94 -33.61 15.71
C PHE C 225 22.32 -34.14 14.43
N LEU C 226 21.22 -33.52 14.01
CA LEU C 226 20.57 -33.86 12.76
C LEU C 226 21.50 -33.57 11.57
N HIS C 227 22.49 -32.70 11.78
CA HIS C 227 23.34 -32.22 10.66
C HIS C 227 24.83 -32.31 10.88
N ALA C 228 25.25 -32.25 12.15
CA ALA C 228 26.66 -32.08 12.46
C ALA C 228 27.46 -33.39 12.51
N ASP C 229 28.65 -33.38 11.91
CA ASP C 229 29.62 -34.46 12.10
C ASP C 229 30.17 -34.49 13.54
N VAL C 230 30.60 -33.33 14.05
CA VAL C 230 31.06 -33.21 15.44
C VAL C 230 30.27 -32.18 16.27
N VAL C 231 30.07 -32.51 17.54
CA VAL C 231 29.44 -31.58 18.46
C VAL C 231 30.26 -31.55 19.72
N THR C 232 30.85 -30.41 20.02
CA THR C 232 31.46 -30.15 21.32
C THR C 232 30.56 -29.31 22.22
N THR C 233 30.58 -29.64 23.51
CA THR C 233 29.97 -28.80 24.52
C THR C 233 30.78 -28.84 25.81
N THR C 234 30.88 -27.69 26.46
CA THR C 234 31.34 -27.62 27.84
C THR C 234 30.17 -28.11 28.69
N THR C 235 30.42 -28.46 29.94
CA THR C 235 29.33 -28.93 30.80
C THR C 235 28.96 -27.97 31.95
N HIS C 236 29.72 -26.88 32.08
CA HIS C 236 29.63 -25.97 33.23
C HIS C 236 28.83 -24.73 33.00
N LYS C 237 28.21 -24.58 31.83
CA LYS C 237 27.39 -23.41 31.62
C LYS C 237 25.92 -23.67 31.91
N ILE C 238 25.12 -23.55 30.88
CA ILE C 238 23.68 -23.71 30.98
C ILE C 238 23.36 -25.10 31.54
N LEU C 239 24.08 -26.11 31.05
CA LEU C 239 23.95 -27.49 31.51
C LEU C 239 24.14 -27.65 33.03
N ARG C 240 24.64 -26.61 33.67
CA ARG C 240 24.87 -26.60 35.13
C ARG C 240 25.73 -27.77 35.58
N GLY C 241 26.75 -28.09 34.81
CA GLY C 241 27.64 -29.19 35.13
C GLY C 241 28.90 -28.70 35.77
N PRO C 242 29.84 -29.61 36.02
CA PRO C 242 31.14 -29.24 36.50
C PRO C 242 31.97 -28.71 35.34
N ARG C 243 33.21 -28.34 35.61
CA ARG C 243 34.02 -27.80 34.55
C ARG C 243 34.63 -28.96 33.79
N SER C 244 34.13 -29.14 32.56
CA SER C 244 34.54 -30.24 31.70
C SER C 244 33.92 -30.07 30.33
N ALA C 245 34.28 -30.95 29.40
CA ALA C 245 33.68 -30.97 28.07
C ALA C 245 33.35 -32.36 27.50
N LEU C 246 32.50 -32.37 26.47
CA LEU C 246 32.08 -33.57 25.75
C LEU C 246 32.34 -33.38 24.28
N ILE C 247 32.98 -34.36 23.66
CA ILE C 247 33.06 -34.42 22.19
C ILE C 247 32.11 -35.50 21.69
N PHE C 248 31.23 -35.11 20.76
CA PHE C 248 30.28 -35.99 20.10
C PHE C 248 30.63 -36.18 18.62
N PHE C 249 30.75 -37.45 18.19
CA PHE C 249 31.02 -37.76 16.79
C PHE C 249 29.92 -38.60 16.13
N ASN C 250 29.54 -38.22 14.92
CA ASN C 250 28.59 -39.03 14.15
C ASN C 250 29.32 -40.11 13.36
N LYS C 251 29.21 -41.36 13.83
CA LYS C 251 29.84 -42.51 13.19
C LYS C 251 29.26 -42.75 11.78
N LYS C 252 27.93 -42.81 11.68
CA LYS C 252 27.25 -43.17 10.43
C LYS C 252 27.58 -42.24 9.26
N ARG C 253 27.95 -41.01 9.58
CA ARG C 253 28.33 -40.07 8.54
C ARG C 253 29.82 -40.21 8.22
N ASN C 254 30.61 -40.64 9.20
CA ASN C 254 32.06 -40.65 9.07
C ASN C 254 32.63 -41.80 9.87
N PRO C 255 32.49 -43.04 9.34
CA PRO C 255 32.86 -44.21 10.15
C PRO C 255 34.36 -44.20 10.39
N GLY C 256 34.79 -44.79 11.50
CA GLY C 256 36.18 -44.70 11.95
C GLY C 256 36.64 -43.26 12.26
N ILE C 257 35.72 -42.44 12.79
CA ILE C 257 36.09 -41.16 13.37
C ILE C 257 36.15 -41.36 14.89
N GLU C 258 35.52 -42.45 15.35
CA GLU C 258 35.59 -42.81 16.75
C GLU C 258 37.04 -42.92 17.21
N GLN C 259 37.85 -43.70 16.50
CA GLN C 259 39.24 -43.85 16.91
C GLN C 259 39.98 -42.55 16.67
N LYS C 260 39.72 -41.88 15.54
CA LYS C 260 40.31 -40.56 15.25
C LYS C 260 40.16 -39.52 16.40
N ILE C 261 38.99 -39.48 17.01
CA ILE C 261 38.68 -38.55 18.09
C ILE C 261 39.13 -39.13 19.43
N ASN C 262 38.93 -40.44 19.61
CA ASN C 262 39.29 -41.12 20.85
C ASN C 262 40.80 -41.20 21.05
N SER C 263 41.58 -40.96 20.00
CA SER C 263 43.05 -40.96 20.10
C SER C 263 43.64 -39.56 20.13
N ALA C 264 42.95 -38.60 19.50
CA ALA C 264 43.28 -37.18 19.61
C ALA C 264 43.21 -36.71 21.06
N VAL C 265 42.16 -37.14 21.78
CA VAL C 265 42.03 -36.88 23.21
C VAL C 265 43.18 -37.54 23.96
N PHE C 266 43.25 -38.87 23.88
CA PHE C 266 44.41 -39.62 24.35
C PHE C 266 44.81 -40.60 23.30
N PRO C 267 46.11 -40.75 23.05
CA PRO C 267 47.21 -40.13 23.75
C PRO C 267 47.80 -38.92 23.05
N SER C 268 47.15 -38.46 21.99
CA SER C 268 47.63 -37.28 21.28
C SER C 268 47.87 -36.09 22.23
N PHE C 269 46.82 -35.68 22.96
CA PHE C 269 46.83 -34.47 23.76
C PHE C 269 46.93 -34.72 25.24
N GLN C 270 46.00 -35.52 25.77
CA GLN C 270 45.87 -35.66 27.21
C GLN C 270 46.61 -36.87 27.77
N GLY C 271 46.73 -36.93 29.10
CA GLY C 271 47.19 -38.11 29.83
C GLY C 271 46.00 -38.66 30.58
N GLY C 272 46.17 -38.93 31.87
CA GLY C 272 45.08 -39.42 32.71
C GLY C 272 43.79 -38.63 32.58
N PRO C 273 42.62 -39.30 32.61
CA PRO C 273 41.38 -38.54 32.69
C PRO C 273 41.17 -38.05 34.12
N HIS C 274 40.30 -37.06 34.29
CA HIS C 274 39.97 -36.61 35.63
C HIS C 274 38.67 -37.21 36.03
N ASN C 275 38.76 -38.28 36.80
CA ASN C 275 37.60 -39.12 37.07
C ASN C 275 36.55 -38.43 37.93
N ASN C 276 37.00 -37.48 38.76
CA ASN C 276 36.07 -36.67 39.55
C ASN C 276 35.24 -35.77 38.66
N LYS C 277 35.89 -35.20 37.65
CA LYS C 277 35.18 -34.50 36.59
C LYS C 277 34.17 -35.45 35.98
N ILE C 278 34.65 -36.57 35.44
CA ILE C 278 33.79 -37.59 34.82
C ILE C 278 32.62 -37.98 35.75
N ALA C 279 32.98 -38.33 36.99
CA ALA C 279 32.02 -38.64 38.06
C ALA C 279 31.04 -37.53 38.30
N ALA C 280 31.45 -36.27 38.14
CA ALA C 280 30.52 -35.16 38.32
C ALA C 280 29.64 -34.89 37.11
N VAL C 281 30.15 -35.17 35.92
CA VAL C 281 29.37 -34.93 34.73
C VAL C 281 28.22 -35.90 34.75
N ALA C 282 28.51 -37.16 35.07
CA ALA C 282 27.50 -38.21 35.14
C ALA C 282 26.32 -37.72 35.97
N CYS C 283 26.67 -37.25 37.15
CA CYS C 283 25.72 -36.75 38.13
C CYS C 283 24.76 -35.67 37.62
N GLN C 284 25.27 -34.80 36.75
CA GLN C 284 24.47 -33.72 36.16
C GLN C 284 23.74 -34.19 34.92
N LEU C 285 24.39 -35.05 34.14
CA LEU C 285 23.80 -35.66 32.97
C LEU C 285 22.52 -36.44 33.29
N LYS C 286 22.49 -37.14 34.43
CA LYS C 286 21.26 -37.76 34.92
C LYS C 286 20.17 -36.70 35.01
N GLU C 287 20.46 -35.66 35.79
CA GLU C 287 19.58 -34.51 35.98
C GLU C 287 19.14 -33.85 34.69
N VAL C 288 20.01 -33.73 33.69
CA VAL C 288 19.59 -33.11 32.43
C VAL C 288 18.36 -33.80 31.82
N HIS C 289 18.34 -35.13 31.86
CA HIS C 289 17.28 -35.92 31.23
C HIS C 289 15.91 -35.83 31.88
N SER C 290 15.88 -35.39 33.14
CA SER C 290 14.65 -35.30 33.94
C SER C 290 13.67 -34.25 33.38
N PRO C 291 12.37 -34.32 33.78
CA PRO C 291 11.46 -33.29 33.25
C PRO C 291 11.54 -31.97 34.06
N ALA C 292 12.12 -32.05 35.26
CA ALA C 292 12.37 -30.89 36.13
C ALA C 292 13.44 -29.92 35.59
N PHE C 293 14.42 -30.44 34.85
CA PHE C 293 15.49 -29.61 34.29
C PHE C 293 15.01 -28.92 33.03
N LYS C 294 14.11 -29.59 32.29
CA LYS C 294 13.51 -28.99 31.09
C LYS C 294 12.72 -27.77 31.50
N GLU C 295 12.11 -27.86 32.67
CA GLU C 295 11.43 -26.71 33.27
C GLU C 295 12.43 -25.56 33.49
N TYR C 296 13.54 -25.88 34.16
CA TYR C 296 14.59 -24.90 34.40
C TYR C 296 15.00 -24.25 33.10
N THR C 297 15.27 -25.07 32.08
CA THR C 297 15.73 -24.56 30.77
C THR C 297 14.70 -23.59 30.20
N GLN C 298 13.42 -23.98 30.27
CA GLN C 298 12.34 -23.12 29.80
C GLN C 298 12.34 -21.79 30.56
N GLN C 299 12.54 -21.87 31.87
CA GLN C 299 12.59 -20.69 32.73
C GLN C 299 13.72 -19.74 32.32
N VAL C 300 14.87 -20.30 31.95
CA VAL C 300 15.97 -19.50 31.43
C VAL C 300 15.49 -18.60 30.27
N LEU C 301 14.90 -19.21 29.24
CA LEU C 301 14.50 -18.47 28.05
C LEU C 301 13.39 -17.49 28.35
N LEU C 302 12.39 -17.94 29.10
CA LEU C 302 11.27 -17.08 29.48
C LEU C 302 11.84 -15.80 30.09
N ASN C 303 12.84 -15.96 30.96
CA ASN C 303 13.46 -14.85 31.72
C ASN C 303 14.25 -13.92 30.81
N SER C 304 14.99 -14.55 29.90
CA SER C 304 15.82 -13.89 28.92
C SER C 304 15.00 -13.04 27.93
N LYS C 305 13.86 -13.58 27.50
CA LYS C 305 12.94 -12.90 26.61
C LYS C 305 12.39 -11.69 27.35
N ALA C 306 11.96 -11.96 28.59
CA ALA C 306 11.45 -10.92 29.50
C ALA C 306 12.47 -9.84 29.79
N LEU C 307 13.73 -10.22 30.01
CA LEU C 307 14.78 -9.25 30.25
C LEU C 307 14.96 -8.37 29.05
N ALA C 308 14.91 -8.98 27.87
CA ALA C 308 15.14 -8.26 26.65
C ALA C 308 14.04 -7.22 26.44
N LYS C 309 12.81 -7.64 26.69
CA LYS C 309 11.61 -6.82 26.55
C LYS C 309 11.73 -5.56 27.40
N ALA C 310 12.23 -5.75 28.63
CA ALA C 310 12.30 -4.73 29.64
C ALA C 310 13.38 -3.70 29.32
N LEU C 311 14.53 -4.18 28.86
CA LEU C 311 15.58 -3.31 28.42
C LEU C 311 15.17 -2.43 27.19
N ILE C 312 14.36 -2.97 26.28
CA ILE C 312 13.88 -2.21 25.12
C ILE C 312 12.83 -1.18 25.56
N SER C 313 11.96 -1.59 26.47
CA SER C 313 11.01 -0.68 27.07
C SER C 313 11.71 0.50 27.79
N LYS C 314 12.99 0.31 28.14
CA LYS C 314 13.79 1.36 28.79
C LYS C 314 14.74 2.07 27.85
N GLN C 315 14.45 2.04 26.56
CA GLN C 315 15.24 2.75 25.52
C GLN C 315 16.68 2.24 25.32
N ILE C 316 16.88 0.96 25.62
CA ILE C 316 18.21 0.34 25.52
C ILE C 316 18.25 -0.58 24.30
N ASP C 317 19.28 -0.40 23.47
CA ASP C 317 19.45 -1.18 22.24
C ASP C 317 20.12 -2.52 22.47
N LEU C 318 19.54 -3.57 21.90
CA LEU C 318 20.10 -4.92 21.94
C LEU C 318 20.55 -5.29 20.55
N VAL C 319 21.64 -6.06 20.46
CA VAL C 319 22.07 -6.54 19.15
C VAL C 319 21.11 -7.62 18.67
N THR C 320 20.76 -7.55 17.38
CA THR C 320 19.72 -8.35 16.73
C THR C 320 18.36 -8.01 17.30
N ASN C 321 18.28 -6.86 18.01
CA ASN C 321 17.06 -6.36 18.68
C ASN C 321 16.30 -7.36 19.55
N GLY C 322 17.01 -8.27 20.20
CA GLY C 322 16.36 -9.29 21.04
C GLY C 322 17.14 -10.58 21.13
N THR C 323 16.51 -11.60 21.73
CA THR C 323 17.19 -12.85 21.97
C THR C 323 16.39 -14.10 21.57
N ASP C 324 17.08 -15.15 21.12
CA ASP C 324 16.44 -16.46 20.90
C ASP C 324 16.85 -17.44 21.99
N ASN C 325 17.86 -17.09 22.76
CA ASN C 325 18.40 -17.99 23.76
C ASN C 325 18.46 -17.39 25.17
N HIS C 326 19.59 -17.57 25.83
CA HIS C 326 19.77 -17.19 27.22
C HIS C 326 20.55 -15.90 27.33
N LEU C 327 20.99 -15.36 26.18
CA LEU C 327 21.87 -14.20 26.22
C LEU C 327 21.43 -13.02 25.38
N ILE C 328 21.77 -11.85 25.90
CA ILE C 328 21.47 -10.58 25.27
C ILE C 328 22.80 -9.88 25.21
N VAL C 329 23.05 -9.16 24.14
CA VAL C 329 24.19 -8.28 24.10
C VAL C 329 23.65 -6.87 23.95
N VAL C 330 23.89 -6.06 24.97
CA VAL C 330 23.47 -4.67 24.96
C VAL C 330 24.48 -3.84 24.19
N ASP C 331 23.95 -3.08 23.22
CA ASP C 331 24.72 -2.07 22.47
C ASP C 331 24.68 -0.69 23.17
N LEU C 332 25.86 -0.14 23.43
CA LEU C 332 25.95 1.04 24.28
C LEU C 332 26.14 2.39 23.55
N ARG C 333 26.33 2.34 22.22
CA ARG C 333 26.66 3.55 21.44
C ARG C 333 25.82 4.81 21.75
N LYS C 334 24.48 4.71 21.76
CA LYS C 334 23.59 5.85 22.02
C LYS C 334 23.86 6.57 23.34
N PHE C 335 24.53 5.88 24.25
CA PHE C 335 24.88 6.42 25.56
C PHE C 335 26.33 6.93 25.60
N SER C 336 27.07 6.67 24.52
CA SER C 336 28.47 7.10 24.37
C SER C 336 29.38 6.62 25.49
N ILE C 337 29.06 5.50 26.08
CA ILE C 337 29.93 4.85 27.06
C ILE C 337 30.44 3.52 26.50
N THR C 338 31.61 3.07 26.97
CA THR C 338 32.15 1.77 26.54
C THR C 338 31.59 0.63 27.41
N GLY C 339 31.92 -0.61 27.04
CA GLY C 339 31.49 -1.79 27.80
C GLY C 339 32.36 -2.01 29.02
N SER C 340 33.65 -1.71 28.87
CA SER C 340 34.61 -1.81 29.97
C SER C 340 34.27 -0.87 31.13
N LYS C 341 33.75 0.31 30.81
CA LYS C 341 33.28 1.24 31.85
C LYS C 341 32.07 0.68 32.60
N LEU C 342 31.09 0.15 31.88
CA LEU C 342 29.88 -0.41 32.50
C LEU C 342 30.13 -1.70 33.28
N GLN C 343 31.22 -2.38 32.95
CA GLN C 343 31.61 -3.58 33.70
C GLN C 343 32.05 -3.15 35.09
N GLU C 344 33.00 -2.23 35.14
CA GLU C 344 33.46 -1.64 36.37
C GLU C 344 32.28 -1.09 37.16
N THR C 345 31.42 -0.32 36.50
CA THR C 345 30.27 0.26 37.19
C THR C 345 29.41 -0.84 37.82
N CYS C 346 29.31 -1.98 37.14
CA CYS C 346 28.47 -3.06 37.63
C CYS C 346 29.17 -3.87 38.68
N ASN C 347 30.49 -4.03 38.58
CA ASN C 347 31.19 -4.77 39.62
C ASN C 347 30.96 -4.06 40.96
N ALA C 348 31.09 -2.74 40.95
CA ALA C 348 30.83 -1.92 42.12
C ALA C 348 29.43 -2.12 42.75
N ILE C 349 28.45 -2.54 41.95
CA ILE C 349 27.13 -2.76 42.53
C ILE C 349 26.75 -4.23 42.74
N ASN C 350 27.78 -5.09 42.83
CA ASN C 350 27.62 -6.55 42.82
C ASN C 350 26.78 -7.06 41.66
N VAL C 351 27.02 -6.50 40.47
CA VAL C 351 26.44 -7.01 39.23
C VAL C 351 27.56 -7.57 38.34
N SER C 352 27.55 -8.88 38.14
CA SER C 352 28.52 -9.52 37.24
C SER C 352 28.02 -9.54 35.81
N LEU C 353 28.89 -9.09 34.91
CA LEU C 353 28.65 -9.06 33.47
C LEU C 353 29.99 -8.74 32.79
N ASN C 354 30.03 -8.86 31.47
CA ASN C 354 31.30 -8.72 30.78
C ASN C 354 31.19 -7.80 29.59
N LYS C 355 32.24 -7.04 29.34
CA LYS C 355 32.33 -6.27 28.12
C LYS C 355 32.23 -7.23 26.93
N ASN C 356 31.66 -6.75 25.84
CA ASN C 356 31.50 -7.53 24.66
C ASN C 356 31.54 -6.64 23.43
N THR C 357 32.20 -7.10 22.38
CA THR C 357 32.22 -6.39 21.11
C THR C 357 30.86 -6.39 20.42
N ILE C 358 30.68 -5.45 19.49
CA ILE C 358 29.50 -5.37 18.65
C ILE C 358 29.94 -5.31 17.18
N PRO C 359 28.98 -5.33 16.24
CA PRO C 359 29.32 -5.37 14.81
C PRO C 359 30.12 -4.16 14.31
N SER C 360 29.85 -2.97 14.86
CA SER C 360 30.58 -1.77 14.44
C SER C 360 31.94 -1.64 15.14
N ASP C 361 32.27 -2.60 16.00
CA ASP C 361 33.53 -2.55 16.74
C ASP C 361 34.72 -2.97 15.90
N VAL C 362 35.89 -2.43 16.26
CA VAL C 362 37.14 -2.70 15.51
C VAL C 362 38.30 -2.93 16.49
N ASP C 363 37.96 -3.23 17.74
CA ASP C 363 38.94 -3.30 18.82
C ASP C 363 38.37 -4.13 19.97
N CYS C 364 39.02 -5.26 20.28
CA CYS C 364 38.62 -6.07 21.44
C CYS C 364 38.86 -5.27 22.71
N VAL C 365 39.70 -4.25 22.61
CA VAL C 365 39.89 -3.30 23.71
C VAL C 365 38.99 -2.08 23.48
N SER C 366 38.13 -1.83 24.48
CA SER C 366 37.08 -0.79 24.40
C SER C 366 35.98 -1.18 23.40
N PRO C 367 35.34 -2.35 23.63
CA PRO C 367 34.18 -2.75 22.84
C PRO C 367 32.95 -1.89 23.19
N SER C 368 31.92 -1.93 22.37
CA SER C 368 30.78 -1.03 22.58
C SER C 368 29.57 -1.70 23.18
N GLY C 369 29.79 -2.79 23.94
CA GLY C 369 28.68 -3.52 24.51
C GLY C 369 29.01 -4.31 25.75
N VAL C 370 27.97 -4.85 26.36
CA VAL C 370 28.12 -5.80 27.44
C VAL C 370 27.29 -7.06 27.09
N ARG C 371 27.71 -8.22 27.58
CA ARG C 371 26.95 -9.43 27.36
C ARG C 371 26.37 -9.91 28.68
N ILE C 372 25.06 -10.13 28.69
CA ILE C 372 24.38 -10.64 29.84
C ILE C 372 23.62 -11.92 29.47
N GLY C 373 23.19 -12.66 30.47
CA GLY C 373 22.44 -13.88 30.25
C GLY C 373 21.86 -14.40 31.55
N THR C 374 20.83 -15.25 31.42
CA THR C 374 20.02 -15.65 32.56
C THR C 374 20.35 -16.94 33.33
N PRO C 375 21.16 -17.86 32.76
CA PRO C 375 21.13 -19.19 33.40
C PRO C 375 21.34 -19.19 34.92
N ALA C 376 22.35 -18.47 35.41
CA ALA C 376 22.63 -18.36 36.85
C ALA C 376 21.46 -17.87 37.74
N MET C 377 20.86 -16.73 37.39
CA MET C 377 19.72 -16.19 38.15
C MET C 377 18.48 -17.08 38.09
N THR C 378 18.27 -17.69 36.94
CA THR C 378 17.20 -18.64 36.81
C THR C 378 17.43 -19.83 37.74
N THR C 379 18.71 -20.22 37.88
CA THR C 379 19.11 -21.25 38.85
C THR C 379 18.68 -20.84 40.26
N ARG C 380 18.86 -19.56 40.58
CA ARG C 380 18.55 -19.05 41.91
C ARG C 380 17.06 -18.81 42.14
N GLY C 381 16.28 -18.99 41.08
CA GLY C 381 14.82 -19.04 41.17
C GLY C 381 14.07 -17.78 40.74
N ALA C 382 14.75 -16.91 39.99
CA ALA C 382 14.10 -15.68 39.57
C ALA C 382 13.13 -15.95 38.41
N LYS C 383 11.98 -15.30 38.48
CA LYS C 383 10.94 -15.44 37.49
C LYS C 383 10.93 -14.24 36.56
N GLU C 384 9.94 -14.18 35.66
CA GLU C 384 9.86 -13.13 34.67
C GLU C 384 9.64 -11.79 35.33
N LYS C 385 8.75 -11.78 36.32
CA LYS C 385 8.49 -10.59 37.13
C LYS C 385 9.81 -9.97 37.62
N ASP C 386 10.78 -10.82 37.96
CA ASP C 386 12.05 -10.38 38.53
C ASP C 386 12.98 -9.69 37.53
N MET C 387 12.67 -9.81 36.26
CA MET C 387 13.55 -9.26 35.27
C MET C 387 13.47 -7.74 35.18
N GLU C 388 12.29 -7.17 35.44
CA GLU C 388 12.14 -5.71 35.37
C GLU C 388 13.11 -5.02 36.35
N PHE C 389 13.23 -5.59 37.55
CA PHE C 389 14.19 -5.14 38.54
C PHE C 389 15.64 -5.20 38.06
N ILE C 390 16.02 -6.30 37.40
CA ILE C 390 17.36 -6.45 36.86
C ILE C 390 17.57 -5.45 35.73
N ALA C 391 16.52 -5.24 34.95
CA ALA C 391 16.51 -4.21 33.94
C ALA C 391 16.67 -2.83 34.56
N ASP C 392 15.92 -2.52 35.63
CA ASP C 392 16.04 -1.26 36.41
C ASP C 392 17.48 -1.06 36.86
N VAL C 393 18.03 -2.06 37.54
CA VAL C 393 19.42 -1.99 38.01
C VAL C 393 20.41 -1.71 36.88
N LEU C 394 20.27 -2.38 35.74
CA LEU C 394 21.17 -2.12 34.62
C LEU C 394 21.01 -0.75 33.98
N ALA C 395 19.77 -0.28 33.83
CA ALA C 395 19.51 1.07 33.32
C ALA C 395 20.12 2.17 34.21
N ARG C 396 20.03 1.97 35.53
CA ARG C 396 20.63 2.90 36.50
C ARG C 396 22.15 2.90 36.39
N ALA C 397 22.75 1.72 36.28
CA ALA C 397 24.19 1.58 36.10
C ALA C 397 24.62 2.35 34.89
N ILE C 398 23.83 2.27 33.82
CA ILE C 398 24.17 2.96 32.59
C ILE C 398 24.18 4.48 32.81
N LYS C 399 23.11 4.97 33.41
CA LYS C 399 23.02 6.38 33.80
C LYS C 399 24.21 6.82 34.69
N ILE C 400 24.41 6.13 35.80
CA ILE C 400 25.51 6.47 36.69
C ILE C 400 26.84 6.47 35.96
N THR C 401 26.98 5.55 35.00
CA THR C 401 28.18 5.48 34.18
C THR C 401 28.32 6.72 33.32
N VAL C 402 27.23 7.16 32.71
CA VAL C 402 27.28 8.32 31.81
C VAL C 402 27.57 9.57 32.65
N ASP C 403 26.93 9.64 33.81
CA ASP C 403 27.20 10.72 34.78
C ASP C 403 28.68 10.77 35.13
N LEU C 404 29.24 9.63 35.54
CA LEU C 404 30.64 9.54 35.97
C LEU C 404 31.67 9.83 34.88
N GLN C 405 31.29 9.59 33.63
CA GLN C 405 32.18 9.77 32.50
C GLN C 405 32.31 11.25 32.15
N GLU C 406 31.20 11.97 32.29
CA GLU C 406 31.17 13.39 32.00
C GLU C 406 32.01 14.14 33.04
N GLN C 407 31.86 13.74 34.31
CA GLN C 407 32.60 14.31 35.43
C GLN C 407 34.12 14.11 35.37
N TYR C 408 34.56 12.88 35.08
CA TYR C 408 35.98 12.55 35.17
C TYR C 408 36.67 12.27 33.82
N GLY C 409 35.89 12.16 32.75
CA GLY C 409 36.47 11.91 31.43
C GLY C 409 36.28 10.50 30.87
N LYS C 410 36.74 10.32 29.64
CA LYS C 410 36.56 9.08 28.90
C LYS C 410 37.71 8.10 29.17
N LYS C 411 38.67 8.52 30.00
CA LYS C 411 39.82 7.69 30.30
C LYS C 411 39.50 6.72 31.43
N LEU C 412 39.92 5.46 31.31
CA LEU C 412 39.58 4.42 32.29
C LEU C 412 40.02 4.71 33.71
N VAL C 413 41.32 4.95 33.87
CA VAL C 413 41.91 5.21 35.19
C VAL C 413 41.22 6.40 35.85
N ASP C 414 41.06 7.47 35.07
CA ASP C 414 40.23 8.60 35.45
C ASP C 414 38.88 8.09 35.95
N PHE C 415 38.16 7.39 35.07
CA PHE C 415 36.76 7.00 35.31
C PHE C 415 36.58 6.27 36.64
N LYS C 416 37.34 5.20 36.86
CA LYS C 416 37.19 4.43 38.10
C LYS C 416 37.41 5.27 39.37
N LYS C 417 38.12 6.40 39.24
CA LYS C 417 38.45 7.24 40.39
C LYS C 417 37.16 7.67 41.09
N GLY C 418 36.11 7.93 40.31
CA GLY C 418 34.78 8.26 40.84
C GLY C 418 34.03 7.12 41.51
N LEU C 419 34.47 5.88 41.31
CA LEU C 419 33.67 4.70 41.69
C LEU C 419 33.55 4.40 43.20
N PRO C 420 34.62 4.66 43.98
CA PRO C 420 34.43 4.41 45.40
C PRO C 420 33.89 5.66 46.10
N GLY C 421 33.06 5.47 47.12
CA GLY C 421 32.45 6.58 47.86
C GLY C 421 31.04 6.93 47.38
N ASN C 422 30.83 6.77 46.07
CA ASN C 422 29.60 7.16 45.40
C ASN C 422 28.31 6.69 46.05
N ALA C 423 27.59 7.67 46.63
CA ALA C 423 26.36 7.39 47.38
C ALA C 423 25.34 6.60 46.56
N GLN C 424 25.22 6.95 45.28
CA GLN C 424 24.29 6.29 44.36
C GLN C 424 24.61 4.81 44.15
N LEU C 425 25.90 4.53 43.92
CA LEU C 425 26.37 3.15 43.78
C LEU C 425 26.23 2.41 45.11
N GLN C 426 26.55 3.09 46.20
CA GLN C 426 26.40 2.49 47.54
C GLN C 426 24.94 2.19 47.85
N GLN C 427 24.05 3.09 47.43
CA GLN C 427 22.62 2.87 47.53
C GLN C 427 22.20 1.65 46.69
N LEU C 428 22.80 1.51 45.51
CA LEU C 428 22.40 0.47 44.58
C LEU C 428 22.96 -0.90 44.96
N LYS C 429 24.26 -0.96 45.17
CA LYS C 429 24.91 -2.13 45.76
C LYS C 429 24.02 -2.70 46.87
N GLN C 430 23.69 -1.85 47.85
CA GLN C 430 22.94 -2.28 49.02
C GLN C 430 21.60 -2.88 48.60
N GLU C 431 20.93 -2.20 47.67
CA GLU C 431 19.69 -2.69 47.07
C GLU C 431 19.90 -4.12 46.53
N VAL C 432 20.96 -4.26 45.72
CA VAL C 432 21.30 -5.52 45.05
C VAL C 432 21.56 -6.64 46.03
N VAL C 433 22.46 -6.39 46.98
CA VAL C 433 22.81 -7.36 48.00
C VAL C 433 21.55 -7.84 48.73
N THR C 434 20.62 -6.92 48.97
CA THR C 434 19.47 -7.24 49.78
C THR C 434 18.65 -8.28 49.05
N TRP C 435 18.50 -8.10 47.75
CA TRP C 435 17.63 -8.98 47.00
C TRP C 435 18.32 -10.27 46.65
N ALA C 436 19.57 -10.16 46.20
CA ALA C 436 20.41 -11.30 45.80
C ALA C 436 20.72 -12.22 46.96
N GLY C 437 21.03 -11.62 48.12
CA GLY C 437 21.32 -12.40 49.32
C GLY C 437 20.17 -13.25 49.80
N ALA C 438 18.98 -13.00 49.27
CA ALA C 438 17.79 -13.65 49.76
C ALA C 438 17.36 -14.79 48.86
N LEU C 439 17.95 -14.88 47.68
CA LEU C 439 17.54 -15.88 46.70
C LEU C 439 18.03 -17.30 47.06
N PRO C 440 17.29 -18.35 46.63
CA PRO C 440 17.73 -19.74 46.79
C PRO C 440 19.11 -19.98 46.18
N PHE C 441 19.96 -20.68 46.93
CA PHE C 441 21.39 -20.77 46.66
C PHE C 441 21.91 -22.17 46.94
N PRO C 442 22.32 -22.90 45.89
CA PRO C 442 22.98 -24.19 46.12
C PRO C 442 24.42 -23.97 46.59
N1 PLG D . -27.61 16.80 -13.37
C2 PLG D . -28.34 17.81 -13.94
C2A PLG D . -29.65 18.25 -13.35
C3 PLG D . -27.87 18.42 -15.09
O3 PLG D . -28.55 19.41 -15.71
C4 PLG D . -26.68 18.01 -15.65
C4A PLG D . -26.18 18.66 -16.90
C5 PLG D . -25.97 16.98 -15.04
C6 PLG D . -26.44 16.39 -13.89
C5A PLG D . -24.70 16.58 -15.66
OP4 PLG D . -23.83 15.55 -15.16
P PLG D . -22.41 15.42 -15.89
OP1 PLG D . -22.18 13.93 -15.76
OP2 PLG D . -22.67 15.87 -17.30
OP3 PLG D . -21.51 16.29 -15.06
C PLG D . -26.63 20.32 -19.48
O PLG D . -26.25 20.76 -20.59
OXT PLG D . -27.18 21.04 -18.62
CA PLG D . -26.37 18.84 -19.28
N PLG D . -26.74 18.33 -17.97
O31 99S E . -33.21 9.86 -26.97
C30 99S E . -32.13 9.98 -26.40
O32 99S E . -31.31 8.83 -26.13
C33 99S E . -31.96 7.65 -26.63
C28 99S E . -31.61 11.28 -25.96
C27 99S E . -30.43 11.61 -25.31
C26 99S E . -30.30 12.98 -25.09
S29 99S E . -32.55 12.69 -26.29
C25 99S E . -31.38 13.72 -25.54
C21 99S E . -31.64 15.17 -25.52
C20 99S E . -32.24 15.79 -26.59
C19 99S E . -32.43 17.17 -26.56
C23 99S E . -33.03 17.74 -27.53
N24 99S E . -33.55 18.27 -28.41
C18 99S E . -32.04 17.92 -25.46
C22 99S E . -31.22 15.91 -24.43
C17 99S E . -31.40 17.29 -24.39
C4 99S E . -30.99 18.08 -23.18
C14 99S E . -30.31 19.43 -23.50
C16 99S E . -29.03 19.32 -24.31
C15 99S E . -30.05 20.27 -22.25
C3 99S E . -32.32 18.37 -22.50
C8 99S E . -33.23 18.97 -23.14
N9 99S E . -34.07 19.51 -23.71
C2 99S E . -32.59 18.07 -21.22
N7 99S E . -33.69 18.55 -20.63
C5 99S E . -30.17 17.23 -22.27
C10 99S E . -28.86 16.53 -22.40
C13 99S E . -27.93 16.51 -23.60
N11 99S E . -28.62 15.88 -21.24
N12 99S E . -29.66 16.05 -20.31
C6 99S E . -30.55 16.84 -20.92
O1 99S E . -31.71 17.28 -20.40
N1 PLG F . -9.63 -2.66 -13.21
C2 PLG F . -8.61 -3.40 -12.70
C2A PLG F . -8.33 -4.82 -13.15
C3 PLG F . -7.79 -2.84 -11.74
O3 PLG F . -6.76 -3.56 -11.22
C4 PLG F . -7.98 -1.56 -11.28
C4A PLG F . -7.08 -0.98 -10.25
C5 PLG F . -9.04 -0.83 -11.80
C6 PLG F . -9.85 -1.40 -12.78
C5A PLG F . -9.23 0.54 -11.31
OP4 PLG F . -10.26 1.43 -11.75
P PLG F . -10.19 2.98 -11.37
OP1 PLG F . -9.64 3.08 -10.00
OP2 PLG F . -11.65 3.32 -11.45
OP3 PLG F . -9.31 3.60 -12.43
C PLG F . -5.20 -0.97 -7.87
O PLG F . -4.68 -1.82 -8.64
OXT PLG F . -4.53 -0.36 -7.01
CA PLG F . -6.67 -0.62 -7.90
N PLG F . -7.42 -1.12 -9.03
O31 99S G . -14.84 -5.64 1.84
C30 99S G . -14.74 -4.64 1.14
O32 99S G . -15.83 -3.67 0.92
C33 99S G . -16.99 -4.08 1.63
C28 99S G . -13.49 -4.28 0.46
C27 99S G . -13.18 -3.21 -0.36
C26 99S G . -11.86 -3.24 -0.79
S29 99S G . -12.15 -5.33 0.65
C25 99S G . -11.16 -4.34 -0.34
C21 99S G . -9.77 -4.74 -0.56
C20 99S G . -9.01 -5.19 0.51
C19 99S G . -7.68 -5.49 0.27
C23 99S G . -6.90 -5.96 1.16
N24 99S G . -6.21 -6.36 1.97
C18 99S G . -7.13 -5.34 -0.99
C22 99S G . -9.22 -4.55 -1.81
C17 99S G . -7.89 -4.86 -2.04
C4 99S G . -7.26 -4.71 -3.40
C14 99S G . -5.83 -4.11 -3.33
C16 99S G . -5.76 -2.71 -2.74
C15 99S G . -5.09 -4.16 -4.66
C3 99S G . -7.13 -6.13 -3.93
C8 99S G . -6.47 -6.98 -3.23
N9 99S G . -5.87 -7.73 -2.59
C2 99S G . -7.62 -6.49 -5.13
N7 99S G . -7.28 -7.64 -5.69
C5 99S G . -8.17 -3.90 -4.28
C10 99S G . -8.70 -2.51 -4.22
C13 99S G . -8.43 -1.49 -3.16
N11 99S G . -9.48 -2.32 -5.30
N12 99S G . -9.55 -3.48 -6.10
C6 99S G . -8.77 -4.38 -5.49
O1 99S G . -8.52 -5.65 -5.90
CL CL H . -9.76 15.41 -14.55
N1 PLG I . 33.60 -22.83 23.60
C2 PLG I . 32.70 -21.81 23.55
C2A PLG I . 31.84 -21.64 22.32
C3 PLG I . 32.60 -20.93 24.62
O3 PLG I . 31.73 -19.89 24.65
C4 PLG I . 33.40 -21.10 25.72
C4A PLG I . 33.31 -20.15 26.88
C5 PLG I . 34.32 -22.14 25.72
C6 PLG I . 34.40 -23.02 24.64
C5A PLG I . 35.16 -22.31 26.92
OP4 PLG I . 36.13 -23.35 27.08
P PLG I . 36.71 -23.47 28.55
OP1 PLG I . 38.15 -23.86 28.27
OP2 PLG I . 36.60 -22.09 29.12
OP3 PLG I . 35.81 -24.47 29.21
C PLG I . 32.32 -17.33 28.02
O PLG I . 32.27 -16.58 29.02
OXT PLG I . 31.29 -17.60 27.37
CA PLG I . 33.69 -17.87 27.66
N PLG I . 33.70 -18.96 26.67
O31 99S J . 43.63 -10.06 21.88
C30 99S J . 43.52 -10.97 22.68
O32 99S J . 44.64 -11.85 23.09
C33 99S J . 45.83 -11.46 22.40
C28 99S J . 42.24 -11.28 23.33
C27 99S J . 41.95 -12.26 24.25
C26 99S J . 40.62 -12.26 24.67
S29 99S J . 40.82 -10.35 22.97
C25 99S J . 39.86 -11.30 24.05
C21 99S J . 38.45 -11.00 24.31
C20 99S J . 38.15 -9.68 24.58
C19 99S J . 36.86 -9.33 24.91
C23 99S J . 36.56 -8.10 25.11
N24 99S J . 36.28 -7.00 25.31
C18 99S J . 35.90 -10.32 25.03
C22 99S J . 37.51 -12.01 24.47
C17 99S J . 36.21 -11.67 24.82
C4 99S J . 35.14 -12.73 24.94
C14 99S J . 34.15 -12.38 26.07
C16 99S J . 34.74 -12.48 27.47
C15 99S J . 32.84 -13.16 26.03
C3 99S J . 34.41 -12.68 23.60
C8 99S J . 33.97 -11.56 23.23
N9 99S J . 33.53 -10.52 22.90
C2 99S J . 34.22 -13.78 22.84
N7 99S J . 33.53 -13.72 21.69
C5 99S J . 35.76 -14.08 25.11
C10 99S J . 36.73 -14.68 26.09
C13 99S J . 37.38 -14.00 27.26
N11 99S J . 36.92 -15.97 25.74
N12 99S J . 36.21 -16.32 24.59
C6 99S J . 35.53 -15.22 24.26
O1 99S J . 34.70 -15.10 23.21
CL CL K . 38.45 -30.79 39.25
#